data_9DHB
#
_entry.id   9DHB
#
_cell.length_a   60.732
_cell.length_b   131.883
_cell.length_c   117.412
_cell.angle_alpha   90.000
_cell.angle_beta   91.019
_cell.angle_gamma   90.000
#
_symmetry.space_group_name_H-M   'P 1 21 1'
#
loop_
_entity.id
_entity.type
_entity.pdbx_description
1 polymer 'Serine hydroxymethyltransferase'
2 non-polymer N-GLYCINE-[3-HYDROXY-2-METHYL-5-PHOSPHONOOXYMETHYL-PYRIDIN-4-YL-METHANE]
3 non-polymer 'N-[4-({[(6S)-2-amino-5-formyl-4-oxo-3,4,5,6,7,8-hexahydropteridin-6-yl]methyl}amino)benzoyl]-L-glutamic acid'
4 non-polymer 1,2-ETHANEDIOL
5 water water
#
_entity_poly.entity_id   1
_entity_poly.type   'polypeptide(L)'
_entity_poly.pdbx_seq_one_letter_code
;MGMHHHHHHSSGVDLGTENLYFQSNMDPVSVWGNTPLATVDPEIHDLIEKEKHRQCRGIELIASENFTSFAVIEALGSAL
TNKYSEGMPGNRYYGGNEFIDQIENLCRSRALQAFHLDAQSWGVNVQPYSGSPANFAAYTAVLNPHDRIMGLDLPSGGHL
THGYYTSGGKKISATSIYFESLPYKVNSTTGYIDYDRLEEKALDFRPKLIICGGSAYPRDWDYKRFREIADKCGALLLCD
MAHTSGLVAAQEVNSPFEYCDIVTTTTHKSLRGPRAGMIFYRKGPKPPKKGQPENAVYDFEDKINFAVFPSLQGGPHNHQ
IGALAVALKQAASPGFKAYAKQVKANAVALGNYLMGKGYSLVTGGTENHLVLWDLRPLGLTGNKVEKLCDLCNITVNKNA
VFGDSSALAPGGVRIGAPAMTSRGLVEKDFEQIGEFLHRAVTLTLEIQKEHGKLLKDFNKGLVNNKAIEDLKADVEKFSA
TFDMPGFLVSEMKYKD
;
_entity_poly.pdbx_strand_id   A,B,C,D
#
loop_
_chem_comp.id
_chem_comp.type
_chem_comp.name
_chem_comp.formula
EDO non-polymer 1,2-ETHANEDIOL 'C2 H6 O2'
FFO non-polymer 'N-[4-({[(6S)-2-amino-5-formyl-4-oxo-3,4,5,6,7,8-hexahydropteridin-6-yl]methyl}amino)benzoyl]-L-glutamic acid' 'C20 H23 N7 O7'
PLG non-polymer N-GLYCINE-[3-HYDROXY-2-METHYL-5-PHOSPHONOOXYMETHYL-PYRIDIN-4-YL-METHANE] 'C10 H15 N2 O7 P'
#
# COMPACT_ATOMS: atom_id res chain seq x y z
N MET A 26 20.55 -48.86 -3.23
CA MET A 26 20.13 -48.03 -2.11
C MET A 26 20.58 -48.63 -0.78
N ASP A 27 20.27 -47.94 0.32
CA ASP A 27 20.45 -48.54 1.62
C ASP A 27 19.16 -49.27 2.03
N PRO A 28 19.27 -50.44 2.67
CA PRO A 28 18.07 -51.03 3.28
C PRO A 28 17.44 -50.04 4.26
N VAL A 29 16.10 -50.10 4.33
CA VAL A 29 15.37 -49.20 5.21
C VAL A 29 15.93 -49.24 6.62
N SER A 30 16.23 -50.44 7.13
CA SER A 30 16.71 -50.54 8.49
C SER A 30 17.96 -49.70 8.71
N VAL A 31 18.84 -49.62 7.71
CA VAL A 31 20.12 -48.94 7.92
C VAL A 31 19.93 -47.42 8.01
N TRP A 32 19.42 -46.80 6.95
CA TRP A 32 19.27 -45.34 7.01
C TRP A 32 18.02 -44.93 7.82
N GLY A 33 16.98 -45.75 7.82
CA GLY A 33 15.68 -45.32 8.32
C GLY A 33 15.28 -45.76 9.70
N ASN A 34 15.96 -46.78 10.25
CA ASN A 34 15.61 -47.28 11.57
C ASN A 34 16.76 -47.19 12.56
N THR A 35 17.98 -46.92 12.10
CA THR A 35 19.13 -46.85 13.00
C THR A 35 19.05 -45.62 13.91
N PRO A 36 19.35 -45.76 15.20
CA PRO A 36 19.26 -44.61 16.09
C PRO A 36 20.22 -43.49 15.71
N LEU A 37 19.87 -42.30 16.19
CA LEU A 37 20.65 -41.10 15.89
C LEU A 37 22.10 -41.24 16.32
N ALA A 38 22.33 -41.84 17.50
CA ALA A 38 23.68 -41.97 18.03
C ALA A 38 24.60 -42.69 17.04
N THR A 39 24.05 -43.56 16.20
CA THR A 39 24.88 -44.20 15.18
C THR A 39 24.85 -43.44 13.86
N VAL A 40 23.64 -43.11 13.37
CA VAL A 40 23.54 -42.43 12.07
C VAL A 40 24.35 -41.14 12.06
N ASP A 41 24.33 -40.38 13.16
CA ASP A 41 24.94 -39.05 13.20
C ASP A 41 25.49 -38.80 14.59
N PRO A 42 26.63 -39.40 14.92
CA PRO A 42 27.24 -39.17 16.26
C PRO A 42 27.60 -37.71 16.51
N GLU A 43 27.85 -36.93 15.46
CA GLU A 43 28.20 -35.52 15.65
C GLU A 43 27.02 -34.74 16.19
N ILE A 44 25.84 -34.90 15.58
CA ILE A 44 24.64 -34.23 16.09
C ILE A 44 24.23 -34.85 17.41
N HIS A 45 24.31 -36.18 17.52
CA HIS A 45 23.97 -36.82 18.79
C HIS A 45 24.81 -36.26 19.91
N ASP A 46 26.11 -36.11 19.68
CA ASP A 46 27.02 -35.57 20.69
C ASP A 46 26.61 -34.16 21.10
N LEU A 47 26.23 -33.33 20.13
CA LEU A 47 25.84 -31.96 20.44
C LEU A 47 24.53 -31.93 21.24
N ILE A 48 23.58 -32.81 20.91
CA ILE A 48 22.35 -32.85 21.68
C ILE A 48 22.64 -33.28 23.12
N GLU A 49 23.50 -34.29 23.30
CA GLU A 49 23.83 -34.74 24.65
C GLU A 49 24.52 -33.63 25.46
N LYS A 50 25.37 -32.84 24.80
CA LYS A 50 26.01 -31.72 25.47
C LYS A 50 24.98 -30.65 25.85
N GLU A 51 24.05 -30.34 24.95
CA GLU A 51 22.99 -29.40 25.26
C GLU A 51 22.13 -29.90 26.40
N LYS A 52 21.86 -31.21 26.43
CA LYS A 52 21.11 -31.79 27.55
C LYS A 52 21.86 -31.59 28.86
N HIS A 53 23.17 -31.79 28.85
CA HIS A 53 23.98 -31.58 30.05
C HIS A 53 24.01 -30.12 30.47
N ARG A 54 24.08 -29.21 29.49
CA ARG A 54 24.03 -27.78 29.81
C ARG A 54 22.72 -27.42 30.48
N GLN A 55 21.62 -28.00 30.01
CA GLN A 55 20.31 -27.60 30.50
C GLN A 55 20.11 -27.97 31.97
N CYS A 56 20.70 -29.05 32.48
CA CYS A 56 20.52 -29.32 33.89
C CYS A 56 21.76 -29.03 34.73
N ARG A 57 22.83 -28.51 34.14
CA ARG A 57 24.02 -28.12 34.90
C ARG A 57 24.08 -26.63 35.18
N GLY A 58 23.08 -25.85 34.79
CA GLY A 58 23.09 -24.42 34.96
C GLY A 58 21.79 -23.91 35.55
N ILE A 59 21.74 -22.61 35.76
CA ILE A 59 20.53 -21.96 36.23
C ILE A 59 19.92 -21.23 35.03
N GLU A 60 18.73 -21.64 34.64
CA GLU A 60 18.20 -21.25 33.35
C GLU A 60 17.07 -20.27 33.67
N LEU A 61 17.29 -18.98 33.42
CA LEU A 61 16.40 -17.92 33.88
C LEU A 61 15.82 -17.10 32.74
N ILE A 62 15.91 -17.58 31.50
CA ILE A 62 15.22 -16.89 30.41
C ILE A 62 13.72 -17.07 30.61
N ALA A 63 13.00 -15.94 30.70
CA ALA A 63 11.61 -15.97 31.13
C ALA A 63 10.71 -16.67 30.13
N SER A 64 11.15 -16.77 28.87
CA SER A 64 10.42 -17.39 27.80
C SER A 64 10.79 -18.86 27.60
N GLU A 65 11.59 -19.42 28.49
CA GLU A 65 12.02 -20.80 28.31
C GLU A 65 11.37 -21.67 29.38
N ASN A 66 11.26 -22.94 29.03
CA ASN A 66 10.75 -23.93 29.96
C ASN A 66 11.43 -25.25 29.61
N PHE A 67 11.15 -26.25 30.41
CA PHE A 67 11.63 -27.60 30.19
C PHE A 67 10.39 -28.45 30.01
N THR A 68 10.11 -28.87 28.78
CA THR A 68 8.85 -29.58 28.56
C THR A 68 9.00 -31.04 28.97
N SER A 69 7.86 -31.72 29.02
CA SER A 69 7.76 -33.09 29.48
C SER A 69 8.29 -34.07 28.44
N PHE A 70 8.74 -35.22 28.93
CA PHE A 70 9.12 -36.28 28.01
C PHE A 70 7.95 -36.69 27.13
N ALA A 71 6.74 -36.76 27.71
CA ALA A 71 5.58 -37.16 26.93
C ALA A 71 5.32 -36.21 25.77
N VAL A 72 5.48 -34.90 26.01
CA VAL A 72 5.36 -33.94 24.91
C VAL A 72 6.45 -34.21 23.87
N ILE A 73 7.66 -34.52 24.33
CA ILE A 73 8.77 -34.75 23.42
C ILE A 73 8.57 -36.05 22.62
N GLU A 74 7.88 -37.03 23.20
CA GLU A 74 7.61 -38.25 22.44
C GLU A 74 6.63 -37.99 21.31
N ALA A 75 5.64 -37.12 21.54
CA ALA A 75 4.71 -36.79 20.47
C ALA A 75 5.38 -35.93 19.42
N LEU A 76 6.22 -34.99 19.86
CA LEU A 76 6.99 -34.15 18.96
C LEU A 76 7.82 -34.98 18.00
N GLY A 77 8.60 -35.92 18.53
CA GLY A 77 9.46 -36.73 17.71
C GLY A 77 8.76 -38.01 17.35
N SER A 78 7.87 -37.95 16.37
CA SER A 78 6.98 -39.06 16.08
C SER A 78 6.66 -39.03 14.59
N ALA A 79 6.04 -40.14 14.14
CA ALA A 79 5.68 -40.26 12.72
C ALA A 79 4.69 -39.20 12.25
N LEU A 80 4.11 -38.41 13.17
CA LEU A 80 3.21 -37.32 12.77
C LEU A 80 3.91 -36.32 11.85
N THR A 81 5.23 -36.21 11.94
CA THR A 81 5.96 -35.34 11.03
C THR A 81 5.76 -35.73 9.56
N ASN A 82 5.36 -36.97 9.27
CA ASN A 82 5.28 -37.44 7.88
C ASN A 82 4.05 -36.95 7.12
N LYS A 83 3.04 -36.36 7.77
CA LYS A 83 1.72 -36.23 7.15
C LYS A 83 1.46 -34.81 6.64
N TYR A 84 0.98 -34.73 5.39
CA TYR A 84 0.41 -33.49 4.86
C TYR A 84 -1.08 -33.42 5.17
N SER A 85 -1.52 -32.32 5.78
CA SER A 85 -2.92 -32.24 6.17
C SER A 85 -3.43 -30.80 6.05
N GLU A 86 -3.09 -30.12 4.96
CA GLU A 86 -3.63 -28.79 4.74
C GLU A 86 -5.15 -28.79 4.79
N GLY A 87 -5.70 -27.75 5.42
CA GLY A 87 -7.13 -27.59 5.56
C GLY A 87 -7.55 -27.62 7.02
N MET A 88 -8.77 -28.08 7.25
CA MET A 88 -9.28 -28.19 8.61
C MET A 88 -9.75 -29.64 8.78
N PRO A 89 -9.80 -30.13 10.01
CA PRO A 89 -10.29 -31.48 10.22
C PRO A 89 -11.65 -31.67 9.53
N GLY A 90 -11.79 -32.79 8.83
CA GLY A 90 -12.98 -33.05 8.05
C GLY A 90 -13.07 -32.28 6.75
N ASN A 91 -12.12 -31.40 6.45
CA ASN A 91 -12.14 -30.62 5.21
C ASN A 91 -10.70 -30.36 4.77
N ARG A 92 -10.02 -31.42 4.35
CA ARG A 92 -8.60 -31.39 4.02
C ARG A 92 -8.36 -31.40 2.52
N TYR A 93 -7.15 -30.99 2.12
CA TYR A 93 -6.71 -31.02 0.73
C TYR A 93 -5.99 -32.31 0.35
N TYR A 94 -5.84 -33.25 1.29
CA TYR A 94 -5.14 -34.50 1.07
C TYR A 94 -5.95 -35.63 1.69
N GLY A 95 -5.81 -36.83 1.13
CA GLY A 95 -6.35 -38.00 1.80
C GLY A 95 -5.48 -38.41 2.96
N GLY A 96 -5.99 -39.37 3.73
CA GLY A 96 -5.19 -40.05 4.74
C GLY A 96 -5.22 -39.45 6.13
N ASN A 97 -6.11 -38.51 6.39
CA ASN A 97 -6.05 -37.73 7.62
C ASN A 97 -7.01 -38.22 8.68
N GLU A 98 -7.46 -39.48 8.57
CA GLU A 98 -8.41 -40.03 9.55
C GLU A 98 -7.96 -39.78 10.99
N PHE A 99 -6.67 -40.03 11.28
CA PHE A 99 -6.21 -39.88 12.66
C PHE A 99 -5.60 -38.52 12.93
N ILE A 100 -4.95 -37.93 11.92
CA ILE A 100 -4.50 -36.55 12.08
C ILE A 100 -5.67 -35.65 12.44
N ASP A 101 -6.84 -35.84 11.81
CA ASP A 101 -8.03 -35.07 12.14
C ASP A 101 -8.45 -35.25 13.59
N GLN A 102 -8.43 -36.49 14.08
CA GLN A 102 -8.82 -36.73 15.46
C GLN A 102 -7.81 -36.09 16.42
N ILE A 103 -6.53 -36.10 16.05
CA ILE A 103 -5.51 -35.45 16.86
C ILE A 103 -5.73 -33.95 16.91
N GLU A 104 -5.93 -33.32 15.76
CA GLU A 104 -6.12 -31.88 15.76
C GLU A 104 -7.43 -31.50 16.46
N ASN A 105 -8.51 -32.25 16.23
CA ASN A 105 -9.75 -31.97 16.93
C ASN A 105 -9.56 -32.07 18.44
N LEU A 106 -8.86 -33.12 18.90
CA LEU A 106 -8.60 -33.28 20.32
C LEU A 106 -7.78 -32.13 20.86
N CYS A 107 -6.74 -31.73 20.12
CA CYS A 107 -5.93 -30.58 20.51
C CYS A 107 -6.79 -29.34 20.66
N ARG A 108 -7.63 -29.05 19.66
CA ARG A 108 -8.47 -27.86 19.72
C ARG A 108 -9.39 -27.90 20.91
N SER A 109 -10.02 -29.05 21.16
CA SER A 109 -10.96 -29.12 22.26
C SER A 109 -10.24 -29.00 23.61
N ARG A 110 -9.05 -29.60 23.72
CA ARG A 110 -8.30 -29.46 24.96
C ARG A 110 -7.80 -28.04 25.17
N ALA A 111 -7.59 -27.30 24.09
CA ALA A 111 -7.18 -25.91 24.21
C ALA A 111 -8.29 -25.06 24.81
N LEU A 112 -9.51 -25.19 24.28
CA LEU A 112 -10.65 -24.53 24.89
C LEU A 112 -10.79 -24.91 26.35
N GLN A 113 -10.64 -26.20 26.66
CA GLN A 113 -10.79 -26.64 28.04
C GLN A 113 -9.69 -26.07 28.94
N ALA A 114 -8.43 -26.06 28.48
CA ALA A 114 -7.35 -25.56 29.31
C ALA A 114 -7.58 -24.13 29.74
N PHE A 115 -8.22 -23.34 28.89
CA PHE A 115 -8.49 -21.95 29.19
C PHE A 115 -9.93 -21.72 29.59
N HIS A 116 -10.67 -22.79 29.89
CA HIS A 116 -12.02 -22.70 30.46
C HIS A 116 -12.95 -21.93 29.54
N LEU A 117 -12.91 -22.25 28.26
CA LEU A 117 -13.71 -21.54 27.27
C LEU A 117 -14.87 -22.42 26.82
N ASP A 118 -16.01 -21.78 26.63
CA ASP A 118 -17.19 -22.43 26.07
C ASP A 118 -17.08 -22.48 24.56
N ALA A 119 -17.21 -23.69 23.98
CA ALA A 119 -17.00 -23.86 22.55
C ALA A 119 -18.01 -23.07 21.70
N GLN A 120 -19.16 -22.69 22.26
CA GLN A 120 -20.09 -21.83 21.53
C GLN A 120 -19.67 -20.37 21.54
N SER A 121 -18.75 -19.98 22.44
CA SER A 121 -18.29 -18.62 22.57
C SER A 121 -16.87 -18.42 22.06
N TRP A 122 -16.13 -19.51 21.84
CA TRP A 122 -14.72 -19.40 21.49
C TRP A 122 -14.36 -20.55 20.56
N GLY A 123 -13.45 -20.26 19.62
CA GLY A 123 -12.81 -21.28 18.82
C GLY A 123 -11.30 -21.07 18.84
N VAL A 124 -10.59 -22.03 18.31
CA VAL A 124 -9.14 -21.93 18.32
C VAL A 124 -8.61 -22.59 17.07
N ASN A 125 -7.57 -21.99 16.51
CA ASN A 125 -6.78 -22.58 15.44
C ASN A 125 -5.45 -22.98 16.06
N VAL A 126 -5.09 -24.25 15.92
CA VAL A 126 -3.88 -24.76 16.57
C VAL A 126 -2.77 -25.03 15.57
N GLN A 127 -2.90 -24.54 14.34
CA GLN A 127 -1.88 -24.78 13.32
C GLN A 127 -0.71 -23.79 13.27
N PRO A 128 -0.75 -22.60 13.89
CA PRO A 128 0.41 -21.70 13.73
C PRO A 128 1.72 -22.36 14.14
N TYR A 129 2.75 -22.16 13.32
CA TYR A 129 4.02 -22.84 13.57
C TYR A 129 4.67 -22.38 14.88
N SER A 130 4.41 -21.13 15.29
CA SER A 130 5.05 -20.61 16.50
C SER A 130 4.31 -19.32 16.85
N GLY A 131 4.79 -18.60 17.85
CA GLY A 131 4.07 -17.40 18.30
C GLY A 131 4.02 -16.30 17.26
N SER A 132 5.16 -15.94 16.69
CA SER A 132 5.16 -14.87 15.69
C SER A 132 4.32 -15.21 14.48
N PRO A 133 4.30 -16.45 13.95
CA PRO A 133 3.35 -16.78 12.89
C PRO A 133 1.91 -16.68 13.34
N ALA A 134 1.61 -17.02 14.59
CA ALA A 134 0.24 -16.91 15.08
C ALA A 134 -0.23 -15.45 15.06
N ASN A 135 0.61 -14.54 15.54
CA ASN A 135 0.25 -13.12 15.55
C ASN A 135 0.08 -12.58 14.13
N PHE A 136 1.06 -12.87 13.25
CA PHE A 136 0.95 -12.38 11.88
C PHE A 136 -0.29 -12.92 11.19
N ALA A 137 -0.64 -14.18 11.45
CA ALA A 137 -1.87 -14.72 10.90
C ALA A 137 -3.09 -14.05 11.50
N ALA A 138 -3.12 -13.91 12.83
CA ALA A 138 -4.20 -13.18 13.48
C ALA A 138 -4.37 -11.80 12.86
N TYR A 139 -3.27 -11.05 12.62
CA TYR A 139 -3.43 -9.72 12.05
C TYR A 139 -3.91 -9.79 10.61
N THR A 140 -3.36 -10.73 9.83
CA THR A 140 -3.80 -10.87 8.45
C THR A 140 -5.29 -11.19 8.37
N ALA A 141 -5.78 -11.99 9.31
CA ALA A 141 -7.21 -12.32 9.37
C ALA A 141 -8.07 -11.07 9.46
N VAL A 142 -7.72 -10.12 10.33
CA VAL A 142 -8.65 -9.02 10.61
C VAL A 142 -8.23 -7.70 10.00
N LEU A 143 -7.02 -7.61 9.44
CA LEU A 143 -6.47 -6.36 8.92
C LEU A 143 -6.11 -6.47 7.45
N ASN A 144 -6.28 -5.35 6.71
CA ASN A 144 -5.74 -5.22 5.36
C ASN A 144 -4.34 -4.65 5.44
N PRO A 145 -3.52 -4.83 4.41
CA PRO A 145 -2.19 -4.23 4.43
C PRO A 145 -2.32 -2.76 4.80
N HIS A 146 -1.43 -2.29 5.68
CA HIS A 146 -1.34 -0.91 6.15
C HIS A 146 -2.43 -0.51 7.14
N ASP A 147 -3.32 -1.41 7.56
CA ASP A 147 -4.23 -1.01 8.62
C ASP A 147 -3.44 -0.72 9.91
N ARG A 148 -4.05 0.05 10.81
CA ARG A 148 -3.35 0.53 11.99
C ARG A 148 -3.48 -0.40 13.17
N ILE A 149 -2.38 -0.57 13.88
CA ILE A 149 -2.33 -1.37 15.10
C ILE A 149 -1.61 -0.57 16.16
N MET A 150 -1.96 -0.84 17.41
CA MET A 150 -1.13 -0.39 18.53
C MET A 150 -0.89 -1.51 19.52
N GLY A 151 0.39 -1.72 19.82
CA GLY A 151 0.82 -2.68 20.80
C GLY A 151 1.81 -2.05 21.75
N LEU A 152 2.12 -2.77 22.81
CA LEU A 152 3.05 -2.24 23.80
C LEU A 152 4.43 -2.10 23.17
N ASP A 153 5.00 -0.91 23.33
CA ASP A 153 6.30 -0.59 22.76
C ASP A 153 7.34 -1.58 23.27
N LEU A 154 8.25 -2.01 22.40
CA LEU A 154 9.16 -3.07 22.82
C LEU A 154 9.97 -2.68 24.06
N PRO A 155 10.54 -1.47 24.16
CA PRO A 155 11.26 -1.11 25.39
C PRO A 155 10.38 -1.03 26.61
N SER A 156 9.07 -0.85 26.43
CA SER A 156 8.11 -0.87 27.54
C SER A 156 7.66 -2.28 27.91
N GLY A 157 8.06 -3.29 27.15
CA GLY A 157 7.76 -4.67 27.49
C GLY A 157 6.99 -5.44 26.43
N GLY A 158 6.63 -4.83 25.30
CA GLY A 158 5.93 -5.53 24.26
C GLY A 158 6.87 -6.38 23.42
N HIS A 159 6.26 -7.11 22.49
CA HIS A 159 6.97 -8.05 21.64
C HIS A 159 7.24 -7.43 20.29
N LEU A 160 8.31 -7.93 19.65
CA LEU A 160 8.60 -7.62 18.25
C LEU A 160 7.34 -7.55 17.41
N THR A 161 6.51 -8.61 17.44
CA THR A 161 5.36 -8.70 16.54
C THR A 161 4.20 -7.81 16.97
N HIS A 162 4.39 -6.97 17.99
CA HIS A 162 3.36 -6.02 18.37
C HIS A 162 3.55 -4.69 17.65
N GLY A 163 4.28 -4.69 16.54
CA GLY A 163 4.45 -3.52 15.72
C GLY A 163 5.71 -2.74 16.01
N TYR A 164 6.80 -3.46 16.27
CA TYR A 164 8.00 -2.80 16.80
C TYR A 164 8.80 -2.15 15.67
N TYR A 165 8.86 -0.83 15.69
CA TYR A 165 9.91 -0.06 15.05
C TYR A 165 10.61 0.72 16.15
N THR A 166 11.82 1.18 15.86
CA THR A 166 12.61 1.75 16.93
C THR A 166 12.25 3.22 17.12
N SER A 167 12.68 3.78 18.25
CA SER A 167 12.49 5.20 18.47
C SER A 167 13.18 6.06 17.42
N GLY A 168 14.20 5.50 16.73
CA GLY A 168 14.80 6.16 15.60
C GLY A 168 14.04 5.98 14.30
N GLY A 169 12.87 5.33 14.35
CA GLY A 169 12.01 5.19 13.20
C GLY A 169 12.37 4.05 12.26
N LYS A 170 13.24 3.13 12.68
CA LYS A 170 13.63 2.01 11.84
C LYS A 170 12.60 0.89 12.04
N LYS A 171 11.95 0.48 10.95
CA LYS A 171 10.96 -0.60 10.99
C LYS A 171 11.68 -1.95 11.11
N ILE A 172 11.42 -2.66 12.20
CA ILE A 172 12.13 -3.88 12.54
C ILE A 172 11.26 -5.09 12.23
N SER A 173 10.13 -5.20 12.93
CA SER A 173 9.18 -6.27 12.72
C SER A 173 8.41 -6.07 11.42
N ALA A 174 8.14 -7.18 10.74
CA ALA A 174 7.23 -7.12 9.60
C ALA A 174 5.87 -6.59 10.01
N THR A 175 5.53 -6.64 11.30
CA THR A 175 4.23 -6.09 11.69
C THR A 175 4.22 -4.56 11.65
N SER A 176 5.39 -3.92 11.52
CA SER A 176 5.44 -2.48 11.29
C SER A 176 5.70 -2.17 9.82
N ILE A 177 5.86 -3.20 9.00
CA ILE A 177 6.09 -3.06 7.57
CA ILE A 177 6.09 -3.07 7.57
C ILE A 177 4.77 -3.24 6.85
N TYR A 178 4.12 -4.39 7.05
CA TYR A 178 2.87 -4.66 6.37
C TYR A 178 1.67 -4.00 7.04
N PHE A 179 1.81 -3.50 8.27
CA PHE A 179 0.77 -2.71 8.91
C PHE A 179 1.40 -1.45 9.48
N GLU A 180 0.52 -0.55 9.94
CA GLU A 180 0.92 0.76 10.44
C GLU A 180 0.84 0.74 11.96
N SER A 181 2.00 0.71 12.62
CA SER A 181 2.07 0.58 14.07
C SER A 181 2.24 1.92 14.75
N LEU A 182 1.52 2.13 15.85
CA LEU A 182 1.83 3.20 16.79
C LEU A 182 1.83 2.59 18.18
N PRO A 183 3.00 2.34 18.76
CA PRO A 183 3.03 1.66 20.05
C PRO A 183 2.65 2.60 21.19
N TYR A 184 2.23 1.99 22.29
CA TYR A 184 1.94 2.72 23.52
C TYR A 184 2.98 2.29 24.55
N LYS A 185 3.12 3.09 25.59
CA LYS A 185 4.25 2.96 26.48
C LYS A 185 3.80 2.84 27.93
N VAL A 186 4.73 2.35 28.77
CA VAL A 186 4.52 2.44 30.21
C VAL A 186 4.89 3.84 30.69
N ASN A 187 4.33 4.19 31.85
CA ASN A 187 4.78 5.37 32.58
C ASN A 187 6.28 5.32 32.79
N SER A 188 6.97 6.38 32.37
CA SER A 188 8.43 6.41 32.42
C SER A 188 8.97 6.30 33.84
N THR A 189 8.18 6.67 34.85
CA THR A 189 8.66 6.62 36.22
C THR A 189 8.12 5.43 37.03
N THR A 190 6.91 4.95 36.74
CA THR A 190 6.38 3.82 37.52
C THR A 190 6.54 2.47 36.83
N GLY A 191 6.72 2.45 35.51
CA GLY A 191 6.80 1.22 34.76
C GLY A 191 5.47 0.55 34.49
N TYR A 192 4.38 1.12 34.98
CA TYR A 192 3.06 0.57 34.69
C TYR A 192 2.57 1.16 33.38
N ILE A 193 1.83 0.34 32.61
CA ILE A 193 1.22 0.88 31.39
C ILE A 193 0.51 2.20 31.69
N ASP A 194 0.76 3.19 30.83
CA ASP A 194 0.10 4.49 30.95
C ASP A 194 -1.23 4.39 30.22
N TYR A 195 -2.26 3.98 30.96
CA TYR A 195 -3.55 3.76 30.33
C TYR A 195 -4.14 5.06 29.80
N ASP A 196 -3.94 6.17 30.52
CA ASP A 196 -4.47 7.45 30.04
C ASP A 196 -3.88 7.84 28.70
N ARG A 197 -2.54 7.79 28.57
CA ARG A 197 -1.90 8.09 27.29
C ARG A 197 -2.37 7.12 26.22
N LEU A 198 -2.47 5.83 26.56
CA LEU A 198 -2.96 4.86 25.58
C LEU A 198 -4.31 5.30 25.01
N GLU A 199 -5.26 5.65 25.88
CA GLU A 199 -6.58 6.05 25.38
C GLU A 199 -6.49 7.30 24.52
N GLU A 200 -5.75 8.32 24.99
CA GLU A 200 -5.55 9.52 24.19
C GLU A 200 -4.96 9.17 22.82
N LYS A 201 -3.90 8.36 22.81
CA LYS A 201 -3.27 7.92 21.57
C LYS A 201 -4.26 7.18 20.66
N ALA A 202 -4.97 6.21 21.21
CA ALA A 202 -5.92 5.45 20.42
C ALA A 202 -6.96 6.37 19.80
N LEU A 203 -7.39 7.39 20.54
CA LEU A 203 -8.43 8.26 20.01
C LEU A 203 -7.91 9.11 18.86
N ASP A 204 -6.64 9.51 18.90
CA ASP A 204 -6.03 10.26 17.81
C ASP A 204 -5.70 9.38 16.60
N PHE A 205 -5.05 8.25 16.85
CA PHE A 205 -4.49 7.38 15.81
C PHE A 205 -5.56 6.50 15.17
N ARG A 206 -6.60 6.14 15.92
CA ARG A 206 -7.72 5.31 15.46
C ARG A 206 -7.24 3.98 14.92
N PRO A 207 -6.65 3.14 15.76
CA PRO A 207 -6.18 1.84 15.29
C PRO A 207 -7.35 0.94 14.96
N LYS A 208 -7.14 0.08 13.97
CA LYS A 208 -8.06 -1.01 13.71
C LYS A 208 -7.92 -2.10 14.76
N LEU A 209 -6.74 -2.25 15.34
CA LEU A 209 -6.51 -3.32 16.29
C LEU A 209 -5.63 -2.81 17.41
N ILE A 210 -6.01 -3.15 18.64
CA ILE A 210 -5.18 -2.86 19.81
C ILE A 210 -4.69 -4.19 20.37
N ILE A 211 -3.37 -4.31 20.53
CA ILE A 211 -2.78 -5.51 21.08
C ILE A 211 -2.36 -5.25 22.53
N CYS A 212 -2.60 -6.24 23.40
CA CYS A 212 -2.15 -6.22 24.77
C CYS A 212 -1.47 -7.55 25.07
N GLY A 213 -0.93 -7.69 26.27
CA GLY A 213 0.03 -8.75 26.52
C GLY A 213 1.42 -8.34 26.06
N GLY A 214 2.43 -8.96 26.66
CA GLY A 214 3.77 -8.51 26.36
C GLY A 214 4.81 -9.54 26.73
N SER A 215 6.08 -9.18 26.45
CA SER A 215 7.23 -10.08 26.64
C SER A 215 8.04 -9.77 27.88
N ALA A 216 7.95 -8.54 28.41
CA ALA A 216 8.80 -8.15 29.53
C ALA A 216 8.06 -7.15 30.42
N TYR A 217 6.78 -7.38 30.66
CA TYR A 217 5.99 -6.55 31.55
C TYR A 217 5.72 -7.35 32.82
N PRO A 218 6.15 -6.89 33.99
CA PRO A 218 6.05 -7.71 35.21
C PRO A 218 4.73 -7.60 35.96
N ARG A 219 3.69 -7.02 35.36
CA ARG A 219 2.44 -6.80 36.07
C ARG A 219 1.30 -7.41 35.29
N ASP A 220 0.13 -7.49 35.93
CA ASP A 220 -1.02 -7.97 35.18
C ASP A 220 -1.58 -6.83 34.32
N TRP A 221 -2.52 -7.20 33.45
CA TRP A 221 -3.09 -6.32 32.44
C TRP A 221 -4.53 -5.99 32.81
N ASP A 222 -4.87 -4.69 32.73
CA ASP A 222 -6.26 -4.27 32.96
C ASP A 222 -7.03 -4.45 31.65
N TYR A 223 -7.41 -5.70 31.38
CA TYR A 223 -8.14 -6.01 30.16
C TYR A 223 -9.48 -5.28 30.11
N LYS A 224 -10.10 -5.05 31.27
CA LYS A 224 -11.36 -4.31 31.28
C LYS A 224 -11.16 -2.92 30.70
N ARG A 225 -10.08 -2.25 31.11
CA ARG A 225 -9.79 -0.93 30.58
C ARG A 225 -9.42 -1.00 29.10
N PHE A 226 -8.73 -2.07 28.69
CA PHE A 226 -8.39 -2.20 27.28
C PHE A 226 -9.65 -2.30 26.44
N ARG A 227 -10.63 -3.08 26.92
CA ARG A 227 -11.94 -3.18 26.26
C ARG A 227 -12.61 -1.82 26.19
N GLU A 228 -12.65 -1.10 27.32
CA GLU A 228 -13.23 0.24 27.35
C GLU A 228 -12.61 1.11 26.28
N ILE A 229 -11.28 1.10 26.21
CA ILE A 229 -10.59 1.92 25.23
C ILE A 229 -10.89 1.45 23.83
N ALA A 230 -10.79 0.13 23.60
CA ALA A 230 -11.05 -0.42 22.28
C ALA A 230 -12.43 -0.03 21.80
N ASP A 231 -13.42 -0.14 22.68
CA ASP A 231 -14.78 0.25 22.30
C ASP A 231 -14.85 1.73 21.95
N LYS A 232 -14.09 2.57 22.65
CA LYS A 232 -14.23 4.00 22.42
C LYS A 232 -13.61 4.43 21.10
N CYS A 233 -12.64 3.68 20.57
CA CYS A 233 -12.00 4.07 19.31
C CYS A 233 -12.35 3.12 18.17
N GLY A 234 -13.24 2.15 18.39
CA GLY A 234 -13.65 1.27 17.32
C GLY A 234 -12.69 0.15 16.97
N ALA A 235 -11.74 -0.17 17.84
CA ALA A 235 -10.72 -1.15 17.53
C ALA A 235 -11.14 -2.54 17.97
N LEU A 236 -10.62 -3.54 17.25
CA LEU A 236 -10.57 -4.88 17.79
C LEU A 236 -9.52 -4.92 18.91
N LEU A 237 -9.71 -5.87 19.82
CA LEU A 237 -8.83 -6.08 20.96
C LEU A 237 -8.27 -7.50 20.93
N LEU A 238 -6.94 -7.61 20.78
CA LEU A 238 -6.24 -8.88 20.78
C LEU A 238 -5.30 -8.93 21.97
N CYS A 239 -5.30 -10.03 22.70
CA CYS A 239 -4.29 -10.26 23.72
C CYS A 239 -3.33 -11.35 23.26
N ASP A 240 -2.03 -11.06 23.32
CA ASP A 240 -0.96 -12.01 23.12
C ASP A 240 -0.47 -12.47 24.51
N MET A 241 -1.00 -13.60 24.97
CA MET A 241 -0.71 -14.14 26.29
C MET A 241 0.44 -15.14 26.28
N ALA A 242 1.31 -15.09 25.27
CA ALA A 242 2.39 -16.06 25.12
C ALA A 242 3.13 -16.31 26.42
N HIS A 243 3.49 -15.25 27.15
CA HIS A 243 4.36 -15.44 28.32
C HIS A 243 3.61 -16.05 29.50
N THR A 244 2.39 -15.62 29.72
CA THR A 244 1.63 -15.96 30.91
C THR A 244 0.56 -17.00 30.66
N SER A 245 0.55 -17.61 29.47
CA SER A 245 -0.51 -18.52 29.10
C SER A 245 -0.64 -19.67 30.09
N GLY A 246 0.48 -20.14 30.62
CA GLY A 246 0.41 -21.16 31.68
C GLY A 246 -0.29 -20.65 32.93
N LEU A 247 0.05 -19.42 33.35
CA LEU A 247 -0.65 -18.82 34.48
C LEU A 247 -2.11 -18.58 34.18
N VAL A 248 -2.44 -18.23 32.92
CA VAL A 248 -3.83 -18.04 32.55
C VAL A 248 -4.59 -19.35 32.65
N ALA A 249 -4.07 -20.41 32.03
CA ALA A 249 -4.71 -21.72 32.14
C ALA A 249 -4.96 -22.09 33.61
N ALA A 250 -3.98 -21.80 34.46
CA ALA A 250 -4.10 -22.15 35.86
C ALA A 250 -4.93 -21.14 36.64
N GLN A 251 -5.45 -20.11 35.95
CA GLN A 251 -6.27 -19.08 36.58
C GLN A 251 -5.51 -18.39 37.71
N GLU A 252 -4.22 -18.14 37.49
CA GLU A 252 -3.39 -17.45 38.45
C GLU A 252 -3.15 -15.98 38.07
N VAL A 253 -3.62 -15.56 36.90
CA VAL A 253 -3.63 -14.16 36.50
C VAL A 253 -4.96 -13.86 35.85
N ASN A 254 -5.19 -12.58 35.52
CA ASN A 254 -6.40 -12.17 34.82
C ASN A 254 -6.55 -12.92 33.50
N SER A 255 -7.77 -13.35 33.20
CA SER A 255 -8.00 -14.00 31.92
C SER A 255 -8.27 -12.95 30.84
N PRO A 256 -7.51 -12.93 29.74
CA PRO A 256 -7.86 -12.00 28.66
C PRO A 256 -9.16 -12.36 27.95
N PHE A 257 -9.57 -13.63 27.98
CA PHE A 257 -10.75 -14.06 27.23
C PHE A 257 -12.00 -13.31 27.67
N GLU A 258 -12.04 -12.86 28.91
CA GLU A 258 -13.17 -12.07 29.39
C GLU A 258 -13.44 -10.84 28.51
N TYR A 259 -12.40 -10.22 27.95
CA TYR A 259 -12.55 -8.93 27.31
C TYR A 259 -12.06 -8.85 25.87
N CYS A 260 -11.19 -9.74 25.42
CA CYS A 260 -10.54 -9.61 24.13
C CYS A 260 -11.31 -10.37 23.04
N ASP A 261 -11.27 -9.82 21.83
CA ASP A 261 -11.88 -10.50 20.70
C ASP A 261 -11.06 -11.72 20.31
N ILE A 262 -9.74 -11.59 20.31
CA ILE A 262 -8.82 -12.59 19.82
C ILE A 262 -7.74 -12.73 20.89
N VAL A 263 -7.27 -13.96 21.11
CA VAL A 263 -6.17 -14.19 22.02
C VAL A 263 -5.19 -15.11 21.32
N THR A 264 -3.97 -14.64 21.11
CA THR A 264 -2.94 -15.49 20.54
C THR A 264 -2.00 -15.94 21.65
N THR A 265 -1.21 -16.97 21.36
CA THR A 265 -0.29 -17.45 22.38
C THR A 265 0.74 -18.37 21.74
N THR A 266 1.91 -18.42 22.36
CA THR A 266 2.81 -19.54 22.16
C THR A 266 2.42 -20.68 23.11
N THR A 267 2.98 -21.84 22.88
CA THR A 267 2.68 -22.98 23.74
C THR A 267 3.89 -23.49 24.48
N HIS A 268 5.07 -22.91 24.25
CA HIS A 268 6.33 -23.41 24.83
C HIS A 268 6.84 -22.62 26.01
N LYS A 269 6.15 -21.56 26.44
CA LYS A 269 6.70 -20.79 27.55
C LYS A 269 6.19 -21.31 28.89
N SER A 270 5.47 -20.47 29.64
CA SER A 270 4.91 -20.92 30.90
C SER A 270 3.89 -22.03 30.69
N LEU A 271 3.36 -22.17 29.48
CA LEU A 271 2.45 -23.28 29.18
C LEU A 271 3.17 -24.63 29.16
N ARG A 272 4.50 -24.63 29.00
CA ARG A 272 5.35 -25.81 29.19
C ARG A 272 5.12 -26.86 28.11
N GLY A 273 4.78 -26.41 26.90
CA GLY A 273 4.52 -27.32 25.81
C GLY A 273 5.56 -27.24 24.71
N PRO A 274 5.21 -27.77 23.54
CA PRO A 274 6.08 -27.64 22.38
C PRO A 274 6.09 -26.21 21.88
N ARG A 275 7.03 -25.95 20.98
CA ARG A 275 7.10 -24.66 20.29
C ARG A 275 6.00 -24.64 19.24
N ALA A 276 4.92 -23.95 19.53
CA ALA A 276 3.82 -23.81 18.58
C ALA A 276 3.07 -22.54 18.94
N GLY A 277 2.06 -22.21 18.14
CA GLY A 277 1.19 -21.10 18.45
C GLY A 277 -0.25 -21.54 18.33
N MET A 278 -1.13 -20.81 19.02
CA MET A 278 -2.56 -20.85 18.73
C MET A 278 -3.19 -19.47 18.70
N ILE A 279 -4.33 -19.43 18.03
CA ILE A 279 -5.12 -18.23 17.89
C ILE A 279 -6.52 -18.59 18.35
N PHE A 280 -6.95 -18.00 19.46
CA PHE A 280 -8.31 -18.11 19.95
C PHE A 280 -9.11 -16.95 19.40
N TYR A 281 -10.40 -17.19 19.12
CA TYR A 281 -11.24 -16.15 18.58
C TYR A 281 -12.66 -16.34 19.09
N ARG A 282 -13.37 -15.25 19.25
CA ARG A 282 -14.75 -15.33 19.69
C ARG A 282 -15.65 -15.88 18.59
N LYS A 283 -16.76 -16.49 19.02
CA LYS A 283 -17.80 -17.01 18.15
C LYS A 283 -19.14 -16.72 18.82
N GLY A 284 -20.21 -16.72 18.04
CA GLY A 284 -21.54 -16.53 18.58
C GLY A 284 -21.97 -15.08 18.69
N PRO A 285 -23.02 -14.83 19.47
CA PRO A 285 -23.61 -13.49 19.51
C PRO A 285 -22.67 -12.46 20.10
N LYS A 286 -22.61 -11.31 19.44
CA LYS A 286 -21.83 -10.19 19.95
C LYS A 286 -22.53 -9.55 21.14
N PRO A 287 -21.77 -9.06 22.13
CA PRO A 287 -22.40 -8.35 23.23
C PRO A 287 -23.06 -7.08 22.75
N PRO A 288 -24.17 -6.68 23.37
CA PRO A 288 -24.88 -5.47 22.90
C PRO A 288 -23.95 -4.26 22.90
N LYS A 289 -23.99 -3.52 21.78
CA LYS A 289 -23.18 -2.32 21.59
C LYS A 289 -23.97 -1.33 20.75
N LYS A 290 -24.10 -0.10 21.25
CA LYS A 290 -24.87 0.92 20.54
C LYS A 290 -24.30 1.13 19.14
N GLY A 291 -25.16 1.05 18.13
CA GLY A 291 -24.75 1.20 16.75
C GLY A 291 -24.56 -0.11 16.00
N GLN A 292 -24.91 -1.24 16.60
CA GLN A 292 -24.70 -2.53 15.95
C GLN A 292 -26.02 -3.29 15.86
N PRO A 293 -26.26 -3.99 14.75
CA PRO A 293 -27.55 -4.66 14.58
C PRO A 293 -27.82 -5.70 15.67
N GLU A 294 -29.10 -5.89 15.95
CA GLU A 294 -29.51 -7.01 16.79
C GLU A 294 -29.06 -8.32 16.15
N ASN A 295 -28.90 -9.34 16.98
CA ASN A 295 -28.49 -10.68 16.55
C ASN A 295 -27.13 -10.70 15.84
N ALA A 296 -26.35 -9.62 15.93
CA ALA A 296 -25.02 -9.60 15.33
C ALA A 296 -24.16 -10.70 15.95
N VAL A 297 -23.47 -11.46 15.10
CA VAL A 297 -22.61 -12.55 15.55
C VAL A 297 -21.17 -12.24 15.15
N TYR A 298 -20.24 -12.83 15.87
CA TYR A 298 -18.84 -12.72 15.52
C TYR A 298 -18.56 -13.46 14.22
N ASP A 299 -17.53 -13.02 13.53
CA ASP A 299 -17.20 -13.46 12.20
C ASP A 299 -15.70 -13.61 12.07
N PHE A 300 -15.07 -14.12 13.14
CA PHE A 300 -13.64 -14.31 13.15
C PHE A 300 -13.20 -15.67 12.59
N GLU A 301 -14.01 -16.71 12.82
CA GLU A 301 -13.55 -18.09 12.60
CA GLU A 301 -13.57 -18.09 12.60
C GLU A 301 -13.05 -18.32 11.19
N ASP A 302 -13.87 -17.99 10.18
CA ASP A 302 -13.43 -18.30 8.81
C ASP A 302 -12.24 -17.44 8.39
N LYS A 303 -12.19 -16.19 8.85
CA LYS A 303 -11.08 -15.31 8.48
C LYS A 303 -9.79 -15.75 9.15
N ILE A 304 -9.87 -16.18 10.40
CA ILE A 304 -8.66 -16.60 11.08
CA ILE A 304 -8.68 -16.62 11.12
C ILE A 304 -8.16 -17.92 10.51
N ASN A 305 -9.06 -18.87 10.27
CA ASN A 305 -8.64 -20.12 9.61
C ASN A 305 -7.99 -19.84 8.27
N PHE A 306 -8.65 -19.03 7.44
CA PHE A 306 -8.13 -18.74 6.11
C PHE A 306 -6.77 -18.05 6.17
N ALA A 307 -6.57 -17.16 7.16
CA ALA A 307 -5.27 -16.48 7.27
C ALA A 307 -4.15 -17.45 7.59
N VAL A 308 -4.40 -18.43 8.46
CA VAL A 308 -3.37 -19.43 8.71
C VAL A 308 -3.15 -20.28 7.47
N PHE A 309 -4.23 -20.78 6.89
CA PHE A 309 -4.15 -21.56 5.68
C PHE A 309 -5.40 -21.35 4.85
N PRO A 310 -5.28 -21.07 3.55
CA PRO A 310 -4.10 -21.05 2.67
C PRO A 310 -3.28 -19.75 2.59
N SER A 311 -3.66 -18.72 3.35
CA SER A 311 -3.04 -17.41 3.15
CA SER A 311 -3.04 -17.41 3.15
C SER A 311 -1.54 -17.43 3.47
N LEU A 312 -1.19 -17.91 4.64
CA LEU A 312 0.16 -17.73 5.13
C LEU A 312 0.96 -19.02 5.31
N GLN A 313 0.35 -20.07 5.81
CA GLN A 313 1.09 -21.30 6.06
C GLN A 313 0.78 -22.33 4.99
N GLY A 314 1.53 -23.42 5.04
CA GLY A 314 1.20 -24.56 4.21
C GLY A 314 0.75 -25.70 5.09
N GLY A 315 1.46 -26.81 5.02
CA GLY A 315 1.13 -27.96 5.83
C GLY A 315 1.29 -27.70 7.32
N PRO A 316 0.26 -28.04 8.09
CA PRO A 316 0.42 -28.04 9.55
C PRO A 316 1.52 -28.98 9.98
N HIS A 317 2.11 -28.71 11.13
CA HIS A 317 3.15 -29.57 11.68
C HIS A 317 2.47 -30.46 12.71
N ASN A 318 2.03 -31.63 12.26
CA ASN A 318 1.14 -32.45 13.08
C ASN A 318 1.85 -33.04 14.30
N HIS A 319 3.17 -33.20 14.25
CA HIS A 319 3.89 -33.60 15.46
C HIS A 319 3.86 -32.49 16.51
N GLN A 320 3.78 -31.23 16.06
CA GLN A 320 3.62 -30.12 17.00
C GLN A 320 2.22 -30.12 17.59
N ILE A 321 1.22 -30.35 16.75
CA ILE A 321 -0.18 -30.37 17.22
C ILE A 321 -0.40 -31.50 18.20
N GLY A 322 0.13 -32.69 17.90
CA GLY A 322 0.02 -33.79 18.83
C GLY A 322 0.72 -33.51 20.14
N ALA A 323 1.96 -33.01 20.06
CA ALA A 323 2.69 -32.59 21.25
C ALA A 323 1.91 -31.54 22.01
N LEU A 324 1.32 -30.59 21.30
CA LEU A 324 0.52 -29.56 21.94
C LEU A 324 -0.67 -30.17 22.66
N ALA A 325 -1.34 -31.12 22.01
CA ALA A 325 -2.46 -31.79 22.68
C ALA A 325 -2.02 -32.41 23.98
N VAL A 326 -0.81 -32.95 24.04
CA VAL A 326 -0.33 -33.57 25.28
C VAL A 326 -0.11 -32.50 26.34
N ALA A 327 0.52 -31.39 25.94
CA ALA A 327 0.82 -30.35 26.91
C ALA A 327 -0.45 -29.70 27.41
N LEU A 328 -1.46 -29.61 26.56
CA LEU A 328 -2.72 -28.99 26.99
C LEU A 328 -3.45 -29.87 28.01
N LYS A 329 -3.40 -31.18 27.83
CA LYS A 329 -3.91 -32.06 28.88
C LYS A 329 -3.12 -31.88 30.17
N GLN A 330 -1.80 -31.81 30.07
CA GLN A 330 -0.95 -31.63 31.25
C GLN A 330 -1.24 -30.31 31.94
N ALA A 331 -1.53 -29.25 31.16
CA ALA A 331 -1.79 -27.94 31.73
C ALA A 331 -3.13 -27.89 32.47
N ALA A 332 -4.02 -28.84 32.23
CA ALA A 332 -5.31 -28.87 32.91
C ALA A 332 -5.27 -29.64 34.23
N SER A 333 -4.14 -30.11 34.63
CA SER A 333 -4.04 -30.97 35.82
C SER A 333 -3.90 -30.15 37.09
N PRO A 334 -4.33 -30.69 38.24
CA PRO A 334 -4.08 -29.98 39.51
C PRO A 334 -2.60 -29.69 39.72
N GLY A 335 -1.74 -30.61 39.30
CA GLY A 335 -0.31 -30.39 39.44
C GLY A 335 0.18 -29.20 38.66
N PHE A 336 -0.33 -29.00 37.44
CA PHE A 336 0.08 -27.83 36.69
C PHE A 336 -0.37 -26.55 37.39
N LYS A 337 -1.58 -26.55 37.94
CA LYS A 337 -2.05 -25.39 38.67
C LYS A 337 -1.12 -25.08 39.84
N ALA A 338 -0.66 -26.12 40.54
CA ALA A 338 0.27 -25.88 41.65
C ALA A 338 1.61 -25.40 41.13
N TYR A 339 2.00 -25.87 39.95
CA TYR A 339 3.23 -25.36 39.33
C TYR A 339 3.09 -23.87 39.02
N ALA A 340 1.93 -23.44 38.52
CA ALA A 340 1.79 -22.03 38.17
C ALA A 340 1.83 -21.14 39.41
N LYS A 341 1.13 -21.54 40.48
CA LYS A 341 1.27 -20.85 41.76
C LYS A 341 2.72 -20.69 42.15
N GLN A 342 3.49 -21.76 42.04
CA GLN A 342 4.87 -21.75 42.48
C GLN A 342 5.72 -20.82 41.62
N VAL A 343 5.49 -20.83 40.30
CA VAL A 343 6.18 -19.91 39.40
C VAL A 343 6.04 -18.48 39.91
N LYS A 344 4.80 -18.06 40.14
CA LYS A 344 4.54 -16.72 40.67
C LYS A 344 5.22 -16.51 42.02
N ALA A 345 5.07 -17.48 42.93
CA ALA A 345 5.70 -17.34 44.25
C ALA A 345 7.21 -17.31 44.13
N ASN A 346 7.77 -18.09 43.21
CA ASN A 346 9.21 -18.10 43.01
C ASN A 346 9.71 -16.77 42.47
N ALA A 347 8.99 -16.19 41.51
CA ALA A 347 9.39 -14.91 40.96
C ALA A 347 9.32 -13.82 42.02
N VAL A 348 8.26 -13.83 42.84
CA VAL A 348 8.14 -12.84 43.91
C VAL A 348 9.28 -13.00 44.91
N ALA A 349 9.63 -14.25 45.23
CA ALA A 349 10.65 -14.46 46.24
C ALA A 349 12.02 -14.06 45.70
N LEU A 350 12.28 -14.35 44.44
CA LEU A 350 13.52 -13.88 43.83
C LEU A 350 13.56 -12.37 43.77
N GLY A 351 12.46 -11.76 43.33
CA GLY A 351 12.40 -10.30 43.26
C GLY A 351 12.62 -9.66 44.61
N ASN A 352 11.94 -10.16 45.64
CA ASN A 352 12.13 -9.63 46.98
C ASN A 352 13.58 -9.76 47.42
N TYR A 353 14.26 -10.82 47.00
CA TYR A 353 15.67 -10.96 47.36
C TYR A 353 16.50 -9.89 46.67
N LEU A 354 16.27 -9.66 45.39
CA LEU A 354 17.06 -8.67 44.67
C LEU A 354 16.81 -7.26 45.21
N MET A 355 15.55 -6.93 45.50
CA MET A 355 15.27 -5.63 46.09
C MET A 355 15.86 -5.53 47.49
N GLY A 356 15.89 -6.65 48.23
CA GLY A 356 16.52 -6.66 49.54
C GLY A 356 18.01 -6.42 49.51
N LYS A 357 18.64 -6.57 48.35
CA LYS A 357 20.02 -6.16 48.16
C LYS A 357 20.11 -4.74 47.61
N GLY A 358 18.98 -4.06 47.46
CA GLY A 358 18.94 -2.69 46.98
C GLY A 358 18.81 -2.55 45.49
N TYR A 359 18.60 -3.65 44.76
CA TYR A 359 18.53 -3.57 43.31
C TYR A 359 17.17 -2.99 42.89
N SER A 360 17.12 -2.56 41.62
CA SER A 360 15.99 -1.82 41.08
C SER A 360 15.23 -2.71 40.10
N LEU A 361 13.99 -3.06 40.48
CA LEU A 361 13.09 -3.80 39.62
C LEU A 361 12.05 -2.86 39.01
N VAL A 362 11.71 -3.11 37.75
CA VAL A 362 10.69 -2.33 37.06
C VAL A 362 9.33 -2.61 37.69
N THR A 363 8.62 -1.54 38.05
CA THR A 363 7.38 -1.53 38.84
C THR A 363 7.63 -1.94 40.29
N GLY A 364 8.88 -2.17 40.69
CA GLY A 364 9.15 -2.47 42.08
C GLY A 364 8.68 -3.83 42.56
N GLY A 365 8.45 -4.77 41.65
CA GLY A 365 8.02 -6.10 42.05
C GLY A 365 7.49 -6.87 40.84
N THR A 366 6.67 -7.87 41.12
CA THR A 366 6.08 -8.62 40.02
C THR A 366 4.76 -9.22 40.45
N GLU A 367 3.91 -9.45 39.44
CA GLU A 367 2.68 -10.19 39.58
C GLU A 367 2.65 -11.43 38.70
N ASN A 368 3.74 -11.73 37.99
CA ASN A 368 3.67 -12.88 37.09
C ASN A 368 4.92 -13.73 37.25
N HIS A 369 5.47 -14.21 36.14
CA HIS A 369 6.55 -15.19 36.16
C HIS A 369 7.92 -14.55 36.05
N LEU A 370 8.00 -13.25 35.80
CA LEU A 370 9.29 -12.65 35.55
C LEU A 370 9.48 -11.41 36.41
N VAL A 371 10.72 -10.96 36.45
CA VAL A 371 11.02 -9.62 36.94
C VAL A 371 11.88 -8.98 35.87
N LEU A 372 11.70 -7.68 35.69
CA LEU A 372 12.55 -6.87 34.83
C LEU A 372 13.43 -6.04 35.75
N TRP A 373 14.74 -6.21 35.63
CA TRP A 373 15.70 -5.67 36.58
C TRP A 373 16.52 -4.61 35.88
N ASP A 374 16.30 -3.36 36.28
CA ASP A 374 16.92 -2.19 35.65
C ASP A 374 18.32 -2.04 36.20
N LEU A 375 19.32 -2.21 35.34
CA LEU A 375 20.71 -2.18 35.76
C LEU A 375 21.34 -0.80 35.63
N ARG A 376 20.71 0.10 34.88
CA ARG A 376 21.22 1.46 34.76
C ARG A 376 21.51 2.16 36.09
N PRO A 377 20.68 2.06 37.15
CA PRO A 377 21.08 2.69 38.42
C PRO A 377 22.35 2.14 39.03
N LEU A 378 22.85 1.00 38.55
CA LEU A 378 24.13 0.49 39.04
C LEU A 378 25.30 0.95 38.17
N GLY A 379 25.10 1.11 36.87
CA GLY A 379 26.14 1.58 35.99
C GLY A 379 26.42 0.64 34.83
N LEU A 380 25.75 -0.52 34.80
CA LEU A 380 26.03 -1.53 33.80
C LEU A 380 24.89 -1.64 32.81
N THR A 381 25.21 -2.10 31.61
CA THR A 381 24.22 -2.54 30.65
C THR A 381 23.96 -4.04 30.79
N GLY A 382 22.87 -4.50 30.17
CA GLY A 382 22.46 -5.88 30.33
C GLY A 382 23.39 -6.90 29.69
N ASN A 383 24.03 -6.53 28.57
CA ASN A 383 24.95 -7.48 27.94
C ASN A 383 26.14 -7.80 28.83
N LYS A 384 26.56 -6.85 29.68
CA LYS A 384 27.67 -7.12 30.58
C LYS A 384 27.30 -8.23 31.56
N VAL A 385 26.16 -8.08 32.25
CA VAL A 385 25.77 -9.09 33.23
C VAL A 385 25.28 -10.37 32.54
N GLU A 386 24.71 -10.27 31.34
CA GLU A 386 24.34 -11.49 30.62
C GLU A 386 25.57 -12.29 30.22
N LYS A 387 26.65 -11.59 29.82
CA LYS A 387 27.87 -12.27 29.42
C LYS A 387 28.54 -12.93 30.61
N LEU A 388 28.70 -12.19 31.72
CA LEU A 388 29.30 -12.79 32.92
C LEU A 388 28.45 -13.94 33.43
N CYS A 389 27.13 -13.71 33.54
CA CYS A 389 26.23 -14.78 33.98
C CYS A 389 26.41 -16.02 33.12
N ASP A 390 26.40 -15.85 31.79
CA ASP A 390 26.54 -17.00 30.90
C ASP A 390 27.85 -17.73 31.17
N LEU A 391 28.91 -17.00 31.53
CA LEU A 391 30.15 -17.64 31.96
C LEU A 391 29.98 -18.45 33.24
N CYS A 392 28.99 -18.14 34.06
CA CYS A 392 28.74 -18.85 35.30
C CYS A 392 27.63 -19.88 35.19
N ASN A 393 27.20 -20.23 33.96
CA ASN A 393 26.06 -21.12 33.74
C ASN A 393 24.77 -20.55 34.31
N ILE A 394 24.70 -19.23 34.38
CA ILE A 394 23.48 -18.52 34.72
C ILE A 394 22.96 -17.93 33.42
N THR A 395 21.87 -18.47 32.92
CA THR A 395 21.35 -18.10 31.62
C THR A 395 20.24 -17.08 31.82
N VAL A 396 20.51 -15.84 31.44
CA VAL A 396 19.51 -14.79 31.42
C VAL A 396 19.49 -14.23 30.00
N ASN A 397 18.82 -13.11 29.80
CA ASN A 397 18.98 -12.37 28.55
C ASN A 397 18.92 -10.90 28.88
N LYS A 398 19.91 -10.16 28.39
CA LYS A 398 19.78 -8.71 28.35
C LYS A 398 18.43 -8.36 27.75
N ASN A 399 17.81 -7.33 28.30
CA ASN A 399 16.46 -7.03 27.88
C ASN A 399 16.28 -5.52 27.87
N ALA A 400 15.53 -5.04 26.87
CA ALA A 400 15.18 -3.64 26.80
C ALA A 400 14.45 -3.21 28.08
N VAL A 401 14.71 -1.97 28.49
CA VAL A 401 13.95 -1.27 29.50
C VAL A 401 13.54 0.09 28.90
N PHE A 402 12.54 0.73 29.51
CA PHE A 402 12.01 2.01 29.02
C PHE A 402 13.15 2.99 28.72
N GLY A 403 13.10 3.59 27.54
CA GLY A 403 14.09 4.55 27.10
C GLY A 403 15.20 3.98 26.25
N ASP A 404 15.43 2.66 26.33
CA ASP A 404 16.52 2.03 25.59
C ASP A 404 16.37 2.18 24.08
N SER A 405 17.50 2.52 23.42
CA SER A 405 17.56 2.58 21.96
C SER A 405 18.46 1.52 21.34
N SER A 406 19.25 0.81 22.13
CA SER A 406 20.24 -0.14 21.62
C SER A 406 19.84 -1.55 22.03
N ALA A 407 19.70 -2.43 21.04
CA ALA A 407 19.49 -3.85 21.31
C ALA A 407 20.79 -4.56 21.68
N LEU A 408 21.94 -4.01 21.31
CA LEU A 408 23.22 -4.61 21.68
C LEU A 408 23.47 -4.52 23.18
N ALA A 409 23.31 -3.32 23.75
CA ALA A 409 23.57 -3.07 25.17
C ALA A 409 22.39 -2.35 25.80
N PRO A 410 21.24 -3.04 25.96
CA PRO A 410 20.10 -2.44 26.67
C PRO A 410 20.37 -2.28 28.15
N GLY A 411 19.44 -1.67 28.88
CA GLY A 411 19.67 -1.30 30.26
C GLY A 411 19.29 -2.30 31.33
N GLY A 412 18.82 -3.50 30.96
CA GLY A 412 18.35 -4.41 31.99
C GLY A 412 18.53 -5.86 31.65
N VAL A 413 18.21 -6.70 32.64
CA VAL A 413 18.08 -8.13 32.43
C VAL A 413 16.68 -8.55 32.83
N ARG A 414 16.12 -9.47 32.06
CA ARG A 414 14.85 -10.11 32.38
C ARG A 414 15.14 -11.49 32.96
N ILE A 415 14.50 -11.81 34.09
CA ILE A 415 14.66 -13.10 34.75
C ILE A 415 13.28 -13.70 34.94
N GLY A 416 13.13 -14.98 34.60
CA GLY A 416 11.86 -15.67 34.77
C GLY A 416 12.02 -16.90 35.63
N ALA A 417 10.93 -17.30 36.26
CA ALA A 417 10.87 -18.48 37.11
C ALA A 417 10.35 -19.76 36.45
N PRO A 418 9.70 -19.75 35.26
CA PRO A 418 9.08 -21.01 34.78
C PRO A 418 10.01 -22.19 34.64
N ALA A 419 11.21 -21.99 34.09
CA ALA A 419 12.08 -23.10 33.76
C ALA A 419 12.61 -23.78 35.01
N MET A 420 13.15 -23.01 35.96
CA MET A 420 13.68 -23.71 37.11
C MET A 420 12.61 -24.14 38.07
N THR A 421 11.46 -23.46 38.08
CA THR A 421 10.32 -24.00 38.79
C THR A 421 9.98 -25.41 38.29
N SER A 422 10.02 -25.63 36.96
CA SER A 422 9.74 -26.95 36.41
C SER A 422 10.70 -28.01 36.94
N ARG A 423 11.92 -27.64 37.30
CA ARG A 423 12.86 -28.58 37.89
C ARG A 423 12.63 -28.79 39.38
N GLY A 424 11.54 -28.25 39.94
CA GLY A 424 11.16 -28.50 41.31
C GLY A 424 11.50 -27.41 42.31
N LEU A 425 12.15 -26.33 41.90
CA LEU A 425 12.65 -25.34 42.85
C LEU A 425 11.51 -24.58 43.51
N VAL A 426 11.70 -24.26 44.80
CA VAL A 426 10.74 -23.48 45.57
C VAL A 426 11.37 -22.16 45.99
N GLU A 427 10.69 -21.42 46.87
CA GLU A 427 11.09 -20.05 47.16
C GLU A 427 12.52 -19.96 47.67
N LYS A 428 12.89 -20.82 48.63
CA LYS A 428 14.25 -20.79 49.16
C LYS A 428 15.29 -21.00 48.07
N ASP A 429 15.02 -21.92 47.15
CA ASP A 429 15.94 -22.14 46.04
C ASP A 429 16.03 -20.89 45.17
N PHE A 430 14.92 -20.19 45.00
CA PHE A 430 14.97 -18.97 44.21
C PHE A 430 15.67 -17.85 44.96
N GLU A 431 15.63 -17.87 46.30
CA GLU A 431 16.43 -16.93 47.07
C GLU A 431 17.91 -17.21 46.91
N GLN A 432 18.28 -18.48 46.77
CA GLN A 432 19.66 -18.82 46.43
C GLN A 432 19.99 -18.40 45.00
N ILE A 433 19.04 -18.53 44.07
CA ILE A 433 19.26 -17.96 42.74
C ILE A 433 19.50 -16.46 42.85
N GLY A 434 18.67 -15.78 43.65
CA GLY A 434 18.91 -14.37 43.89
C GLY A 434 20.32 -14.12 44.40
N GLU A 435 20.75 -14.94 45.36
CA GLU A 435 22.10 -14.80 45.88
C GLU A 435 23.14 -14.97 44.78
N PHE A 436 22.94 -15.93 43.86
CA PHE A 436 23.90 -16.12 42.77
C PHE A 436 23.90 -14.92 41.83
N LEU A 437 22.72 -14.37 41.53
CA LEU A 437 22.66 -13.16 40.72
C LEU A 437 23.30 -11.98 41.43
N HIS A 438 23.08 -11.86 42.75
CA HIS A 438 23.75 -10.82 43.52
C HIS A 438 25.26 -10.94 43.39
N ARG A 439 25.80 -12.15 43.56
CA ARG A 439 27.22 -12.37 43.35
C ARG A 439 27.63 -12.01 41.92
N ALA A 440 26.88 -12.51 40.93
CA ALA A 440 27.23 -12.25 39.53
C ALA A 440 27.29 -10.75 39.25
N VAL A 441 26.35 -9.98 39.81
CA VAL A 441 26.34 -8.53 39.57
C VAL A 441 27.43 -7.83 40.37
N THR A 442 27.70 -8.28 41.60
CA THR A 442 28.79 -7.73 42.38
C THR A 442 30.12 -7.94 41.68
N LEU A 443 30.29 -9.10 41.04
CA LEU A 443 31.47 -9.34 40.23
C LEU A 443 31.50 -8.43 39.01
N THR A 444 30.35 -8.27 38.35
CA THR A 444 30.25 -7.40 37.18
C THR A 444 30.72 -5.99 37.50
N LEU A 445 30.23 -5.43 38.61
CA LEU A 445 30.60 -4.07 38.98
C LEU A 445 32.08 -3.99 39.34
N GLU A 446 32.60 -4.99 40.06
CA GLU A 446 34.02 -4.98 40.42
C GLU A 446 34.91 -5.06 39.17
N ILE A 447 34.52 -5.88 38.19
CA ILE A 447 35.26 -5.93 36.94
C ILE A 447 35.15 -4.59 36.20
N GLN A 448 34.02 -3.89 36.35
CA GLN A 448 33.86 -2.58 35.71
C GLN A 448 34.66 -1.49 36.42
N LYS A 449 34.67 -1.51 37.76
CA LYS A 449 35.40 -0.51 38.53
C LYS A 449 36.91 -0.65 38.40
N GLU A 450 37.39 -1.73 37.77
CA GLU A 450 38.82 -1.98 37.63
C GLU A 450 39.31 -1.97 36.19
N HIS A 451 38.46 -2.34 35.22
CA HIS A 451 38.90 -2.45 33.83
C HIS A 451 38.14 -1.54 32.86
N GLY A 452 37.20 -0.73 33.33
CA GLY A 452 36.56 0.28 32.52
C GLY A 452 35.15 -0.09 32.11
N LYS A 453 34.47 0.89 31.50
CA LYS A 453 33.11 0.70 31.00
C LYS A 453 33.05 0.37 29.52
N LEU A 454 34.10 0.67 28.75
CA LEU A 454 34.15 0.25 27.36
C LEU A 454 34.14 -1.27 27.28
N LEU A 455 33.47 -1.80 26.25
CA LEU A 455 33.14 -3.23 26.21
C LEU A 455 34.40 -4.10 26.23
N LYS A 456 35.29 -3.92 25.25
CA LYS A 456 36.46 -4.80 25.15
C LYS A 456 37.36 -4.68 26.37
N ASP A 457 37.40 -3.49 27.00
CA ASP A 457 38.17 -3.32 28.23
C ASP A 457 37.53 -4.06 29.40
N PHE A 458 36.20 -4.16 29.40
CA PHE A 458 35.52 -4.96 30.43
C PHE A 458 35.71 -6.45 30.19
N ASN A 459 35.82 -6.86 28.92
CA ASN A 459 36.13 -8.25 28.60
C ASN A 459 37.42 -8.72 29.26
N LYS A 460 38.36 -7.80 29.50
CA LYS A 460 39.64 -8.16 30.11
C LYS A 460 39.41 -8.85 31.47
N GLY A 461 38.52 -8.29 32.29
CA GLY A 461 38.22 -8.84 33.59
C GLY A 461 37.51 -10.19 33.58
N LEU A 462 37.20 -10.74 32.39
CA LEU A 462 36.52 -12.02 32.29
C LEU A 462 37.45 -13.20 32.09
N VAL A 463 38.61 -12.98 31.48
CA VAL A 463 39.54 -14.08 31.21
C VAL A 463 40.28 -14.44 32.49
N ASN A 464 40.29 -15.73 32.81
CA ASN A 464 40.99 -16.27 33.99
C ASN A 464 40.57 -15.54 35.26
N ASN A 465 39.27 -15.30 35.41
CA ASN A 465 38.73 -14.69 36.62
C ASN A 465 38.40 -15.78 37.63
N LYS A 466 39.15 -15.80 38.74
CA LYS A 466 38.96 -16.85 39.75
C LYS A 466 37.57 -16.78 40.37
N ALA A 467 37.06 -15.56 40.61
CA ALA A 467 35.75 -15.44 41.25
C ALA A 467 34.64 -15.96 40.34
N ILE A 468 34.81 -15.83 39.02
CA ILE A 468 33.86 -16.41 38.08
C ILE A 468 33.88 -17.94 38.21
N GLU A 469 35.07 -18.53 38.08
CA GLU A 469 35.20 -19.98 38.20
C GLU A 469 34.55 -20.50 39.47
N ASP A 470 34.77 -19.80 40.59
CA ASP A 470 34.15 -20.19 41.85
C ASP A 470 32.63 -20.04 41.81
N LEU A 471 32.12 -18.94 41.27
CA LEU A 471 30.67 -18.79 41.12
C LEU A 471 30.10 -19.83 40.18
N LYS A 472 30.76 -20.06 39.05
CA LYS A 472 30.37 -21.13 38.15
C LYS A 472 30.33 -22.46 38.89
N ALA A 473 31.39 -22.79 39.63
CA ALA A 473 31.39 -24.06 40.35
C ALA A 473 30.23 -24.14 41.33
N ASP A 474 29.92 -23.02 42.01
CA ASP A 474 28.81 -23.03 42.96
C ASP A 474 27.48 -23.21 42.23
N VAL A 475 27.34 -22.60 41.06
CA VAL A 475 26.11 -22.71 40.28
C VAL A 475 25.93 -24.14 39.78
N GLU A 476 26.99 -24.73 39.20
CA GLU A 476 26.85 -26.10 38.72
C GLU A 476 26.50 -27.04 39.87
N LYS A 477 27.16 -26.86 41.02
CA LYS A 477 26.87 -27.69 42.18
C LYS A 477 25.41 -27.59 42.57
N PHE A 478 24.90 -26.35 42.68
CA PHE A 478 23.50 -26.12 43.01
C PHE A 478 22.57 -26.75 41.98
N SER A 479 22.84 -26.55 40.69
CA SER A 479 21.92 -27.01 39.66
C SER A 479 21.79 -28.52 39.66
N ALA A 480 22.91 -29.22 39.83
CA ALA A 480 22.93 -30.67 39.76
C ALA A 480 22.13 -31.32 40.89
N THR A 481 21.74 -30.55 41.90
CA THR A 481 20.94 -31.09 43.00
C THR A 481 19.46 -31.21 42.66
N PHE A 482 19.02 -30.78 41.48
CA PHE A 482 17.60 -30.79 41.16
C PHE A 482 17.31 -31.75 40.02
N ASP A 483 16.07 -32.23 40.00
CA ASP A 483 15.59 -33.11 38.94
C ASP A 483 15.49 -32.36 37.61
N MET A 484 15.24 -33.13 36.55
CA MET A 484 15.22 -32.61 35.19
C MET A 484 14.13 -33.33 34.40
N PRO A 485 13.11 -32.64 33.91
CA PRO A 485 12.13 -33.30 33.06
C PRO A 485 12.65 -33.46 31.63
N GLY A 486 12.02 -34.37 30.90
CA GLY A 486 12.23 -34.46 29.47
C GLY A 486 13.04 -35.64 29.00
N PHE A 487 13.82 -36.24 29.90
N PHE A 487 13.46 -36.53 29.90
CA PHE A 487 14.90 -37.16 29.62
CA PHE A 487 13.90 -37.90 29.59
C PHE A 487 15.48 -37.54 30.97
C PHE A 487 12.93 -38.93 30.18
N LEU A 488 16.13 -38.70 31.02
N LEU A 488 13.11 -40.20 29.79
CA LEU A 488 16.72 -39.21 32.25
CA LEU A 488 12.28 -41.30 30.26
C LEU A 488 18.16 -38.75 32.38
C LEU A 488 12.83 -41.94 31.54
N VAL A 489 18.43 -37.99 33.45
N VAL A 489 11.99 -42.05 32.59
CA VAL A 489 19.82 -37.67 33.82
CA VAL A 489 12.41 -42.78 33.79
C VAL A 489 20.65 -38.94 33.91
C VAL A 489 12.46 -44.27 33.51
N SER A 490 20.07 -40.01 34.47
N SER A 490 13.47 -44.94 34.09
CA SER A 490 20.77 -41.26 34.69
CA SER A 490 13.73 -46.33 33.76
C SER A 490 21.15 -41.97 33.40
C SER A 490 12.55 -47.22 34.14
N GLU A 491 20.65 -41.52 32.25
N GLU A 491 11.96 -47.01 35.33
CA GLU A 491 21.00 -42.11 30.98
CA GLU A 491 10.88 -47.87 35.79
C GLU A 491 21.75 -41.16 30.05
C GLU A 491 9.65 -47.82 34.89
N MET A 492 21.96 -39.90 30.43
N MET A 492 9.55 -46.83 34.01
CA MET A 492 22.60 -38.96 29.52
CA MET A 492 8.40 -46.73 33.12
C MET A 492 24.09 -39.27 29.41
C MET A 492 8.64 -47.36 31.76
N LYS A 493 24.69 -38.80 28.30
N LYS A 493 9.77 -48.06 31.58
CA LYS A 493 26.07 -39.16 28.02
CA LYS A 493 10.02 -48.71 30.30
C LYS A 493 27.02 -38.53 29.02
C LYS A 493 9.03 -49.85 30.03
N TYR A 494 26.85 -37.24 29.32
N TYR A 494 8.37 -50.36 31.07
CA TYR A 494 27.77 -36.52 30.17
CA TYR A 494 7.46 -51.50 30.93
C TYR A 494 27.20 -36.33 31.57
C TYR A 494 6.33 -51.18 29.93
N ASN B 25 0.34 -28.42 46.01
CA ASN B 25 1.41 -29.43 45.92
C ASN B 25 1.82 -29.70 44.47
N MET B 26 3.09 -29.42 44.15
CA MET B 26 3.59 -29.66 42.80
C MET B 26 3.81 -31.16 42.60
N ASP B 27 3.51 -31.64 41.41
CA ASP B 27 3.84 -33.00 41.04
C ASP B 27 5.34 -33.21 41.17
N PRO B 28 5.79 -34.37 41.67
CA PRO B 28 7.19 -34.74 41.49
C PRO B 28 7.53 -34.63 40.01
N VAL B 29 8.78 -34.22 39.74
CA VAL B 29 9.21 -33.94 38.38
C VAL B 29 9.01 -35.16 37.48
N SER B 30 9.43 -36.33 37.94
CA SER B 30 9.34 -37.51 37.09
C SER B 30 7.90 -37.81 36.70
N VAL B 31 6.94 -37.49 37.58
CA VAL B 31 5.54 -37.89 37.36
C VAL B 31 4.97 -37.20 36.12
N TRP B 32 5.09 -35.87 36.04
CA TRP B 32 4.63 -35.21 34.82
C TRP B 32 5.72 -35.15 33.76
N GLY B 33 6.99 -35.08 34.16
CA GLY B 33 8.04 -34.67 33.27
C GLY B 33 8.87 -35.76 32.64
N ASN B 34 8.86 -36.94 33.26
CA ASN B 34 9.71 -38.04 32.81
C ASN B 34 8.93 -39.28 32.45
N THR B 35 7.66 -39.23 32.48
CA THR B 35 6.90 -40.43 32.18
C THR B 35 6.50 -40.48 30.70
N PRO B 36 6.36 -41.67 30.14
CA PRO B 36 6.14 -41.77 28.69
C PRO B 36 4.76 -41.28 28.30
N LEU B 37 4.65 -40.95 27.02
CA LEU B 37 3.37 -40.56 26.42
C LEU B 37 2.31 -41.63 26.65
N ALA B 38 2.69 -42.91 26.55
CA ALA B 38 1.72 -43.99 26.76
C ALA B 38 0.98 -43.83 28.08
N THR B 39 1.69 -43.38 29.12
CA THR B 39 1.10 -43.17 30.42
C THR B 39 0.46 -41.79 30.58
N VAL B 40 1.16 -40.74 30.16
CA VAL B 40 0.67 -39.38 30.40
C VAL B 40 -0.62 -39.14 29.61
N ASP B 41 -0.69 -39.66 28.40
CA ASP B 41 -1.77 -39.31 27.49
C ASP B 41 -2.08 -40.51 26.62
N PRO B 42 -2.79 -41.51 27.17
CA PRO B 42 -3.14 -42.70 26.37
C PRO B 42 -3.92 -42.36 25.11
N GLU B 43 -4.71 -41.29 25.15
CA GLU B 43 -5.52 -40.97 23.96
C GLU B 43 -4.63 -40.59 22.81
N ILE B 44 -3.72 -39.65 23.04
CA ILE B 44 -2.82 -39.22 21.98
C ILE B 44 -1.89 -40.35 21.58
N HIS B 45 -1.36 -41.07 22.58
CA HIS B 45 -0.53 -42.23 22.29
C HIS B 45 -1.23 -43.18 21.33
N ASP B 46 -2.48 -43.52 21.64
CA ASP B 46 -3.22 -44.44 20.79
C ASP B 46 -3.43 -43.88 19.38
N LEU B 47 -3.70 -42.57 19.28
CA LEU B 47 -3.89 -41.99 17.96
C LEU B 47 -2.61 -41.97 17.17
N ILE B 48 -1.47 -41.74 17.83
CA ILE B 48 -0.21 -41.80 17.11
C ILE B 48 0.08 -43.22 16.69
N GLU B 49 -0.29 -44.20 17.52
CA GLU B 49 -0.07 -45.61 17.15
C GLU B 49 -0.96 -46.01 15.98
N LYS B 50 -2.19 -45.50 15.94
CA LYS B 50 -3.07 -45.75 14.80
C LYS B 50 -2.50 -45.12 13.53
N GLU B 51 -1.95 -43.91 13.65
CA GLU B 51 -1.38 -43.25 12.48
C GLU B 51 -0.13 -43.99 11.99
N LYS B 52 0.64 -44.58 12.92
CA LYS B 52 1.80 -45.37 12.51
C LYS B 52 1.34 -46.61 11.76
N HIS B 53 0.26 -47.22 12.23
CA HIS B 53 -0.34 -48.35 11.53
C HIS B 53 -0.82 -47.90 10.16
N ARG B 54 -1.58 -46.81 10.11
CA ARG B 54 -2.10 -46.37 8.83
C ARG B 54 -0.96 -46.09 7.86
N GLN B 55 0.16 -45.59 8.37
CA GLN B 55 1.25 -45.24 7.47
C GLN B 55 1.89 -46.48 6.82
N CYS B 56 1.94 -47.63 7.49
CA CYS B 56 2.53 -48.82 6.87
CA CYS B 56 2.53 -48.80 6.84
C CYS B 56 1.52 -49.77 6.25
N ARG B 57 0.23 -49.56 6.46
CA ARG B 57 -0.75 -50.49 5.90
C ARG B 57 -1.44 -49.93 4.67
N GLY B 58 -0.93 -48.83 4.12
CA GLY B 58 -1.49 -48.26 2.91
C GLY B 58 -0.38 -47.89 1.93
N ILE B 59 -0.80 -47.36 0.79
CA ILE B 59 0.12 -46.82 -0.20
C ILE B 59 0.02 -45.31 -0.14
N GLU B 60 1.14 -44.67 0.21
CA GLU B 60 1.20 -43.23 0.42
C GLU B 60 1.77 -42.59 -0.85
N LEU B 61 0.90 -41.93 -1.62
CA LEU B 61 1.29 -41.39 -2.92
C LEU B 61 1.23 -39.87 -2.96
N ILE B 62 1.02 -39.20 -1.83
CA ILE B 62 1.08 -37.75 -1.83
C ILE B 62 2.51 -37.33 -2.17
N ALA B 63 2.67 -36.57 -3.27
CA ALA B 63 4.00 -36.27 -3.82
C ALA B 63 4.88 -35.47 -2.88
N SER B 64 4.29 -34.73 -1.94
CA SER B 64 5.03 -33.90 -1.00
C SER B 64 5.28 -34.60 0.33
N GLU B 65 4.94 -35.87 0.43
CA GLU B 65 5.11 -36.60 1.67
C GLU B 65 6.30 -37.54 1.54
N ASN B 66 6.87 -37.88 2.68
CA ASN B 66 7.95 -38.85 2.75
C ASN B 66 7.88 -39.52 4.12
N PHE B 67 8.75 -40.51 4.31
CA PHE B 67 8.93 -41.15 5.60
C PHE B 67 10.35 -40.86 6.03
N THR B 68 10.53 -39.96 6.99
CA THR B 68 11.88 -39.59 7.39
C THR B 68 12.45 -40.66 8.34
N SER B 69 13.73 -40.53 8.63
CA SER B 69 14.46 -41.56 9.36
C SER B 69 14.21 -41.49 10.86
N PHE B 70 14.43 -42.62 11.54
CA PHE B 70 14.33 -42.62 12.98
C PHE B 70 15.34 -41.66 13.59
N ALA B 71 16.52 -41.54 12.98
CA ALA B 71 17.54 -40.61 13.45
C ALA B 71 17.06 -39.16 13.35
N VAL B 72 16.43 -38.79 12.23
CA VAL B 72 15.83 -37.47 12.13
C VAL B 72 14.83 -37.27 13.26
N ILE B 73 13.96 -38.27 13.45
CA ILE B 73 12.91 -38.16 14.45
C ILE B 73 13.50 -38.03 15.86
N GLU B 74 14.56 -38.79 16.16
CA GLU B 74 15.19 -38.67 17.47
C GLU B 74 15.71 -37.26 17.74
N ALA B 75 16.20 -36.56 16.72
CA ALA B 75 16.64 -35.18 16.96
C ALA B 75 15.45 -34.24 17.05
N LEU B 76 14.42 -34.52 16.25
CA LEU B 76 13.20 -33.72 16.29
C LEU B 76 12.55 -33.78 17.66
N GLY B 77 12.46 -34.97 18.24
CA GLY B 77 11.89 -35.08 19.55
C GLY B 77 12.98 -35.04 20.60
N SER B 78 13.46 -33.84 20.95
CA SER B 78 14.62 -33.76 21.81
C SER B 78 14.59 -32.48 22.62
N ALA B 79 15.47 -32.44 23.63
CA ALA B 79 15.67 -31.27 24.46
C ALA B 79 16.01 -30.01 23.66
N LEU B 80 16.38 -30.15 22.38
CA LEU B 80 16.61 -28.96 21.58
C LEU B 80 15.39 -28.04 21.57
N THR B 81 14.19 -28.58 21.78
CA THR B 81 12.99 -27.76 21.78
C THR B 81 12.95 -26.75 22.93
N ASN B 82 13.80 -26.91 23.95
CA ASN B 82 13.73 -26.07 25.13
C ASN B 82 14.41 -24.71 24.98
N LYS B 83 15.24 -24.51 23.96
CA LYS B 83 16.16 -23.38 23.96
C LYS B 83 15.68 -22.24 23.06
N TYR B 84 15.68 -21.02 23.62
CA TYR B 84 15.50 -19.81 22.82
C TYR B 84 16.85 -19.31 22.31
N SER B 85 16.95 -19.05 21.01
CA SER B 85 18.23 -18.76 20.39
C SER B 85 18.07 -17.76 19.24
N GLU B 86 17.31 -16.70 19.48
CA GLU B 86 17.10 -15.73 18.41
C GLU B 86 18.43 -15.12 17.98
N GLY B 87 18.55 -14.88 16.68
CA GLY B 87 19.74 -14.33 16.10
C GLY B 87 20.42 -15.34 15.21
N MET B 88 21.72 -15.18 15.08
CA MET B 88 22.59 -16.07 14.33
C MET B 88 23.60 -16.68 15.28
N PRO B 89 24.20 -17.82 14.92
CA PRO B 89 25.33 -18.34 15.70
C PRO B 89 26.38 -17.26 15.95
N GLY B 90 26.86 -17.20 17.19
CA GLY B 90 27.82 -16.18 17.60
C GLY B 90 27.27 -14.77 17.76
N ASN B 91 25.98 -14.54 17.45
CA ASN B 91 25.31 -13.24 17.53
C ASN B 91 23.85 -13.51 17.93
N ARG B 92 23.66 -13.92 19.18
CA ARG B 92 22.35 -14.29 19.71
C ARG B 92 21.84 -13.22 20.65
N TYR B 93 20.54 -13.30 20.96
CA TYR B 93 19.88 -12.43 21.93
C TYR B 93 19.68 -13.10 23.29
N TYR B 94 20.22 -14.30 23.48
CA TYR B 94 20.08 -15.07 24.70
C TYR B 94 21.43 -15.71 25.01
N GLY B 95 21.72 -15.88 26.29
CA GLY B 95 22.85 -16.71 26.66
C GLY B 95 22.55 -18.20 26.47
N GLY B 96 23.59 -19.00 26.68
CA GLY B 96 23.44 -20.45 26.72
C GLY B 96 23.45 -21.17 25.39
N ASN B 97 23.89 -20.52 24.31
CA ASN B 97 23.80 -21.12 22.99
C ASN B 97 25.11 -21.73 22.50
N GLU B 98 26.01 -22.11 23.40
CA GLU B 98 27.26 -22.74 23.00
C GLU B 98 27.04 -23.92 22.05
N PHE B 99 26.05 -24.75 22.33
CA PHE B 99 25.86 -25.94 21.53
C PHE B 99 24.82 -25.76 20.44
N ILE B 100 23.77 -24.98 20.70
CA ILE B 100 22.86 -24.58 19.62
C ILE B 100 23.62 -23.97 18.45
N ASP B 101 24.65 -23.17 18.75
CA ASP B 101 25.41 -22.52 17.68
C ASP B 101 26.16 -23.54 16.85
N GLN B 102 26.77 -24.52 17.51
CA GLN B 102 27.45 -25.58 16.79
C GLN B 102 26.47 -26.41 15.96
N ILE B 103 25.27 -26.66 16.48
CA ILE B 103 24.29 -27.43 15.72
C ILE B 103 23.82 -26.63 14.51
N GLU B 104 23.50 -25.36 14.70
CA GLU B 104 23.04 -24.58 13.56
C GLU B 104 24.18 -24.39 12.56
N ASN B 105 25.38 -24.08 13.05
CA ASN B 105 26.54 -23.98 12.16
C ASN B 105 26.72 -25.25 11.35
N LEU B 106 26.68 -26.41 12.03
CA LEU B 106 26.79 -27.67 11.34
C LEU B 106 25.68 -27.83 10.30
N CYS B 107 24.45 -27.48 10.67
CA CYS B 107 23.30 -27.64 9.77
C CYS B 107 23.49 -26.82 8.51
N ARG B 108 23.93 -25.57 8.66
CA ARG B 108 24.17 -24.69 7.52
C ARG B 108 25.29 -25.22 6.64
N SER B 109 26.37 -25.73 7.25
CA SER B 109 27.47 -26.24 6.44
CA SER B 109 27.47 -26.26 6.47
C SER B 109 27.03 -27.48 5.68
N ARG B 110 26.24 -28.37 6.29
CA ARG B 110 25.81 -29.56 5.58
C ARG B 110 24.80 -29.23 4.49
N ALA B 111 24.02 -28.17 4.69
CA ALA B 111 23.11 -27.69 3.65
C ALA B 111 23.88 -27.30 2.40
N LEU B 112 24.92 -26.47 2.56
CA LEU B 112 25.74 -26.09 1.43
C LEU B 112 26.38 -27.31 0.79
N GLN B 113 26.90 -28.22 1.62
CA GLN B 113 27.56 -29.41 1.10
C GLN B 113 26.57 -30.29 0.34
N ALA B 114 25.35 -30.44 0.88
CA ALA B 114 24.36 -31.30 0.23
C ALA B 114 24.06 -30.85 -1.19
N PHE B 115 24.12 -29.55 -1.43
CA PHE B 115 23.80 -29.00 -2.74
C PHE B 115 25.04 -28.56 -3.49
N HIS B 116 26.23 -28.96 -3.01
CA HIS B 116 27.49 -28.85 -3.75
C HIS B 116 27.81 -27.39 -4.04
N LEU B 117 27.70 -26.57 -3.00
CA LEU B 117 27.84 -25.13 -3.09
C LEU B 117 29.13 -24.67 -2.43
N ASP B 118 29.77 -23.70 -3.06
CA ASP B 118 30.94 -23.05 -2.51
C ASP B 118 30.46 -22.01 -1.50
N ALA B 119 30.95 -22.07 -0.26
CA ALA B 119 30.50 -21.14 0.77
C ALA B 119 30.92 -19.69 0.52
N GLN B 120 31.95 -19.43 -0.31
CA GLN B 120 32.19 -18.06 -0.71
C GLN B 120 31.12 -17.56 -1.67
N SER B 121 30.41 -18.46 -2.37
CA SER B 121 29.42 -18.05 -3.35
CA SER B 121 29.43 -18.08 -3.36
C SER B 121 27.99 -18.28 -2.90
N TRP B 122 27.76 -19.02 -1.82
CA TRP B 122 26.41 -19.30 -1.37
C TRP B 122 26.37 -19.29 0.15
N GLY B 123 25.32 -18.68 0.70
CA GLY B 123 24.99 -18.84 2.10
C GLY B 123 23.61 -19.49 2.20
N VAL B 124 23.25 -19.86 3.41
CA VAL B 124 21.95 -20.48 3.67
C VAL B 124 21.49 -20.05 5.06
N ASN B 125 20.16 -19.89 5.20
CA ASN B 125 19.51 -19.67 6.49
C ASN B 125 18.58 -20.85 6.69
N VAL B 126 18.78 -21.56 7.81
CA VAL B 126 18.05 -22.79 8.08
C VAL B 126 17.02 -22.61 9.18
N GLN B 127 16.68 -21.37 9.53
CA GLN B 127 15.67 -21.10 10.56
C GLN B 127 14.21 -21.07 10.09
N PRO B 128 13.88 -20.89 8.80
CA PRO B 128 12.46 -20.85 8.44
C PRO B 128 11.71 -22.07 8.97
N TYR B 129 10.51 -21.83 9.53
CA TYR B 129 9.77 -22.91 10.17
C TYR B 129 9.33 -23.97 9.17
N SER B 130 9.03 -23.59 7.94
CA SER B 130 8.49 -24.51 6.96
C SER B 130 8.70 -23.84 5.60
N GLY B 131 8.17 -24.43 4.54
CA GLY B 131 8.44 -23.88 3.22
C GLY B 131 7.78 -22.54 3.00
N SER B 132 6.51 -22.42 3.35
CA SER B 132 5.81 -21.15 3.17
C SER B 132 6.45 -20.02 3.95
N PRO B 133 6.85 -20.19 5.22
CA PRO B 133 7.61 -19.12 5.86
C PRO B 133 8.93 -18.81 5.17
N ALA B 134 9.61 -19.83 4.63
CA ALA B 134 10.85 -19.57 3.89
C ALA B 134 10.62 -18.65 2.70
N ASN B 135 9.59 -18.93 1.89
CA ASN B 135 9.31 -18.10 0.73
C ASN B 135 8.92 -16.68 1.15
N PHE B 136 8.05 -16.57 2.15
CA PHE B 136 7.60 -15.22 2.52
C PHE B 136 8.74 -14.40 3.12
N ALA B 137 9.68 -15.06 3.80
CA ALA B 137 10.89 -14.40 4.27
C ALA B 137 11.79 -14.02 3.12
N ALA B 138 11.98 -14.92 2.15
CA ALA B 138 12.81 -14.56 1.00
C ALA B 138 12.21 -13.38 0.26
N TYR B 139 10.87 -13.34 0.12
CA TYR B 139 10.23 -12.22 -0.54
C TYR B 139 10.41 -10.94 0.26
N THR B 140 10.22 -11.04 1.58
CA THR B 140 10.29 -9.87 2.44
C THR B 140 11.72 -9.30 2.45
N ALA B 141 12.71 -10.17 2.33
CA ALA B 141 14.11 -9.72 2.26
C ALA B 141 14.34 -8.80 1.07
N VAL B 142 13.85 -9.19 -0.11
CA VAL B 142 14.24 -8.52 -1.34
C VAL B 142 13.14 -7.65 -1.94
N LEU B 143 11.92 -7.71 -1.41
CA LEU B 143 10.81 -6.93 -1.94
C LEU B 143 10.27 -6.00 -0.88
N ASN B 144 9.79 -4.83 -1.33
CA ASN B 144 8.93 -3.98 -0.52
C ASN B 144 7.49 -4.43 -0.69
N PRO B 145 6.58 -4.02 0.20
CA PRO B 145 5.17 -4.40 0.01
C PRO B 145 4.69 -3.89 -1.34
N HIS B 146 3.91 -4.73 -2.03
CA HIS B 146 3.27 -4.45 -3.30
C HIS B 146 4.21 -4.52 -4.48
N ASP B 147 5.48 -4.88 -4.29
CA ASP B 147 6.35 -5.13 -5.43
C ASP B 147 5.82 -6.33 -6.23
N ARG B 148 6.30 -6.42 -7.47
CA ARG B 148 5.73 -7.32 -8.45
C ARG B 148 6.49 -8.62 -8.50
N ILE B 149 5.76 -9.73 -8.43
CA ILE B 149 6.34 -11.06 -8.53
C ILE B 149 5.64 -11.83 -9.62
N MET B 150 6.35 -12.83 -10.14
CA MET B 150 5.85 -13.67 -11.22
C MET B 150 6.24 -15.11 -10.91
N GLY B 151 5.25 -15.98 -10.66
CA GLY B 151 5.50 -17.39 -10.41
C GLY B 151 4.57 -18.26 -11.24
N LEU B 152 4.86 -19.58 -11.24
CA LEU B 152 4.01 -20.50 -11.98
C LEU B 152 2.60 -20.49 -11.41
N ASP B 153 1.62 -20.24 -12.29
CA ASP B 153 0.22 -20.29 -11.88
C ASP B 153 -0.09 -21.62 -11.20
N LEU B 154 -0.92 -21.55 -10.16
CA LEU B 154 -1.20 -22.77 -9.40
C LEU B 154 -1.80 -23.86 -10.28
N PRO B 155 -2.82 -23.61 -11.12
CA PRO B 155 -3.36 -24.69 -11.96
C PRO B 155 -2.39 -25.20 -12.98
N SER B 156 -1.33 -24.44 -13.29
CA SER B 156 -0.23 -24.86 -14.13
C SER B 156 0.85 -25.64 -13.38
N GLY B 157 0.74 -25.76 -12.05
CA GLY B 157 1.74 -26.48 -11.28
C GLY B 157 2.46 -25.68 -10.21
N GLY B 158 2.20 -24.38 -10.03
CA GLY B 158 2.96 -23.61 -9.07
C GLY B 158 2.35 -23.67 -7.68
N HIS B 159 3.10 -23.18 -6.71
CA HIS B 159 2.67 -23.27 -5.32
C HIS B 159 1.86 -22.05 -4.91
N LEU B 160 1.00 -22.26 -3.91
CA LEU B 160 0.30 -21.19 -3.21
C LEU B 160 1.16 -19.94 -3.07
N THR B 161 2.34 -20.09 -2.48
CA THR B 161 3.17 -18.96 -2.12
C THR B 161 3.91 -18.36 -3.29
N HIS B 162 3.61 -18.77 -4.52
CA HIS B 162 4.17 -18.14 -5.71
C HIS B 162 3.25 -17.07 -6.27
N GLY B 163 2.39 -16.51 -5.45
CA GLY B 163 1.52 -15.43 -5.87
C GLY B 163 0.13 -15.88 -6.26
N TYR B 164 -0.40 -16.94 -5.65
CA TYR B 164 -1.63 -17.54 -6.13
C TYR B 164 -2.84 -16.66 -5.87
N TYR B 165 -3.52 -16.28 -6.94
CA TYR B 165 -4.89 -15.82 -6.90
C TYR B 165 -5.66 -16.56 -7.99
N THR B 166 -6.97 -16.71 -7.79
CA THR B 166 -7.74 -17.55 -8.68
C THR B 166 -8.01 -16.85 -10.01
N SER B 167 -8.38 -17.65 -11.01
CA SER B 167 -8.79 -17.09 -12.29
C SER B 167 -9.97 -16.14 -12.15
N GLY B 168 -10.71 -16.23 -11.04
CA GLY B 168 -11.77 -15.29 -10.71
C GLY B 168 -11.31 -14.05 -9.98
N GLY B 169 -10.00 -13.83 -9.88
CA GLY B 169 -9.47 -12.65 -9.21
C GLY B 169 -9.40 -12.74 -7.70
N LYS B 170 -9.70 -13.90 -7.11
CA LYS B 170 -9.75 -13.97 -5.66
C LYS B 170 -8.34 -14.20 -5.14
N LYS B 171 -7.88 -13.29 -4.29
CA LYS B 171 -6.56 -13.41 -3.69
C LYS B 171 -6.60 -14.51 -2.64
N ILE B 172 -5.75 -15.52 -2.81
CA ILE B 172 -5.72 -16.68 -1.92
C ILE B 172 -4.47 -16.67 -1.06
N SER B 173 -3.29 -16.75 -1.67
CA SER B 173 -2.06 -16.64 -0.89
C SER B 173 -1.85 -15.22 -0.43
N ALA B 174 -1.33 -15.09 0.80
CA ALA B 174 -0.85 -13.80 1.25
C ALA B 174 0.22 -13.24 0.32
N THR B 175 0.87 -14.11 -0.49
CA THR B 175 1.85 -13.61 -1.43
C THR B 175 1.18 -12.92 -2.62
N SER B 176 -0.15 -13.01 -2.75
CA SER B 176 -0.86 -12.15 -3.69
C SER B 176 -1.49 -10.92 -3.03
N ILE B 177 -1.43 -10.84 -1.71
CA ILE B 177 -1.94 -9.69 -0.95
CA ILE B 177 -1.95 -9.68 -0.98
C ILE B 177 -0.85 -8.67 -0.68
N TYR B 178 0.26 -9.12 -0.11
CA TYR B 178 1.31 -8.20 0.26
C TYR B 178 2.25 -7.91 -0.89
N PHE B 179 2.16 -8.68 -1.97
CA PHE B 179 2.90 -8.43 -3.20
C PHE B 179 1.91 -8.45 -4.36
N GLU B 180 2.36 -7.91 -5.48
CA GLU B 180 1.58 -7.88 -6.72
C GLU B 180 2.03 -9.04 -7.61
N SER B 181 1.16 -10.01 -7.79
CA SER B 181 1.46 -11.24 -8.49
C SER B 181 0.92 -11.19 -9.92
N LEU B 182 1.71 -11.65 -10.88
CA LEU B 182 1.19 -11.97 -12.20
C LEU B 182 1.67 -13.36 -12.59
N PRO B 183 0.88 -14.39 -12.38
CA PRO B 183 1.33 -15.76 -12.67
C PRO B 183 1.59 -15.96 -14.16
N TYR B 184 2.53 -16.86 -14.45
CA TYR B 184 2.76 -17.38 -15.80
C TYR B 184 2.27 -18.82 -15.88
N LYS B 185 1.98 -19.27 -17.10
CA LYS B 185 1.25 -20.51 -17.27
C LYS B 185 2.01 -21.47 -18.17
N VAL B 186 1.57 -22.73 -18.12
CA VAL B 186 2.01 -23.72 -19.09
C VAL B 186 1.20 -23.56 -20.37
N ASN B 187 1.73 -24.14 -21.45
CA ASN B 187 0.98 -24.28 -22.69
C ASN B 187 -0.27 -25.11 -22.47
N SER B 188 -1.39 -24.62 -22.98
CA SER B 188 -2.68 -25.27 -22.76
C SER B 188 -2.75 -26.66 -23.36
N THR B 189 -2.06 -26.92 -24.48
CA THR B 189 -2.12 -28.24 -25.10
C THR B 189 -1.02 -29.17 -24.59
N THR B 190 0.22 -28.69 -24.54
CA THR B 190 1.38 -29.52 -24.22
C THR B 190 1.64 -29.67 -22.73
N GLY B 191 1.23 -28.70 -21.91
CA GLY B 191 1.50 -28.74 -20.48
C GLY B 191 2.88 -28.30 -20.07
N TYR B 192 3.76 -27.97 -21.01
CA TYR B 192 5.07 -27.43 -20.66
C TYR B 192 4.99 -25.91 -20.49
N ILE B 193 5.86 -25.38 -19.63
CA ILE B 193 5.91 -23.93 -19.40
C ILE B 193 6.05 -23.21 -20.72
N ASP B 194 5.23 -22.18 -20.93
CA ASP B 194 5.32 -21.37 -22.15
C ASP B 194 6.32 -20.28 -21.87
N TYR B 195 7.59 -20.55 -22.21
CA TYR B 195 8.65 -19.60 -21.92
C TYR B 195 8.48 -18.31 -22.73
N ASP B 196 8.06 -18.39 -24.00
CA ASP B 196 7.86 -17.16 -24.78
C ASP B 196 6.81 -16.25 -24.14
N ARG B 197 5.69 -16.82 -23.69
CA ARG B 197 4.66 -16.02 -23.05
C ARG B 197 5.16 -15.44 -21.74
N LEU B 198 5.93 -16.23 -20.99
CA LEU B 198 6.51 -15.74 -19.75
C LEU B 198 7.39 -14.54 -20.00
N GLU B 199 8.25 -14.62 -21.01
CA GLU B 199 9.11 -13.49 -21.33
C GLU B 199 8.29 -12.28 -21.77
N GLU B 200 7.29 -12.50 -22.63
CA GLU B 200 6.45 -11.40 -23.07
C GLU B 200 5.74 -10.75 -21.89
N LYS B 201 5.17 -11.57 -21.02
CA LYS B 201 4.51 -11.05 -19.83
C LYS B 201 5.48 -10.32 -18.93
N ALA B 202 6.65 -10.92 -18.70
CA ALA B 202 7.64 -10.30 -17.81
C ALA B 202 8.05 -8.94 -18.34
N LEU B 203 8.19 -8.81 -19.66
CA LEU B 203 8.63 -7.53 -20.21
C LEU B 203 7.55 -6.46 -20.10
N ASP B 204 6.27 -6.84 -20.07
CA ASP B 204 5.22 -5.84 -19.88
C ASP B 204 4.98 -5.55 -18.40
N PHE B 205 4.97 -6.59 -17.57
CA PHE B 205 4.64 -6.47 -16.16
C PHE B 205 5.82 -5.94 -15.34
N ARG B 206 7.05 -6.23 -15.79
CA ARG B 206 8.29 -5.83 -15.14
C ARG B 206 8.34 -6.26 -13.67
N PRO B 207 8.39 -7.55 -13.38
CA PRO B 207 8.41 -7.99 -11.98
C PRO B 207 9.75 -7.68 -11.35
N LYS B 208 9.71 -7.45 -10.02
CA LYS B 208 10.94 -7.36 -9.27
C LYS B 208 11.53 -8.76 -9.04
N LEU B 209 10.69 -9.77 -9.03
CA LEU B 209 11.12 -11.12 -8.71
C LEU B 209 10.38 -12.11 -9.59
N ILE B 210 11.12 -13.02 -10.22
CA ILE B 210 10.54 -14.15 -10.96
C ILE B 210 10.82 -15.42 -10.16
N ILE B 211 9.79 -16.24 -9.96
CA ILE B 211 9.87 -17.45 -9.17
C ILE B 211 9.74 -18.65 -10.11
N CYS B 212 10.62 -19.63 -9.94
CA CYS B 212 10.50 -20.92 -10.61
C CYS B 212 10.57 -22.00 -9.54
N GLY B 213 10.32 -23.22 -9.96
CA GLY B 213 10.02 -24.26 -9.00
C GLY B 213 8.52 -24.44 -8.91
N GLY B 214 8.09 -25.66 -8.62
CA GLY B 214 6.66 -25.88 -8.62
C GLY B 214 6.27 -26.98 -7.67
N SER B 215 4.96 -27.17 -7.56
CA SER B 215 4.39 -28.20 -6.71
C SER B 215 3.77 -29.33 -7.50
N ALA B 216 3.38 -29.09 -8.75
CA ALA B 216 2.66 -30.08 -9.53
C ALA B 216 3.08 -30.01 -10.98
N TYR B 217 4.34 -29.71 -11.23
CA TYR B 217 4.87 -29.65 -12.57
C TYR B 217 5.77 -30.85 -12.77
N PRO B 218 5.50 -31.71 -13.75
CA PRO B 218 6.20 -33.00 -13.85
C PRO B 218 7.50 -32.96 -14.64
N ARG B 219 8.01 -31.80 -15.00
CA ARG B 219 9.16 -31.71 -15.88
C ARG B 219 10.24 -30.88 -15.23
N ASP B 220 11.43 -30.94 -15.83
CA ASP B 220 12.49 -30.10 -15.32
C ASP B 220 12.33 -28.68 -15.83
N TRP B 221 13.14 -27.80 -15.27
CA TRP B 221 13.03 -26.36 -15.47
C TRP B 221 14.22 -25.91 -16.29
N ASP B 222 13.96 -25.09 -17.32
CA ASP B 222 15.03 -24.50 -18.12
C ASP B 222 15.50 -23.26 -17.38
N TYR B 223 16.29 -23.48 -16.34
CA TYR B 223 16.75 -22.38 -15.49
C TYR B 223 17.56 -21.37 -16.29
N LYS B 224 18.38 -21.86 -17.22
CA LYS B 224 19.15 -20.94 -18.06
C LYS B 224 18.22 -19.96 -18.78
N ARG B 225 17.09 -20.47 -19.28
CA ARG B 225 16.13 -19.60 -19.93
C ARG B 225 15.47 -18.63 -18.94
N PHE B 226 15.20 -19.11 -17.72
CA PHE B 226 14.67 -18.23 -16.68
C PHE B 226 15.64 -17.10 -16.36
N ARG B 227 16.93 -17.40 -16.34
CA ARG B 227 17.96 -16.38 -16.15
C ARG B 227 17.96 -15.36 -17.29
N GLU B 228 17.92 -15.80 -18.54
CA GLU B 228 17.89 -14.85 -19.66
C GLU B 228 16.69 -13.93 -19.55
N ILE B 229 15.52 -14.51 -19.29
CA ILE B 229 14.30 -13.72 -19.12
C ILE B 229 14.47 -12.72 -17.99
N ALA B 230 14.99 -13.20 -16.85
CA ALA B 230 15.12 -12.33 -15.69
C ALA B 230 16.08 -11.17 -15.98
N ASP B 231 17.12 -11.42 -16.78
CA ASP B 231 18.06 -10.36 -17.13
C ASP B 231 17.41 -9.33 -18.05
N LYS B 232 16.64 -9.79 -19.03
CA LYS B 232 15.98 -8.87 -19.95
C LYS B 232 15.06 -7.90 -19.22
N CYS B 233 14.45 -8.33 -18.11
CA CYS B 233 13.46 -7.49 -17.47
C CYS B 233 13.93 -6.93 -16.12
N GLY B 234 15.20 -7.11 -15.78
CA GLY B 234 15.73 -6.58 -14.55
C GLY B 234 15.32 -7.29 -13.27
N ALA B 235 14.84 -8.53 -13.36
CA ALA B 235 14.24 -9.19 -12.21
C ALA B 235 15.27 -10.04 -11.46
N LEU B 236 15.03 -10.21 -10.18
CA LEU B 236 15.67 -11.29 -9.43
C LEU B 236 15.07 -12.63 -9.82
N LEU B 237 15.86 -13.69 -9.67
CA LEU B 237 15.43 -15.04 -10.01
C LEU B 237 15.57 -15.93 -8.78
N LEU B 238 14.44 -16.47 -8.33
CA LEU B 238 14.36 -17.32 -7.15
C LEU B 238 13.77 -18.64 -7.60
N CYS B 239 14.38 -19.74 -7.18
CA CYS B 239 13.81 -21.06 -7.40
C CYS B 239 13.35 -21.64 -6.08
N ASP B 240 12.11 -22.12 -6.06
CA ASP B 240 11.56 -22.87 -4.94
C ASP B 240 11.66 -24.35 -5.30
N MET B 241 12.70 -25.02 -4.81
CA MET B 241 12.89 -26.42 -5.14
C MET B 241 12.31 -27.37 -4.10
N ALA B 242 11.31 -26.94 -3.32
CA ALA B 242 10.73 -27.78 -2.28
C ALA B 242 10.53 -29.23 -2.73
N HIS B 243 9.89 -29.43 -3.89
CA HIS B 243 9.49 -30.78 -4.24
C HIS B 243 10.68 -31.63 -4.64
N THR B 244 11.61 -31.07 -5.40
CA THR B 244 12.68 -31.85 -6.00
C THR B 244 14.02 -31.68 -5.30
N SER B 245 14.05 -30.97 -4.16
CA SER B 245 15.31 -30.72 -3.47
C SER B 245 16.10 -32.00 -3.25
N GLY B 246 15.42 -33.10 -2.96
CA GLY B 246 16.11 -34.36 -2.81
C GLY B 246 16.79 -34.77 -4.11
N LEU B 247 16.10 -34.58 -5.24
CA LEU B 247 16.70 -34.92 -6.53
C LEU B 247 17.84 -33.97 -6.89
N VAL B 248 17.73 -32.69 -6.50
CA VAL B 248 18.80 -31.74 -6.71
C VAL B 248 20.03 -32.11 -5.91
N ALA B 249 19.84 -32.41 -4.62
CA ALA B 249 20.97 -32.81 -3.80
C ALA B 249 21.68 -34.02 -4.39
N ALA B 250 20.92 -34.97 -4.95
CA ALA B 250 21.48 -36.14 -5.61
C ALA B 250 21.92 -35.87 -7.04
N GLN B 251 21.77 -34.63 -7.51
CA GLN B 251 22.18 -34.24 -8.86
C GLN B 251 21.46 -35.05 -9.92
N GLU B 252 20.18 -35.34 -9.68
CA GLU B 252 19.37 -36.09 -10.61
C GLU B 252 18.45 -35.20 -11.44
N VAL B 253 18.44 -33.89 -11.20
CA VAL B 253 17.71 -32.93 -12.01
C VAL B 253 18.58 -31.69 -12.17
N ASN B 254 18.13 -30.75 -13.01
CA ASN B 254 18.86 -29.50 -13.17
C ASN B 254 19.01 -28.80 -11.82
N SER B 255 20.20 -28.27 -11.59
CA SER B 255 20.45 -27.51 -10.37
C SER B 255 20.02 -26.06 -10.56
N PRO B 256 19.10 -25.53 -9.73
CA PRO B 256 18.75 -24.11 -9.87
C PRO B 256 19.87 -23.18 -9.48
N PHE B 257 20.83 -23.64 -8.68
CA PHE B 257 21.87 -22.77 -8.14
C PHE B 257 22.78 -22.22 -9.23
N GLU B 258 22.82 -22.84 -10.41
CA GLU B 258 23.67 -22.33 -11.47
C GLU B 258 23.18 -20.98 -12.00
N TYR B 259 21.87 -20.73 -11.92
CA TYR B 259 21.31 -19.54 -12.54
C TYR B 259 20.48 -18.66 -11.63
N CYS B 260 20.11 -19.11 -10.44
CA CYS B 260 19.18 -18.35 -9.60
C CYS B 260 19.94 -17.56 -8.53
N ASP B 261 19.38 -16.40 -8.18
CA ASP B 261 19.94 -15.59 -7.10
C ASP B 261 19.65 -16.20 -5.74
N ILE B 262 18.48 -16.80 -5.60
CA ILE B 262 17.96 -17.30 -4.33
C ILE B 262 17.33 -18.66 -4.61
N VAL B 263 17.52 -19.60 -3.69
CA VAL B 263 16.81 -20.86 -3.78
C VAL B 263 16.19 -21.14 -2.43
N THR B 264 14.88 -21.30 -2.40
CA THR B 264 14.19 -21.72 -1.20
C THR B 264 13.85 -23.20 -1.33
N THR B 265 13.61 -23.82 -0.18
CA THR B 265 13.21 -25.22 -0.19
C THR B 265 12.58 -25.56 1.14
N THR B 266 11.72 -26.56 1.12
CA THR B 266 11.35 -27.31 2.29
C THR B 266 12.33 -28.45 2.48
N THR B 267 12.26 -29.12 3.62
CA THR B 267 13.17 -30.22 3.86
C THR B 267 12.49 -31.55 4.09
N HIS B 268 11.15 -31.60 4.12
CA HIS B 268 10.44 -32.83 4.43
C HIS B 268 9.91 -33.57 3.21
N LYS B 269 10.17 -33.09 2.00
CA LYS B 269 9.59 -33.73 0.83
CA LYS B 269 9.61 -33.74 0.84
C LYS B 269 10.60 -34.77 0.31
N SER B 270 10.97 -34.68 -0.96
CA SER B 270 11.93 -35.63 -1.52
C SER B 270 13.27 -35.57 -0.79
N LEU B 271 13.54 -34.50 -0.05
CA LEU B 271 14.77 -34.43 0.73
C LEU B 271 14.70 -35.32 1.97
N ARG B 272 13.51 -35.77 2.37
CA ARG B 272 13.32 -36.79 3.39
C ARG B 272 13.77 -36.33 4.78
N GLY B 273 13.62 -35.05 5.08
CA GLY B 273 14.02 -34.55 6.36
C GLY B 273 12.85 -34.19 7.24
N PRO B 274 13.13 -33.38 8.25
CA PRO B 274 12.05 -32.84 9.08
C PRO B 274 11.27 -31.81 8.27
N ARG B 275 10.15 -31.35 8.83
CA ARG B 275 9.43 -30.22 8.27
C ARG B 275 10.14 -28.94 8.68
N ALA B 276 10.76 -28.29 7.71
CA ALA B 276 11.49 -27.05 7.91
C ALA B 276 11.67 -26.41 6.54
N GLY B 277 12.21 -25.20 6.54
CA GLY B 277 12.54 -24.52 5.31
C GLY B 277 13.96 -24.02 5.36
N MET B 278 14.43 -23.54 4.21
CA MET B 278 15.82 -23.21 4.06
C MET B 278 15.82 -22.11 3.00
N ILE B 279 16.64 -21.07 3.17
CA ILE B 279 16.81 -20.07 2.12
C ILE B 279 18.28 -19.98 1.77
N PHE B 280 18.61 -20.33 0.52
CA PHE B 280 19.95 -20.19 -0.03
C PHE B 280 20.01 -18.88 -0.80
N TYR B 281 21.16 -18.21 -0.73
CA TYR B 281 21.35 -16.92 -1.40
C TYR B 281 22.79 -16.84 -1.88
N ARG B 282 23.00 -16.20 -3.03
CA ARG B 282 24.36 -15.98 -3.52
C ARG B 282 25.11 -14.99 -2.64
N LYS B 283 26.44 -15.12 -2.67
CA LYS B 283 27.37 -14.28 -1.94
C LYS B 283 28.57 -14.08 -2.85
N GLY B 284 29.34 -13.04 -2.58
CA GLY B 284 30.55 -12.80 -3.34
C GLY B 284 30.26 -11.92 -4.54
N PRO B 285 31.20 -11.89 -5.50
CA PRO B 285 31.06 -10.96 -6.62
C PRO B 285 29.88 -11.31 -7.52
N LYS B 286 29.26 -10.31 -8.02
CA LYS B 286 28.20 -10.55 -9.00
C LYS B 286 28.81 -10.65 -10.40
N PRO B 287 28.22 -11.48 -11.26
CA PRO B 287 28.65 -11.54 -12.67
C PRO B 287 28.54 -10.19 -13.33
N PRO B 288 29.13 -10.01 -14.52
CA PRO B 288 29.14 -8.69 -15.15
C PRO B 288 27.79 -8.34 -15.78
N LYS B 289 27.36 -7.10 -15.57
CA LYS B 289 26.18 -6.54 -16.23
C LYS B 289 26.50 -5.12 -16.66
N LYS B 290 26.05 -4.75 -17.86
CA LYS B 290 26.25 -3.40 -18.35
C LYS B 290 25.44 -2.42 -17.50
N GLY B 291 26.13 -1.45 -16.92
CA GLY B 291 25.49 -0.50 -16.02
C GLY B 291 25.64 -0.82 -14.55
N GLN B 292 26.40 -1.85 -14.21
CA GLN B 292 26.79 -2.31 -12.89
C GLN B 292 28.17 -1.78 -12.53
N PRO B 293 28.38 -1.33 -11.30
CA PRO B 293 29.75 -1.07 -10.86
C PRO B 293 30.58 -2.35 -10.91
N GLU B 294 31.85 -2.21 -11.23
CA GLU B 294 32.74 -3.36 -11.21
C GLU B 294 33.11 -3.68 -9.76
N ASN B 295 33.50 -4.93 -9.54
CA ASN B 295 33.66 -5.47 -8.20
C ASN B 295 32.37 -5.28 -7.39
N ALA B 296 31.24 -5.57 -8.03
CA ALA B 296 29.94 -5.56 -7.38
C ALA B 296 29.69 -6.90 -6.71
N VAL B 297 29.31 -6.88 -5.43
CA VAL B 297 29.08 -8.10 -4.68
C VAL B 297 27.61 -8.20 -4.34
N TYR B 298 27.14 -9.45 -4.27
CA TYR B 298 25.78 -9.71 -3.83
C TYR B 298 25.58 -9.17 -2.42
N ASP B 299 24.35 -8.77 -2.13
CA ASP B 299 23.99 -8.21 -0.83
C ASP B 299 22.69 -8.83 -0.33
N PHE B 300 22.61 -10.17 -0.35
CA PHE B 300 21.41 -10.88 0.07
C PHE B 300 21.46 -11.32 1.53
N GLU B 301 22.65 -11.70 1.99
CA GLU B 301 22.80 -12.36 3.28
CA GLU B 301 22.82 -12.35 3.28
C GLU B 301 22.14 -11.58 4.41
N ASP B 302 22.60 -10.35 4.65
CA ASP B 302 22.04 -9.57 5.76
C ASP B 302 20.54 -9.39 5.61
N LYS B 303 20.07 -9.07 4.39
CA LYS B 303 18.65 -8.86 4.18
C LYS B 303 17.85 -10.12 4.47
N ILE B 304 18.34 -11.27 3.99
CA ILE B 304 17.62 -12.52 4.15
C ILE B 304 17.59 -12.91 5.62
N ASN B 305 18.75 -12.85 6.29
CA ASN B 305 18.78 -13.13 7.72
C ASN B 305 17.81 -12.22 8.46
N PHE B 306 17.87 -10.92 8.18
CA PHE B 306 17.03 -9.96 8.88
C PHE B 306 15.55 -10.26 8.65
N ALA B 307 15.18 -10.63 7.42
CA ALA B 307 13.80 -10.98 7.11
C ALA B 307 13.32 -12.14 7.96
N VAL B 308 14.16 -13.16 8.13
CA VAL B 308 13.72 -14.30 8.92
C VAL B 308 13.58 -13.87 10.37
N PHE B 309 14.62 -13.23 10.91
CA PHE B 309 14.63 -12.69 12.26
C PHE B 309 15.44 -11.41 12.22
N PRO B 310 14.95 -10.30 12.81
CA PRO B 310 13.77 -10.17 13.67
C PRO B 310 12.47 -9.81 12.97
N SER B 311 12.45 -9.87 11.63
CA SER B 311 11.30 -9.32 10.91
CA SER B 311 11.30 -9.32 10.91
C SER B 311 10.08 -10.24 11.03
N LEU B 312 10.27 -11.53 10.83
CA LEU B 312 9.11 -12.38 10.69
C LEU B 312 9.01 -13.49 11.73
N GLN B 313 10.12 -14.10 12.11
CA GLN B 313 10.05 -15.22 13.02
C GLN B 313 10.52 -14.78 14.39
N GLY B 314 10.32 -15.65 15.37
CA GLY B 314 10.88 -15.44 16.69
C GLY B 314 11.97 -16.47 16.90
N GLY B 315 11.87 -17.22 17.99
CA GLY B 315 12.90 -18.18 18.32
C GLY B 315 12.95 -19.27 17.27
N PRO B 316 14.14 -19.58 16.76
CA PRO B 316 14.30 -20.78 15.92
C PRO B 316 13.79 -22.02 16.65
N HIS B 317 13.39 -23.02 15.87
CA HIS B 317 12.99 -24.31 16.45
C HIS B 317 14.20 -25.21 16.32
N ASN B 318 15.01 -25.23 17.38
CA ASN B 318 16.29 -25.88 17.26
C ASN B 318 16.18 -27.38 17.11
N HIS B 319 15.06 -27.97 17.51
CA HIS B 319 14.90 -29.40 17.29
C HIS B 319 14.70 -29.70 15.82
N GLN B 320 14.05 -28.78 15.09
CA GLN B 320 13.97 -28.90 13.64
C GLN B 320 15.33 -28.76 13.00
N ILE B 321 16.08 -27.73 13.44
CA ILE B 321 17.40 -27.47 12.89
C ILE B 321 18.31 -28.67 13.12
N GLY B 322 18.30 -29.21 14.35
CA GLY B 322 19.10 -30.39 14.62
C GLY B 322 18.71 -31.56 13.73
N ALA B 323 17.40 -31.86 13.69
CA ALA B 323 16.90 -32.93 12.84
C ALA B 323 17.28 -32.68 11.39
N LEU B 324 17.27 -31.41 10.98
CA LEU B 324 17.63 -31.07 9.61
C LEU B 324 19.09 -31.37 9.34
N ALA B 325 19.97 -30.94 10.25
CA ALA B 325 21.39 -31.28 10.14
C ALA B 325 21.57 -32.78 9.95
N VAL B 326 20.77 -33.59 10.64
CA VAL B 326 20.83 -35.05 10.46
C VAL B 326 20.37 -35.43 9.06
N ALA B 327 19.25 -34.84 8.60
CA ALA B 327 18.75 -35.20 7.29
C ALA B 327 19.71 -34.78 6.19
N LEU B 328 20.39 -33.65 6.38
CA LEU B 328 21.31 -33.16 5.35
C LEU B 328 22.53 -34.06 5.24
N LYS B 329 22.98 -34.64 6.36
CA LYS B 329 24.01 -35.66 6.29
C LYS B 329 23.54 -36.85 5.47
N GLN B 330 22.33 -37.35 5.78
CA GLN B 330 21.81 -38.53 5.10
C GLN B 330 21.62 -38.30 3.61
N ALA B 331 21.23 -37.08 3.21
CA ALA B 331 21.04 -36.77 1.80
C ALA B 331 22.36 -36.67 1.04
N ALA B 332 23.48 -36.49 1.73
CA ALA B 332 24.79 -36.42 1.08
C ALA B 332 25.47 -37.78 0.98
N SER B 333 24.72 -38.85 1.06
CA SER B 333 25.31 -40.18 1.09
C SER B 333 25.06 -40.90 -0.23
N PRO B 334 25.91 -41.87 -0.58
CA PRO B 334 25.66 -42.65 -1.81
C PRO B 334 24.29 -43.30 -1.86
N GLY B 335 23.83 -43.91 -0.76
CA GLY B 335 22.51 -44.51 -0.74
C GLY B 335 21.38 -43.53 -1.07
N PHE B 336 21.53 -42.25 -0.69
CA PHE B 336 20.50 -41.28 -1.04
C PHE B 336 20.48 -40.99 -2.52
N LYS B 337 21.65 -40.82 -3.13
CA LYS B 337 21.73 -40.67 -4.58
C LYS B 337 20.98 -41.79 -5.28
N ALA B 338 21.16 -43.03 -4.81
CA ALA B 338 20.49 -44.16 -5.44
C ALA B 338 19.00 -44.13 -5.15
N TYR B 339 18.63 -43.64 -3.96
CA TYR B 339 17.23 -43.40 -3.65
C TYR B 339 16.61 -42.44 -4.65
N ALA B 340 17.30 -41.33 -4.91
CA ALA B 340 16.76 -40.33 -5.84
C ALA B 340 16.62 -40.90 -7.24
N LYS B 341 17.61 -41.68 -7.71
CA LYS B 341 17.47 -42.35 -9.00
C LYS B 341 16.23 -43.24 -9.02
N GLN B 342 16.07 -44.06 -7.97
CA GLN B 342 14.92 -44.95 -7.88
C GLN B 342 13.61 -44.18 -7.85
N VAL B 343 13.55 -43.06 -7.11
CA VAL B 343 12.33 -42.25 -7.07
C VAL B 343 11.91 -41.89 -8.48
N LYS B 344 12.86 -41.38 -9.28
CA LYS B 344 12.54 -41.01 -10.65
C LYS B 344 12.15 -42.22 -11.50
N ALA B 345 12.88 -43.35 -11.34
CA ALA B 345 12.54 -44.53 -12.13
C ALA B 345 11.15 -45.04 -11.78
N ASN B 346 10.78 -44.92 -10.50
CA ASN B 346 9.46 -45.36 -10.05
C ASN B 346 8.36 -44.49 -10.63
N ALA B 347 8.52 -43.17 -10.56
CA ALA B 347 7.54 -42.26 -11.15
C ALA B 347 7.37 -42.56 -12.63
N VAL B 348 8.48 -42.74 -13.35
CA VAL B 348 8.38 -43.04 -14.78
C VAL B 348 7.62 -44.35 -15.00
N ALA B 349 7.99 -45.40 -14.26
CA ALA B 349 7.34 -46.70 -14.46
C ALA B 349 5.85 -46.61 -14.15
N LEU B 350 5.50 -45.89 -13.09
CA LEU B 350 4.09 -45.69 -12.77
C LEU B 350 3.39 -44.87 -13.84
N GLY B 351 4.04 -43.81 -14.33
CA GLY B 351 3.43 -43.01 -15.38
C GLY B 351 3.18 -43.80 -16.65
N ASN B 352 4.10 -44.71 -16.97
CA ASN B 352 3.94 -45.51 -18.17
C ASN B 352 2.78 -46.49 -18.03
N TYR B 353 2.65 -47.13 -16.88
CA TYR B 353 1.52 -48.03 -16.64
C TYR B 353 0.19 -47.30 -16.82
N LEU B 354 0.04 -46.14 -16.16
CA LEU B 354 -1.22 -45.40 -16.22
C LEU B 354 -1.52 -44.98 -17.64
N MET B 355 -0.50 -44.54 -18.35
CA MET B 355 -0.69 -44.03 -19.69
C MET B 355 -1.02 -45.20 -20.64
N GLY B 356 -0.42 -46.36 -20.37
CA GLY B 356 -0.78 -47.58 -21.12
C GLY B 356 -2.24 -47.94 -20.99
N LYS B 357 -2.89 -47.55 -19.90
CA LYS B 357 -4.31 -47.80 -19.72
CA LYS B 357 -4.31 -47.78 -19.69
C LYS B 357 -5.17 -46.69 -20.33
N GLY B 358 -4.58 -45.76 -21.06
CA GLY B 358 -5.31 -44.68 -21.68
C GLY B 358 -5.47 -43.44 -20.83
N TYR B 359 -4.79 -43.34 -19.69
CA TYR B 359 -4.94 -42.20 -18.81
C TYR B 359 -4.11 -41.01 -19.28
N SER B 360 -4.57 -39.81 -18.96
CA SER B 360 -3.91 -38.59 -19.40
C SER B 360 -3.00 -38.07 -18.30
N LEU B 361 -1.70 -38.05 -18.57
CA LEU B 361 -0.74 -37.43 -17.68
C LEU B 361 -0.33 -36.10 -18.30
N VAL B 362 -0.33 -35.06 -17.50
CA VAL B 362 0.10 -33.76 -17.97
C VAL B 362 1.54 -33.87 -18.46
N THR B 363 1.82 -33.35 -19.65
CA THR B 363 3.08 -33.49 -20.40
C THR B 363 3.36 -34.90 -20.88
N GLY B 364 2.43 -35.83 -20.72
CA GLY B 364 2.63 -37.18 -21.22
C GLY B 364 3.76 -37.93 -20.56
N GLY B 365 3.95 -37.75 -19.26
CA GLY B 365 5.01 -38.41 -18.53
C GLY B 365 5.62 -37.49 -17.49
N THR B 366 6.85 -37.79 -17.10
CA THR B 366 7.47 -37.05 -16.02
C THR B 366 8.99 -37.13 -16.14
N GLU B 367 9.65 -36.11 -15.61
CA GLU B 367 11.09 -36.08 -15.45
C GLU B 367 11.48 -35.95 -13.98
N ASN B 368 10.55 -36.12 -13.06
CA ASN B 368 10.93 -35.97 -11.67
C ASN B 368 10.24 -37.03 -10.81
N HIS B 369 9.77 -36.65 -9.64
CA HIS B 369 9.25 -37.58 -8.65
C HIS B 369 7.74 -37.76 -8.73
N LEU B 370 7.06 -37.05 -9.61
CA LEU B 370 5.61 -37.06 -9.56
C LEU B 370 5.03 -37.21 -10.95
N VAL B 371 3.76 -37.60 -10.99
CA VAL B 371 2.95 -37.49 -12.20
C VAL B 371 1.70 -36.74 -11.81
N LEU B 372 1.22 -35.91 -12.73
CA LEU B 372 -0.02 -35.18 -12.55
C LEU B 372 -1.02 -35.80 -13.52
N TRP B 373 -2.12 -36.30 -13.00
CA TRP B 373 -3.04 -37.15 -13.75
C TRP B 373 -4.31 -36.35 -14.01
N ASP B 374 -4.62 -36.09 -15.28
CA ASP B 374 -5.79 -35.32 -15.65
C ASP B 374 -6.96 -36.28 -15.81
N LEU B 375 -7.88 -36.25 -14.83
CA LEU B 375 -9.04 -37.12 -14.79
C LEU B 375 -10.19 -36.64 -15.66
N ARG B 376 -10.12 -35.40 -16.15
CA ARG B 376 -11.26 -34.83 -16.87
C ARG B 376 -11.63 -35.64 -18.10
N PRO B 377 -10.71 -36.14 -18.93
CA PRO B 377 -11.14 -37.00 -20.04
C PRO B 377 -11.97 -38.21 -19.60
N LEU B 378 -11.85 -38.64 -18.34
CA LEU B 378 -12.63 -39.77 -17.86
C LEU B 378 -14.01 -39.38 -17.38
N GLY B 379 -14.28 -38.07 -17.33
CA GLY B 379 -15.47 -37.54 -16.69
C GLY B 379 -15.42 -37.60 -15.18
N LEU B 380 -14.23 -37.43 -14.60
CA LEU B 380 -14.03 -37.49 -13.16
C LEU B 380 -13.40 -36.21 -12.65
N THR B 381 -13.64 -35.92 -11.38
CA THR B 381 -12.89 -34.93 -10.62
C THR B 381 -12.05 -35.63 -9.56
N GLY B 382 -11.01 -34.95 -9.12
CA GLY B 382 -10.04 -35.58 -8.23
C GLY B 382 -10.53 -35.83 -6.81
N ASN B 383 -11.50 -35.05 -6.34
CA ASN B 383 -12.02 -35.32 -4.99
C ASN B 383 -12.73 -36.67 -4.93
N LYS B 384 -13.37 -37.09 -6.03
CA LYS B 384 -13.98 -38.42 -6.06
C LYS B 384 -12.93 -39.52 -6.05
N VAL B 385 -11.88 -39.38 -6.86
CA VAL B 385 -10.80 -40.37 -6.85
C VAL B 385 -10.10 -40.35 -5.50
N GLU B 386 -9.83 -39.16 -4.98
CA GLU B 386 -9.17 -39.07 -3.67
C GLU B 386 -9.96 -39.78 -2.58
N LYS B 387 -11.26 -39.53 -2.51
CA LYS B 387 -12.10 -40.14 -1.47
C LYS B 387 -12.13 -41.66 -1.61
N LEU B 388 -12.32 -42.15 -2.85
CA LEU B 388 -12.36 -43.59 -3.06
C LEU B 388 -11.03 -44.24 -2.68
N CYS B 389 -9.92 -43.66 -3.16
CA CYS B 389 -8.60 -44.18 -2.85
C CYS B 389 -8.37 -44.21 -1.34
N ASP B 390 -8.74 -43.13 -0.66
CA ASP B 390 -8.54 -43.05 0.79
C ASP B 390 -9.25 -44.20 1.49
N LEU B 391 -10.49 -44.52 1.08
CA LEU B 391 -11.17 -45.69 1.62
C LEU B 391 -10.44 -47.00 1.30
N CYS B 392 -9.59 -47.02 0.27
CA CYS B 392 -8.86 -48.22 -0.11
C CYS B 392 -7.44 -48.22 0.43
N ASN B 393 -7.13 -47.33 1.37
CA ASN B 393 -5.78 -47.12 1.92
C ASN B 393 -4.78 -46.66 0.87
N ILE B 394 -5.27 -46.03 -0.21
CA ILE B 394 -4.41 -45.37 -1.19
C ILE B 394 -4.52 -43.88 -0.91
N THR B 395 -3.40 -43.24 -0.56
CA THR B 395 -3.43 -41.86 -0.10
C THR B 395 -2.91 -40.99 -1.22
N VAL B 396 -3.79 -40.22 -1.83
CA VAL B 396 -3.41 -39.30 -2.88
C VAL B 396 -3.90 -37.92 -2.49
N ASN B 397 -3.75 -36.97 -3.40
CA ASN B 397 -4.51 -35.74 -3.26
C ASN B 397 -5.03 -35.32 -4.63
N LYS B 398 -6.31 -34.97 -4.66
CA LYS B 398 -6.82 -34.19 -5.78
C LYS B 398 -5.93 -32.99 -6.02
N ASN B 399 -5.87 -32.57 -7.27
CA ASN B 399 -4.95 -31.54 -7.71
C ASN B 399 -5.51 -30.81 -8.90
N ALA B 400 -5.32 -29.50 -8.88
CA ALA B 400 -5.66 -28.66 -10.01
C ALA B 400 -4.85 -29.08 -11.22
N VAL B 401 -5.48 -28.97 -12.39
CA VAL B 401 -4.81 -29.14 -13.67
C VAL B 401 -5.23 -27.93 -14.48
N PHE B 402 -4.53 -27.69 -15.59
CA PHE B 402 -4.71 -26.45 -16.34
C PHE B 402 -6.18 -26.18 -16.60
N GLY B 403 -6.61 -24.95 -16.32
CA GLY B 403 -7.97 -24.53 -16.56
C GLY B 403 -8.92 -24.73 -15.40
N ASP B 404 -8.49 -25.38 -14.32
CA ASP B 404 -9.35 -25.57 -13.16
C ASP B 404 -9.64 -24.25 -12.48
N SER B 405 -10.89 -24.12 -12.00
CA SER B 405 -11.24 -23.05 -11.06
C SER B 405 -11.67 -23.58 -9.70
N SER B 406 -12.05 -24.86 -9.59
CA SER B 406 -12.57 -25.45 -8.35
C SER B 406 -11.46 -26.16 -7.59
N ALA B 407 -11.11 -25.62 -6.43
CA ALA B 407 -10.20 -26.32 -5.53
C ALA B 407 -10.90 -27.49 -4.85
N LEU B 408 -12.22 -27.38 -4.67
CA LEU B 408 -12.99 -28.45 -4.07
C LEU B 408 -12.94 -29.71 -4.92
N ALA B 409 -13.27 -29.56 -6.21
CA ALA B 409 -13.35 -30.67 -7.15
C ALA B 409 -12.51 -30.31 -8.36
N PRO B 410 -11.18 -30.31 -8.20
CA PRO B 410 -10.33 -30.00 -9.35
C PRO B 410 -10.33 -31.18 -10.33
N GLY B 411 -9.59 -31.06 -11.43
CA GLY B 411 -9.69 -32.01 -12.51
C GLY B 411 -8.62 -33.06 -12.51
N GLY B 412 -7.82 -33.15 -11.45
CA GLY B 412 -6.69 -34.04 -11.45
C GLY B 412 -6.46 -34.70 -10.11
N VAL B 413 -5.59 -35.69 -10.13
CA VAL B 413 -4.98 -36.24 -8.93
C VAL B 413 -3.48 -36.22 -9.16
N ARG B 414 -2.71 -35.98 -8.09
CA ARG B 414 -1.26 -35.91 -8.19
C ARG B 414 -0.64 -37.09 -7.44
N ILE B 415 0.33 -37.74 -8.07
CA ILE B 415 0.91 -38.99 -7.58
C ILE B 415 2.42 -38.81 -7.50
N GLY B 416 2.99 -39.11 -6.34
CA GLY B 416 4.43 -39.02 -6.21
C GLY B 416 5.03 -40.33 -5.75
N ALA B 417 6.31 -40.53 -6.04
CA ALA B 417 7.07 -41.72 -5.66
C ALA B 417 7.96 -41.61 -4.43
N PRO B 418 8.26 -40.41 -3.86
CA PRO B 418 9.25 -40.38 -2.76
C PRO B 418 8.93 -41.26 -1.55
N ALA B 419 7.68 -41.28 -1.08
CA ALA B 419 7.35 -41.97 0.16
C ALA B 419 7.47 -43.49 0.01
N MET B 420 6.74 -44.05 -0.95
CA MET B 420 6.81 -45.50 -1.19
C MET B 420 8.20 -45.94 -1.65
N THR B 421 8.94 -45.07 -2.35
CA THR B 421 10.31 -45.45 -2.69
C THR B 421 11.16 -45.56 -1.44
N SER B 422 10.89 -44.71 -0.44
CA SER B 422 11.61 -44.79 0.83
C SER B 422 11.30 -46.06 1.60
N ARG B 423 10.18 -46.71 1.33
CA ARG B 423 9.90 -48.01 1.90
C ARG B 423 10.54 -49.15 1.12
N GLY B 424 11.30 -48.85 0.08
CA GLY B 424 11.99 -49.87 -0.69
C GLY B 424 11.27 -50.34 -1.92
N LEU B 425 10.26 -49.63 -2.40
CA LEU B 425 9.56 -50.08 -3.59
C LEU B 425 10.37 -49.73 -4.84
N VAL B 426 10.42 -50.67 -5.79
CA VAL B 426 11.10 -50.45 -7.06
C VAL B 426 10.04 -50.49 -8.18
N GLU B 427 10.48 -50.53 -9.44
CA GLU B 427 9.57 -50.24 -10.56
C GLU B 427 8.38 -51.20 -10.59
N LYS B 428 8.63 -52.51 -10.38
CA LYS B 428 7.55 -53.48 -10.46
C LYS B 428 6.51 -53.23 -9.37
N ASP B 429 6.96 -52.78 -8.20
CA ASP B 429 6.02 -52.41 -7.16
C ASP B 429 5.23 -51.17 -7.55
N PHE B 430 5.86 -50.26 -8.27
CA PHE B 430 5.13 -49.09 -8.74
C PHE B 430 4.24 -49.39 -9.92
N GLU B 431 4.54 -50.43 -10.70
CA GLU B 431 3.58 -50.89 -11.69
C GLU B 431 2.35 -51.51 -11.00
N GLN B 432 2.59 -52.25 -9.91
CA GLN B 432 1.50 -52.71 -9.04
C GLN B 432 0.68 -51.56 -8.49
N ILE B 433 1.33 -50.49 -8.04
CA ILE B 433 0.60 -49.31 -7.59
C ILE B 433 -0.23 -48.74 -8.75
N GLY B 434 0.35 -48.73 -9.95
CA GLY B 434 -0.42 -48.34 -11.11
C GLY B 434 -1.68 -49.15 -11.29
N GLU B 435 -1.60 -50.47 -11.06
CA GLU B 435 -2.77 -51.32 -11.24
C GLU B 435 -3.82 -51.03 -10.18
N PHE B 436 -3.39 -50.96 -8.92
CA PHE B 436 -4.29 -50.54 -7.85
C PHE B 436 -4.97 -49.23 -8.20
N LEU B 437 -4.20 -48.24 -8.68
CA LEU B 437 -4.83 -46.96 -9.03
C LEU B 437 -5.79 -47.14 -10.18
N HIS B 438 -5.45 -48.00 -11.14
CA HIS B 438 -6.35 -48.31 -12.24
C HIS B 438 -7.64 -48.89 -11.70
N ARG B 439 -7.53 -49.89 -10.81
CA ARG B 439 -8.72 -50.45 -10.18
C ARG B 439 -9.49 -49.39 -9.40
N ALA B 440 -8.76 -48.51 -8.69
CA ALA B 440 -9.41 -47.44 -7.92
C ALA B 440 -10.23 -46.54 -8.83
N VAL B 441 -9.65 -46.11 -9.94
CA VAL B 441 -10.35 -45.22 -10.86
C VAL B 441 -11.51 -45.94 -11.54
N THR B 442 -11.31 -47.21 -11.94
CA THR B 442 -12.41 -47.99 -12.52
C THR B 442 -13.60 -48.08 -11.56
N LEU B 443 -13.32 -48.39 -10.29
CA LEU B 443 -14.35 -48.40 -9.26
C LEU B 443 -15.05 -47.05 -9.15
N THR B 444 -14.28 -45.98 -9.08
CA THR B 444 -14.87 -44.63 -9.04
C THR B 444 -15.81 -44.43 -10.21
N LEU B 445 -15.37 -44.81 -11.41
CA LEU B 445 -16.22 -44.74 -12.60
C LEU B 445 -17.51 -45.54 -12.40
N GLU B 446 -17.43 -46.71 -11.75
CA GLU B 446 -18.63 -47.53 -11.57
C GLU B 446 -19.60 -46.89 -10.60
N ILE B 447 -19.09 -46.35 -9.47
CA ILE B 447 -19.93 -45.62 -8.53
C ILE B 447 -20.68 -44.50 -9.23
N GLN B 448 -19.95 -43.71 -10.02
CA GLN B 448 -20.55 -42.54 -10.66
C GLN B 448 -21.64 -42.94 -11.64
N LYS B 449 -21.41 -43.99 -12.43
CA LYS B 449 -22.42 -44.43 -13.38
C LYS B 449 -23.68 -44.91 -12.69
N GLU B 450 -23.55 -45.51 -11.50
CA GLU B 450 -24.72 -46.03 -10.80
C GLU B 450 -25.50 -44.92 -10.10
N HIS B 451 -24.81 -44.03 -9.38
CA HIS B 451 -25.50 -43.10 -8.49
C HIS B 451 -25.56 -41.67 -9.03
N GLY B 452 -24.66 -41.28 -9.92
CA GLY B 452 -24.69 -39.96 -10.51
C GLY B 452 -23.44 -39.15 -10.20
N LYS B 453 -23.32 -38.04 -10.92
CA LYS B 453 -22.15 -37.17 -10.79
C LYS B 453 -22.21 -36.26 -9.57
N LEU B 454 -23.39 -35.97 -9.03
CA LEU B 454 -23.46 -35.13 -7.84
C LEU B 454 -22.73 -35.81 -6.69
N LEU B 455 -22.08 -35.00 -5.86
CA LEU B 455 -21.26 -35.58 -4.80
C LEU B 455 -22.12 -36.30 -3.76
N LYS B 456 -23.30 -35.76 -3.46
CA LYS B 456 -24.19 -36.40 -2.49
C LYS B 456 -24.66 -37.76 -2.98
N ASP B 457 -24.89 -37.90 -4.30
CA ASP B 457 -25.26 -39.19 -4.87
C ASP B 457 -24.07 -40.13 -4.93
N PHE B 458 -22.93 -39.64 -5.41
CA PHE B 458 -21.73 -40.46 -5.52
C PHE B 458 -21.36 -41.07 -4.17
N ASN B 459 -21.51 -40.31 -3.08
CA ASN B 459 -21.15 -40.83 -1.76
C ASN B 459 -21.98 -42.06 -1.40
N LYS B 460 -23.19 -42.16 -1.95
CA LYS B 460 -24.05 -43.32 -1.69
C LYS B 460 -23.44 -44.62 -2.18
N GLY B 461 -22.50 -44.57 -3.11
CA GLY B 461 -21.81 -45.78 -3.55
C GLY B 461 -20.60 -46.18 -2.75
N LEU B 462 -20.14 -45.31 -1.85
CA LEU B 462 -18.94 -45.56 -1.06
C LEU B 462 -19.20 -46.38 0.19
N VAL B 463 -20.45 -46.74 0.46
CA VAL B 463 -20.85 -47.35 1.71
C VAL B 463 -21.21 -48.81 1.44
N ASN B 464 -20.63 -49.71 2.23
CA ASN B 464 -20.82 -51.16 2.09
C ASN B 464 -20.62 -51.60 0.63
N ASN B 465 -19.50 -51.19 0.06
CA ASN B 465 -19.17 -51.50 -1.33
C ASN B 465 -18.11 -52.60 -1.33
N LYS B 466 -18.47 -53.78 -1.83
CA LYS B 466 -17.60 -54.94 -1.67
C LYS B 466 -16.29 -54.76 -2.42
N ALA B 467 -16.34 -54.13 -3.60
CA ALA B 467 -15.11 -53.92 -4.36
C ALA B 467 -14.16 -52.94 -3.67
N ILE B 468 -14.70 -51.96 -2.93
CA ILE B 468 -13.85 -51.11 -2.11
C ILE B 468 -13.17 -51.94 -1.03
N GLU B 469 -13.98 -52.70 -0.26
CA GLU B 469 -13.44 -53.63 0.71
C GLU B 469 -12.36 -54.52 0.11
N ASP B 470 -12.62 -55.03 -1.11
CA ASP B 470 -11.68 -55.97 -1.74
C ASP B 470 -10.37 -55.27 -2.10
N LEU B 471 -10.48 -54.10 -2.75
CA LEU B 471 -9.29 -53.34 -3.13
C LEU B 471 -8.51 -52.91 -1.90
N LYS B 472 -9.20 -52.48 -0.85
CA LYS B 472 -8.52 -52.14 0.39
C LYS B 472 -7.72 -53.33 0.92
N ALA B 473 -8.36 -54.49 1.04
CA ALA B 473 -7.65 -55.67 1.53
C ALA B 473 -6.41 -55.97 0.69
N ASP B 474 -6.53 -55.86 -0.64
CA ASP B 474 -5.39 -56.06 -1.52
C ASP B 474 -4.29 -55.02 -1.30
N VAL B 475 -4.67 -53.76 -1.08
CA VAL B 475 -3.68 -52.74 -0.84
C VAL B 475 -2.96 -52.99 0.48
N GLU B 476 -3.73 -53.33 1.53
CA GLU B 476 -3.14 -53.55 2.85
C GLU B 476 -2.16 -54.71 2.83
N LYS B 477 -2.51 -55.81 2.15
CA LYS B 477 -1.62 -56.96 2.03
C LYS B 477 -0.32 -56.57 1.33
N PHE B 478 -0.43 -55.89 0.19
CA PHE B 478 0.74 -55.42 -0.55
C PHE B 478 1.58 -54.47 0.30
N SER B 479 0.93 -53.49 0.95
CA SER B 479 1.65 -52.50 1.73
CA SER B 479 1.66 -52.50 1.72
C SER B 479 2.37 -53.10 2.93
N ALA B 480 1.83 -54.19 3.49
CA ALA B 480 2.41 -54.77 4.70
C ALA B 480 3.71 -55.53 4.45
N THR B 481 4.06 -55.82 3.20
CA THR B 481 5.25 -56.59 2.85
C THR B 481 6.52 -55.74 2.76
N PHE B 482 6.45 -54.46 3.10
CA PHE B 482 7.58 -53.55 2.96
C PHE B 482 8.01 -53.06 4.32
N ASP B 483 9.31 -52.73 4.42
CA ASP B 483 9.85 -52.11 5.61
C ASP B 483 9.29 -50.69 5.80
N MET B 484 9.41 -50.20 7.04
CA MET B 484 9.03 -48.84 7.42
C MET B 484 10.11 -48.07 8.16
N PRO B 485 10.63 -47.00 7.59
CA PRO B 485 11.55 -46.14 8.33
C PRO B 485 10.81 -45.31 9.36
N GLY B 486 11.56 -44.90 10.39
CA GLY B 486 11.08 -43.97 11.38
C GLY B 486 10.76 -44.61 12.71
N PHE B 487 10.27 -45.85 12.69
CA PHE B 487 9.96 -46.54 13.94
C PHE B 487 10.00 -48.04 13.64
N LEU B 488 10.16 -48.83 14.70
CA LEU B 488 10.19 -50.28 14.56
C LEU B 488 8.77 -50.84 14.55
N VAL B 489 8.38 -51.46 13.44
CA VAL B 489 7.06 -52.10 13.38
C VAL B 489 6.92 -53.17 14.46
N SER B 490 7.99 -53.93 14.72
CA SER B 490 7.92 -54.91 15.80
C SER B 490 7.54 -54.28 17.13
N GLU B 491 7.66 -52.97 17.25
CA GLU B 491 7.38 -52.28 18.48
C GLU B 491 6.02 -51.59 18.51
N MET B 492 5.27 -51.58 17.40
CA MET B 492 4.07 -50.76 17.32
C MET B 492 2.89 -51.44 18.02
N LYS B 493 1.99 -50.59 18.54
CA LYS B 493 0.84 -51.10 19.28
C LYS B 493 -0.10 -51.91 18.37
N TYR B 494 -0.29 -51.46 17.13
CA TYR B 494 -1.22 -52.09 16.20
C TYR B 494 -0.42 -52.72 15.06
N LYS B 495 -0.12 -54.01 15.19
CA LYS B 495 0.64 -54.70 14.15
C LYS B 495 -0.25 -55.29 13.08
N ASP B 496 -1.49 -55.61 13.42
CA ASP B 496 -2.44 -56.12 12.44
C ASP B 496 -3.23 -55.00 11.79
N SER C 24 -25.23 22.75 -42.51
CA SER C 24 -24.22 21.74 -42.85
C SER C 24 -22.89 22.41 -43.20
N ASN C 25 -22.92 23.74 -43.22
CA ASN C 25 -21.73 24.54 -43.39
C ASN C 25 -21.14 24.93 -42.04
N MET C 26 -19.85 25.21 -42.04
CA MET C 26 -19.21 25.73 -40.83
C MET C 26 -19.62 27.19 -40.63
N ASP C 27 -19.91 27.55 -39.38
CA ASP C 27 -20.18 28.94 -39.08
C ASP C 27 -18.98 29.80 -39.46
N PRO C 28 -19.19 31.02 -39.94
CA PRO C 28 -18.07 31.96 -40.01
C PRO C 28 -17.40 32.03 -38.66
N VAL C 29 -16.07 32.16 -38.67
CA VAL C 29 -15.29 32.20 -37.45
C VAL C 29 -15.84 33.25 -36.47
N SER C 30 -16.12 34.46 -36.97
CA SER C 30 -16.51 35.52 -36.06
C SER C 30 -17.82 35.20 -35.34
N VAL C 31 -18.71 34.46 -36.01
CA VAL C 31 -20.04 34.22 -35.47
C VAL C 31 -19.98 33.40 -34.17
N TRP C 32 -19.22 32.31 -34.17
CA TRP C 32 -19.09 31.55 -32.93
C TRP C 32 -17.92 32.03 -32.07
N GLY C 33 -16.87 32.57 -32.70
CA GLY C 33 -15.59 32.69 -32.03
C GLY C 33 -15.21 34.10 -31.63
N ASN C 34 -15.84 35.10 -32.24
CA ASN C 34 -15.54 36.49 -31.94
C ASN C 34 -16.70 37.27 -31.35
N THR C 35 -17.78 36.66 -31.14
CA THR C 35 -18.92 37.35 -30.58
C THR C 35 -18.88 37.34 -29.06
N PRO C 36 -19.41 38.36 -28.41
CA PRO C 36 -19.30 38.43 -26.95
C PRO C 36 -20.20 37.43 -26.27
N LEU C 37 -19.82 37.12 -25.03
CA LEU C 37 -20.63 36.26 -24.17
C LEU C 37 -22.08 36.71 -24.14
N ALA C 38 -22.32 38.02 -24.07
CA ALA C 38 -23.69 38.54 -23.97
C ALA C 38 -24.55 38.08 -25.13
N THR C 39 -23.97 37.82 -26.30
CA THR C 39 -24.78 37.31 -27.40
C THR C 39 -24.68 35.81 -27.59
N VAL C 40 -23.50 35.21 -27.38
CA VAL C 40 -23.38 33.77 -27.52
C VAL C 40 -24.24 33.04 -26.48
N ASP C 41 -24.23 33.52 -25.24
CA ASP C 41 -24.82 32.77 -24.12
C ASP C 41 -25.45 33.76 -23.15
N PRO C 42 -26.64 34.27 -23.48
CA PRO C 42 -27.31 35.21 -22.57
C PRO C 42 -27.56 34.64 -21.18
N GLU C 43 -27.77 33.34 -21.03
CA GLU C 43 -28.09 32.83 -19.70
C GLU C 43 -26.85 32.84 -18.82
N ILE C 44 -25.71 32.43 -19.35
CA ILE C 44 -24.49 32.51 -18.55
C ILE C 44 -24.10 33.96 -18.31
N HIS C 45 -24.18 34.78 -19.36
CA HIS C 45 -23.85 36.20 -19.19
C HIS C 45 -24.69 36.83 -18.09
N ASP C 46 -25.99 36.54 -18.08
CA ASP C 46 -26.85 37.10 -17.06
C ASP C 46 -26.47 36.60 -15.67
N LEU C 47 -26.14 35.31 -15.54
CA LEU C 47 -25.76 34.78 -14.24
C LEU C 47 -24.46 35.41 -13.74
N ILE C 48 -23.50 35.64 -14.64
CA ILE C 48 -22.26 36.29 -14.22
C ILE C 48 -22.53 37.72 -13.77
N GLU C 49 -23.39 38.43 -14.52
CA GLU C 49 -23.80 39.77 -14.10
C GLU C 49 -24.51 39.76 -12.74
N LYS C 50 -25.29 38.71 -12.47
CA LYS C 50 -25.94 38.64 -11.17
C LYS C 50 -24.94 38.33 -10.05
N GLU C 51 -23.92 37.53 -10.37
CA GLU C 51 -22.88 37.27 -9.39
C GLU C 51 -22.03 38.51 -9.14
N LYS C 52 -21.79 39.30 -10.20
CA LYS C 52 -21.06 40.56 -10.03
C LYS C 52 -21.83 41.49 -9.09
N HIS C 53 -23.14 41.61 -9.33
CA HIS C 53 -24.00 42.39 -8.46
C HIS C 53 -23.95 41.84 -7.04
N ARG C 54 -24.01 40.52 -6.89
CA ARG C 54 -23.99 39.93 -5.56
C ARG C 54 -22.71 40.30 -4.82
N GLN C 55 -21.58 40.26 -5.52
CA GLN C 55 -20.28 40.47 -4.90
C GLN C 55 -20.11 41.90 -4.37
N CYS C 56 -20.68 42.89 -5.02
CA CYS C 56 -20.47 44.22 -4.48
C CYS C 56 -21.68 44.76 -3.72
N ARG C 57 -22.71 43.95 -3.49
CA ARG C 57 -23.84 44.47 -2.72
C ARG C 57 -24.08 43.71 -1.43
N GLY C 58 -23.14 42.89 -1.00
CA GLY C 58 -23.16 42.36 0.35
C GLY C 58 -21.80 42.48 0.99
N ILE C 59 -21.65 41.87 2.15
CA ILE C 59 -20.38 41.80 2.85
C ILE C 59 -19.82 40.38 2.69
N GLU C 60 -18.68 40.28 2.02
CA GLU C 60 -18.00 39.00 1.72
C GLU C 60 -16.95 38.79 2.79
N LEU C 61 -17.21 37.87 3.72
CA LEU C 61 -16.34 37.64 4.85
C LEU C 61 -15.75 36.24 4.85
N ILE C 62 -15.86 35.51 3.75
CA ILE C 62 -15.19 34.22 3.67
C ILE C 62 -13.69 34.47 3.65
N ALA C 63 -12.98 33.92 4.65
CA ALA C 63 -11.59 34.30 4.90
C ALA C 63 -10.65 33.92 3.76
N SER C 64 -11.02 32.92 2.97
CA SER C 64 -10.25 32.41 1.84
C SER C 64 -10.65 33.04 0.53
N GLU C 65 -11.55 34.01 0.55
CA GLU C 65 -11.96 34.71 -0.65
C GLU C 65 -11.26 36.06 -0.71
N ASN C 66 -11.16 36.57 -1.93
CA ASN C 66 -10.70 37.91 -2.19
C ASN C 66 -11.36 38.39 -3.47
N PHE C 67 -11.15 39.66 -3.77
CA PHE C 67 -11.53 40.24 -5.05
C PHE C 67 -10.23 40.59 -5.75
N THR C 68 -9.88 39.85 -6.81
CA THR C 68 -8.64 40.10 -7.51
C THR C 68 -8.83 41.25 -8.50
N SER C 69 -7.73 41.69 -9.12
CA SER C 69 -7.74 42.90 -9.92
C SER C 69 -8.25 42.63 -11.33
N PHE C 70 -8.70 43.72 -11.98
CA PHE C 70 -9.07 43.61 -13.39
C PHE C 70 -7.89 43.15 -14.24
N ALA C 71 -6.68 43.67 -13.93
CA ALA C 71 -5.49 43.23 -14.65
C ALA C 71 -5.29 41.72 -14.56
N VAL C 72 -5.33 41.16 -13.34
CA VAL C 72 -5.27 39.71 -13.16
C VAL C 72 -6.32 39.04 -14.00
N ILE C 73 -7.55 39.55 -13.94
CA ILE C 73 -8.66 38.91 -14.65
C ILE C 73 -8.48 38.99 -16.17
N GLU C 74 -7.87 40.08 -16.65
CA GLU C 74 -7.63 40.21 -18.09
C GLU C 74 -6.61 39.17 -18.55
N ALA C 75 -5.62 38.86 -17.73
CA ALA C 75 -4.67 37.82 -18.10
C ALA C 75 -5.32 36.45 -18.00
N LEU C 76 -6.19 36.28 -17.01
CA LEU C 76 -6.87 35.01 -16.81
C LEU C 76 -7.74 34.66 -18.00
N GLY C 77 -8.49 35.62 -18.52
CA GLY C 77 -9.30 35.38 -19.69
C GLY C 77 -8.57 35.83 -20.94
N SER C 78 -7.69 34.98 -21.48
CA SER C 78 -6.85 35.36 -22.60
C SER C 78 -6.47 34.14 -23.43
N ALA C 79 -5.92 34.43 -24.61
CA ALA C 79 -5.43 33.39 -25.52
C ALA C 79 -4.43 32.44 -24.85
N LEU C 80 -3.87 32.82 -23.69
CA LEU C 80 -2.99 31.87 -22.97
C LEU C 80 -3.67 30.54 -22.69
N THR C 81 -5.01 30.50 -22.66
CA THR C 81 -5.71 29.25 -22.41
C THR C 81 -5.50 28.25 -23.54
N ASN C 82 -5.11 28.73 -24.73
CA ASN C 82 -5.03 27.88 -25.91
C ASN C 82 -3.79 26.99 -25.96
N LYS C 83 -2.80 27.17 -25.10
CA LYS C 83 -1.47 26.62 -25.35
C LYS C 83 -1.17 25.38 -24.51
N TYR C 84 -0.67 24.32 -25.16
CA TYR C 84 -0.10 23.18 -24.46
C TYR C 84 1.41 23.38 -24.26
N SER C 85 1.86 23.24 -23.01
CA SER C 85 3.23 23.58 -22.67
C SER C 85 3.77 22.68 -21.57
N GLU C 86 3.48 21.38 -21.64
CA GLU C 86 3.99 20.47 -20.62
C GLU C 86 5.50 20.55 -20.52
N GLY C 87 6.00 20.45 -19.30
CA GLY C 87 7.42 20.49 -19.05
C GLY C 87 7.80 21.75 -18.30
N MET C 88 8.99 22.23 -18.55
CA MET C 88 9.56 23.42 -17.94
C MET C 88 9.97 24.38 -19.04
N PRO C 89 10.08 25.68 -18.75
CA PRO C 89 10.60 26.61 -19.75
C PRO C 89 11.92 26.08 -20.30
N GLY C 90 12.07 26.16 -21.61
CA GLY C 90 13.27 25.66 -22.26
C GLY C 90 13.37 24.15 -22.32
N ASN C 91 12.39 23.42 -21.76
CA ASN C 91 12.38 21.94 -21.83
C ASN C 91 10.92 21.47 -21.86
N ARG C 92 10.28 21.67 -23.00
CA ARG C 92 8.86 21.42 -23.20
C ARG C 92 8.64 20.20 -24.09
N TYR C 93 7.44 19.63 -23.99
CA TYR C 93 7.05 18.49 -24.82
C TYR C 93 6.26 18.92 -26.07
N TYR C 94 6.16 20.21 -26.31
CA TYR C 94 5.46 20.78 -27.44
C TYR C 94 6.28 21.94 -27.97
N GLY C 95 6.20 22.18 -29.27
CA GLY C 95 6.71 23.42 -29.80
C GLY C 95 5.78 24.59 -29.52
N GLY C 96 6.26 25.78 -29.91
CA GLY C 96 5.47 26.99 -29.87
C GLY C 96 5.51 27.75 -28.56
N ASN C 97 6.42 27.41 -27.65
CA ASN C 97 6.39 27.95 -26.29
C ASN C 97 7.36 29.12 -26.09
N GLU C 98 7.68 29.83 -27.17
CA GLU C 98 8.60 30.96 -27.07
C GLU C 98 8.11 31.99 -26.05
N PHE C 99 6.83 32.29 -26.06
CA PHE C 99 6.35 33.32 -25.14
C PHE C 99 5.80 32.74 -23.85
N ILE C 100 5.21 31.54 -23.92
CA ILE C 100 4.79 30.85 -22.71
C ILE C 100 5.97 30.65 -21.77
N ASP C 101 7.17 30.36 -22.32
CA ASP C 101 8.34 30.19 -21.47
C ASP C 101 8.72 31.50 -20.78
N GLN C 102 8.62 32.61 -21.48
CA GLN C 102 8.94 33.90 -20.88
C GLN C 102 7.94 34.29 -19.80
N ILE C 103 6.66 33.99 -20.03
CA ILE C 103 5.65 34.26 -19.02
C ILE C 103 5.91 33.40 -17.79
N GLU C 104 6.20 32.11 -18.00
CA GLU C 104 6.35 31.25 -16.83
C GLU C 104 7.62 31.61 -16.06
N ASN C 105 8.71 31.92 -16.76
CA ASN C 105 9.92 32.39 -16.09
C ASN C 105 9.64 33.68 -15.31
N LEU C 106 8.97 34.64 -15.93
CA LEU C 106 8.64 35.86 -15.22
C LEU C 106 7.79 35.56 -13.98
N CYS C 107 6.83 34.63 -14.10
CA CYS C 107 6.01 34.28 -12.94
C CYS C 107 6.86 33.70 -11.81
N ARG C 108 7.74 32.75 -12.14
CA ARG C 108 8.59 32.14 -11.11
C ARG C 108 9.51 33.18 -10.47
N SER C 109 10.18 34.00 -11.28
CA SER C 109 11.07 35.00 -10.70
CA SER C 109 11.06 35.01 -10.72
C SER C 109 10.29 35.97 -9.82
N ARG C 110 9.09 36.37 -10.25
CA ARG C 110 8.29 37.29 -9.43
C ARG C 110 7.82 36.61 -8.15
N ALA C 111 7.59 35.30 -8.20
CA ALA C 111 7.21 34.56 -7.00
C ALA C 111 8.34 34.59 -5.99
N LEU C 112 9.57 34.31 -6.42
CA LEU C 112 10.70 34.42 -5.50
C LEU C 112 10.82 35.82 -4.92
N GLN C 113 10.65 36.84 -5.75
CA GLN C 113 10.83 38.21 -5.28
C GLN C 113 9.73 38.64 -4.32
N ALA C 114 8.49 38.22 -4.59
CA ALA C 114 7.38 38.58 -3.72
C ALA C 114 7.59 38.11 -2.29
N PHE C 115 8.28 36.99 -2.12
CA PHE C 115 8.56 36.44 -0.79
C PHE C 115 10.02 36.63 -0.41
N HIS C 116 10.70 37.53 -1.12
CA HIS C 116 12.04 37.99 -0.78
C HIS C 116 12.99 36.81 -0.62
N LEU C 117 12.97 35.94 -1.62
CA LEU C 117 13.76 34.71 -1.62
C LEU C 117 14.98 34.87 -2.53
N ASP C 118 16.14 34.44 -2.02
CA ASP C 118 17.33 34.35 -2.85
CA ASP C 118 17.33 34.34 -2.84
C ASP C 118 17.19 33.16 -3.79
N ALA C 119 17.35 33.39 -5.09
CA ALA C 119 17.10 32.32 -6.05
C ALA C 119 18.10 31.17 -5.96
N GLN C 120 19.26 31.38 -5.34
CA GLN C 120 20.16 30.25 -5.12
C GLN C 120 19.76 29.43 -3.90
N SER C 121 18.82 29.91 -3.09
CA SER C 121 18.37 29.23 -1.90
C SER C 121 16.98 28.66 -2.04
N TRP C 122 16.21 29.13 -3.02
CA TRP C 122 14.82 28.76 -3.21
C TRP C 122 14.53 28.69 -4.69
N GLY C 123 13.73 27.69 -5.07
CA GLY C 123 13.09 27.65 -6.36
C GLY C 123 11.59 27.56 -6.15
N VAL C 124 10.85 27.67 -7.23
CA VAL C 124 9.40 27.62 -7.14
C VAL C 124 8.85 26.98 -8.40
N ASN C 125 7.76 26.24 -8.24
CA ASN C 125 7.00 25.66 -9.33
C ASN C 125 5.61 26.31 -9.30
N VAL C 126 5.23 26.93 -10.42
CA VAL C 126 4.01 27.73 -10.46
C VAL C 126 2.92 27.05 -11.27
N GLN C 127 3.10 25.77 -11.59
CA GLN C 127 2.10 25.04 -12.39
C GLN C 127 0.94 24.43 -11.61
N PRO C 128 1.00 24.19 -10.30
CA PRO C 128 -0.14 23.53 -9.64
C PRO C 128 -1.45 24.25 -9.95
N TYR C 129 -2.48 23.46 -10.28
CA TYR C 129 -3.74 24.07 -10.68
C TYR C 129 -4.38 24.88 -9.56
N SER C 130 -4.14 24.51 -8.31
CA SER C 130 -4.84 25.13 -7.19
C SER C 130 -4.08 24.66 -5.95
N GLY C 131 -4.57 25.00 -4.76
CA GLY C 131 -3.81 24.72 -3.57
C GLY C 131 -3.75 23.24 -3.22
N SER C 132 -4.88 22.54 -3.32
CA SER C 132 -4.87 21.12 -3.02
C SER C 132 -4.00 20.33 -3.97
N PRO C 133 -4.03 20.58 -5.29
CA PRO C 133 -3.04 19.95 -6.17
C PRO C 133 -1.60 20.27 -5.77
N ALA C 134 -1.36 21.51 -5.35
CA ALA C 134 -0.02 21.90 -4.95
C ALA C 134 0.47 21.05 -3.79
N ASN C 135 -0.38 20.84 -2.77
CA ASN C 135 0.02 20.03 -1.62
C ASN C 135 0.23 18.58 -2.01
N PHE C 136 -0.71 18.03 -2.77
CA PHE C 136 -0.60 16.62 -3.13
C PHE C 136 0.66 16.38 -3.95
N ALA C 137 0.98 17.29 -4.84
CA ALA C 137 2.24 17.21 -5.58
C ALA C 137 3.44 17.33 -4.66
N ALA C 138 3.41 18.30 -3.74
CA ALA C 138 4.56 18.44 -2.84
C ALA C 138 4.77 17.15 -2.05
N TYR C 139 3.69 16.54 -1.57
CA TYR C 139 3.80 15.27 -0.85
C TYR C 139 4.27 14.15 -1.77
N THR C 140 3.72 14.09 -2.99
CA THR C 140 4.13 13.03 -3.92
C THR C 140 5.63 13.13 -4.22
N ALA C 141 6.16 14.37 -4.26
CA ALA C 141 7.59 14.56 -4.56
C ALA C 141 8.51 13.96 -3.49
N VAL C 142 8.13 14.08 -2.22
CA VAL C 142 9.04 13.73 -1.13
C VAL C 142 8.61 12.49 -0.38
N LEU C 143 7.41 11.96 -0.63
CA LEU C 143 6.85 10.83 0.08
C LEU C 143 6.56 9.69 -0.88
N ASN C 144 6.70 8.46 -0.37
CA ASN C 144 6.14 7.29 -1.02
C ASN C 144 4.73 7.06 -0.49
N PRO C 145 3.91 6.28 -1.19
CA PRO C 145 2.58 5.99 -0.65
C PRO C 145 2.71 5.39 0.75
N HIS C 146 1.80 5.82 1.63
CA HIS C 146 1.63 5.35 3.00
C HIS C 146 2.68 5.92 3.95
N ASP C 147 3.60 6.75 3.45
CA ASP C 147 4.51 7.46 4.33
C ASP C 147 3.72 8.36 5.30
N ARG C 148 4.35 8.69 6.41
CA ARG C 148 3.69 9.32 7.56
C ARG C 148 3.79 10.83 7.49
N ILE C 149 2.67 11.49 7.76
CA ILE C 149 2.56 12.94 7.78
C ILE C 149 1.83 13.39 9.03
N MET C 150 2.18 14.58 9.50
CA MET C 150 1.50 15.22 10.60
C MET C 150 1.17 16.65 10.22
N GLY C 151 -0.13 16.97 10.26
CA GLY C 151 -0.59 18.32 10.03
C GLY C 151 -1.60 18.73 11.09
N LEU C 152 -1.97 20.01 11.05
CA LEU C 152 -2.90 20.51 12.03
C LEU C 152 -4.26 19.87 11.81
N ASP C 153 -4.82 19.29 12.87
CA ASP C 153 -6.15 18.70 12.78
C ASP C 153 -7.19 19.71 12.27
N LEU C 154 -8.09 19.23 11.41
CA LEU C 154 -9.03 20.17 10.80
C LEU C 154 -9.85 20.92 11.84
N PRO C 155 -10.44 20.28 12.84
CA PRO C 155 -11.16 21.05 13.87
C PRO C 155 -10.26 21.99 14.66
N SER C 156 -8.94 21.80 14.61
CA SER C 156 -8.01 22.71 15.25
C SER C 156 -7.58 23.86 14.33
N GLY C 157 -8.02 23.87 13.07
CA GLY C 157 -7.64 24.92 12.13
C GLY C 157 -6.88 24.43 10.92
N GLY C 158 -6.59 23.13 10.78
CA GLY C 158 -5.81 22.68 9.67
C GLY C 158 -6.65 22.43 8.44
N HIS C 159 -5.97 22.27 7.32
CA HIS C 159 -6.68 22.07 6.07
C HIS C 159 -6.95 20.58 5.79
N LEU C 160 -8.00 20.34 5.00
CA LEU C 160 -8.31 19.03 4.43
C LEU C 160 -7.06 18.30 3.96
N THR C 161 -6.23 18.97 3.17
CA THR C 161 -5.07 18.33 2.54
C THR C 161 -3.92 18.13 3.50
N HIS C 162 -4.13 18.35 4.79
CA HIS C 162 -3.10 18.13 5.80
C HIS C 162 -3.31 16.83 6.52
N GLY C 163 -3.96 15.86 5.88
CA GLY C 163 -4.18 14.56 6.45
C GLY C 163 -5.51 14.38 7.15
N TYR C 164 -6.55 15.07 6.71
CA TYR C 164 -7.81 15.11 7.47
C TYR C 164 -8.53 13.77 7.40
N TYR C 165 -8.63 13.11 8.54
CA TYR C 165 -9.66 12.13 8.77
C TYR C 165 -10.41 12.53 10.03
N THR C 166 -11.67 12.06 10.14
CA THR C 166 -12.52 12.51 11.23
C THR C 166 -12.10 11.86 12.55
N SER C 167 -12.56 12.46 13.65
CA SER C 167 -12.41 11.84 14.97
C SER C 167 -13.07 10.48 15.04
N GLY C 168 -14.04 10.20 14.16
CA GLY C 168 -14.62 8.88 14.02
C GLY C 168 -13.81 7.93 13.16
N GLY C 169 -12.61 8.35 12.73
CA GLY C 169 -11.76 7.50 11.94
C GLY C 169 -12.06 7.46 10.45
N LYS C 170 -12.96 8.30 9.95
CA LYS C 170 -13.31 8.24 8.53
C LYS C 170 -12.31 9.06 7.73
N LYS C 171 -11.71 8.44 6.73
CA LYS C 171 -10.73 9.11 5.88
C LYS C 171 -11.47 10.02 4.91
N ILE C 172 -11.17 11.31 4.95
CA ILE C 172 -11.87 12.29 4.14
C ILE C 172 -10.98 12.76 3.01
N SER C 173 -9.87 13.41 3.35
CA SER C 173 -8.91 13.81 2.33
C SER C 173 -8.16 12.61 1.80
N ALA C 174 -7.90 12.63 0.49
CA ALA C 174 -6.98 11.66 -0.10
C ALA C 174 -5.62 11.69 0.58
N THR C 175 -5.26 12.80 1.24
CA THR C 175 -3.99 12.88 1.96
C THR C 175 -3.99 11.98 3.19
N SER C 176 -5.14 11.44 3.59
CA SER C 176 -5.20 10.43 4.64
C SER C 176 -5.38 9.03 4.08
N ILE C 177 -5.56 8.92 2.76
CA ILE C 177 -5.72 7.65 2.06
C ILE C 177 -4.39 7.18 1.47
N TYR C 178 -3.72 8.04 0.70
CA TYR C 178 -2.46 7.69 0.08
C TYR C 178 -1.26 7.89 0.99
N PHE C 179 -1.44 8.61 2.09
CA PHE C 179 -0.43 8.79 3.12
C PHE C 179 -1.04 8.45 4.47
N GLU C 180 -0.17 8.21 5.45
CA GLU C 180 -0.54 7.85 6.80
C GLU C 180 -0.49 9.11 7.67
N SER C 181 -1.66 9.60 8.08
CA SER C 181 -1.78 10.88 8.75
C SER C 181 -1.93 10.67 10.25
N LEU C 182 -1.30 11.55 11.03
CA LEU C 182 -1.60 11.68 12.46
C LEU C 182 -1.66 13.17 12.78
N PRO C 183 -2.85 13.72 12.93
CA PRO C 183 -2.97 15.16 13.14
C PRO C 183 -2.53 15.55 14.54
N TYR C 184 -2.05 16.79 14.66
CA TYR C 184 -1.78 17.41 15.94
C TYR C 184 -2.84 18.48 16.20
N LYS C 185 -3.03 18.81 17.47
CA LYS C 185 -4.18 19.59 17.86
C LYS C 185 -3.75 20.85 18.58
N VAL C 186 -4.70 21.78 18.73
CA VAL C 186 -4.52 22.89 19.64
C VAL C 186 -4.88 22.45 21.06
N ASN C 187 -4.35 23.21 22.04
CA ASN C 187 -4.83 23.13 23.41
C ASN C 187 -6.35 23.34 23.47
N SER C 188 -7.03 22.49 24.23
CA SER C 188 -8.49 22.53 24.26
C SER C 188 -9.03 23.84 24.82
N THR C 189 -8.37 24.40 25.82
CA THR C 189 -8.93 25.63 26.41
C THR C 189 -8.38 26.90 25.76
N THR C 190 -7.07 26.96 25.50
CA THR C 190 -6.48 28.19 24.96
C THR C 190 -6.67 28.35 23.46
N GLY C 191 -6.83 27.26 22.72
CA GLY C 191 -6.88 27.36 21.27
C GLY C 191 -5.54 27.51 20.58
N TYR C 192 -4.43 27.57 21.31
CA TYR C 192 -3.11 27.60 20.69
C TYR C 192 -2.59 26.19 20.42
N ILE C 193 -1.80 26.08 19.35
CA ILE C 193 -1.14 24.82 19.04
C ILE C 193 -0.41 24.31 20.28
N ASP C 194 -0.61 23.03 20.59
CA ASP C 194 0.07 22.42 21.73
C ASP C 194 1.39 21.88 21.19
N TYR C 195 2.45 22.69 21.31
CA TYR C 195 3.72 22.29 20.71
C TYR C 195 4.33 21.12 21.43
N ASP C 196 4.16 21.03 22.76
CA ASP C 196 4.73 19.89 23.49
C ASP C 196 4.06 18.58 23.07
N ARG C 197 2.73 18.60 22.92
CA ARG C 197 1.99 17.42 22.49
C ARG C 197 2.37 17.05 21.05
N LEU C 198 2.58 18.04 20.19
CA LEU C 198 3.07 17.75 18.84
C LEU C 198 4.42 17.04 18.90
N GLU C 199 5.36 17.62 19.63
CA GLU C 199 6.69 17.01 19.75
C GLU C 199 6.59 15.59 20.28
N GLU C 200 5.79 15.39 21.34
CA GLU C 200 5.61 14.05 21.90
C GLU C 200 5.07 13.10 20.85
N LYS C 201 4.00 13.52 20.16
CA LYS C 201 3.40 12.70 19.12
C LYS C 201 4.39 12.41 17.99
N ALA C 202 5.13 13.45 17.55
CA ALA C 202 6.06 13.27 16.44
C ALA C 202 7.12 12.23 16.78
N LEU C 203 7.61 12.27 18.02
CA LEU C 203 8.63 11.33 18.44
C LEU C 203 8.11 9.90 18.48
N ASP C 204 6.83 9.70 18.81
CA ASP C 204 6.30 8.33 18.77
C ASP C 204 5.94 7.90 17.36
N PHE C 205 5.31 8.79 16.60
CA PHE C 205 4.75 8.45 15.30
C PHE C 205 5.80 8.46 14.22
N ARG C 206 6.85 9.26 14.37
CA ARG C 206 7.97 9.39 13.44
C ARG C 206 7.52 9.74 12.04
N PRO C 207 6.90 10.88 11.82
CA PRO C 207 6.45 11.24 10.47
C PRO C 207 7.63 11.51 9.55
N LYS C 208 7.45 11.23 8.25
CA LYS C 208 8.41 11.72 7.27
C LYS C 208 8.23 13.21 6.99
N LEU C 209 7.06 13.76 7.26
CA LEU C 209 6.75 15.15 6.91
C LEU C 209 5.83 15.74 7.96
N ILE C 210 6.19 16.91 8.45
CA ILE C 210 5.34 17.68 9.34
C ILE C 210 4.85 18.89 8.56
N ILE C 211 3.55 19.11 8.61
CA ILE C 211 2.93 20.22 7.89
C ILE C 211 2.54 21.28 8.91
N CYS C 212 2.82 22.54 8.60
CA CYS C 212 2.31 23.67 9.37
C CYS C 212 1.66 24.64 8.40
N GLY C 213 0.99 25.63 8.94
CA GLY C 213 0.03 26.42 8.18
C GLY C 213 -1.37 25.85 8.35
N GLY C 214 -2.37 26.72 8.24
CA GLY C 214 -3.73 26.27 8.45
C GLY C 214 -4.77 27.06 7.70
N SER C 215 -6.03 26.64 7.89
CA SER C 215 -7.18 27.27 7.27
C SER C 215 -8.02 28.08 8.23
N ALA C 216 -7.97 27.78 9.53
CA ALA C 216 -8.79 28.52 10.50
C ALA C 216 -8.05 28.64 11.82
N TYR C 217 -6.75 28.87 11.74
CA TYR C 217 -5.97 29.10 12.95
C TYR C 217 -5.69 30.59 13.01
N PRO C 218 -6.20 31.30 14.01
CA PRO C 218 -6.13 32.76 14.00
C PRO C 218 -4.82 33.35 14.53
N ARG C 219 -3.80 32.56 14.78
CA ARG C 219 -2.56 33.07 15.34
C ARG C 219 -1.39 32.76 14.41
N ASP C 220 -0.26 33.42 14.68
CA ASP C 220 0.94 33.11 13.93
C ASP C 220 1.53 31.77 14.40
N TRP C 221 2.51 31.30 13.64
CA TRP C 221 3.11 29.98 13.82
C TRP C 221 4.52 30.14 14.34
N ASP C 222 4.89 29.30 15.31
CA ASP C 222 6.26 29.28 15.82
C ASP C 222 7.08 28.37 14.92
N TYR C 223 7.47 28.91 13.76
CA TYR C 223 8.16 28.03 12.80
C TYR C 223 9.48 27.54 13.36
N LYS C 224 10.11 28.34 14.21
CA LYS C 224 11.36 27.90 14.84
C LYS C 224 11.13 26.62 15.64
N ARG C 225 10.04 26.57 16.40
CA ARG C 225 9.74 25.37 17.17
C ARG C 225 9.43 24.20 16.25
N PHE C 226 8.74 24.46 15.13
CA PHE C 226 8.48 23.39 14.17
C PHE C 226 9.78 22.82 13.64
N ARG C 227 10.76 23.67 13.35
CA ARG C 227 12.05 23.18 12.89
C ARG C 227 12.72 22.32 13.98
N GLU C 228 12.71 22.81 15.22
CA GLU C 228 13.29 22.05 16.32
C GLU C 228 12.64 20.68 16.46
N ILE C 229 11.31 20.62 16.38
CA ILE C 229 10.63 19.34 16.45
C ILE C 229 11.01 18.47 15.25
N ALA C 230 10.98 19.07 14.05
CA ALA C 230 11.25 18.30 12.83
C ALA C 230 12.66 17.71 12.85
N ASP C 231 13.63 18.47 13.37
CA ASP C 231 15.00 17.94 13.46
C ASP C 231 15.10 16.83 14.49
N LYS C 232 14.36 16.95 15.60
CA LYS C 232 14.38 15.92 16.63
C LYS C 232 13.87 14.59 16.11
N CYS C 233 12.90 14.62 15.18
CA CYS C 233 12.32 13.38 14.69
C CYS C 233 12.75 13.07 13.26
N GLY C 234 13.64 13.85 12.66
CA GLY C 234 14.10 13.53 11.33
C GLY C 234 13.09 13.73 10.23
N ALA C 235 12.11 14.60 10.45
CA ALA C 235 11.08 14.86 9.46
C ALA C 235 11.46 16.03 8.58
N LEU C 236 10.92 16.03 7.35
CA LEU C 236 10.84 17.24 6.55
C LEU C 236 9.79 18.18 7.12
N LEU C 237 9.97 19.49 6.89
CA LEU C 237 9.07 20.51 7.41
C LEU C 237 8.51 21.33 6.26
N LEU C 238 7.19 21.31 6.10
CA LEU C 238 6.46 21.99 5.03
C LEU C 238 5.46 22.94 5.63
N CYS C 239 5.42 24.17 5.12
CA CYS C 239 4.40 25.13 5.52
C CYS C 239 3.46 25.38 4.35
N ASP C 240 2.18 25.27 4.60
CA ASP C 240 1.16 25.64 3.62
C ASP C 240 0.63 27.02 4.01
N MET C 241 1.18 28.07 3.42
CA MET C 241 0.73 29.40 3.80
C MET C 241 -0.47 29.89 2.98
N ALA C 242 -1.27 29.01 2.38
CA ALA C 242 -2.34 29.48 1.50
C ALA C 242 -3.03 30.73 2.04
N HIS C 243 -3.44 30.69 3.31
CA HIS C 243 -4.32 31.73 3.81
C HIS C 243 -3.60 33.05 3.99
N THR C 244 -2.40 33.02 4.53
CA THR C 244 -1.68 34.24 4.90
C THR C 244 -0.57 34.62 3.94
N SER C 245 -0.53 34.02 2.73
CA SER C 245 0.57 34.29 1.80
C SER C 245 0.70 35.78 1.49
N GLY C 246 -0.44 36.46 1.37
CA GLY C 246 -0.36 37.91 1.18
C GLY C 246 0.31 38.58 2.35
N LEU C 247 -0.03 38.16 3.57
CA LEU C 247 0.58 38.75 4.75
C LEU C 247 2.05 38.39 4.82
N VAL C 248 2.42 37.20 4.31
CA VAL C 248 3.83 36.81 4.30
C VAL C 248 4.61 37.66 3.30
N ALA C 249 4.10 37.79 2.07
CA ALA C 249 4.79 38.61 1.07
C ALA C 249 5.01 40.03 1.58
N ALA C 250 4.04 40.56 2.31
CA ALA C 250 4.13 41.90 2.88
C ALA C 250 4.94 41.94 4.14
N GLN C 251 5.51 40.80 4.57
CA GLN C 251 6.26 40.71 5.83
C GLN C 251 5.48 41.24 7.02
N GLU C 252 4.19 40.90 7.08
CA GLU C 252 3.35 41.24 8.21
C GLU C 252 3.14 40.09 9.20
N VAL C 253 3.56 38.87 8.84
CA VAL C 253 3.54 37.72 9.75
C VAL C 253 4.88 36.99 9.62
N ASN C 254 5.11 36.03 10.53
CA ASN C 254 6.32 35.21 10.46
C ASN C 254 6.46 34.62 9.06
N SER C 255 7.69 34.63 8.55
CA SER C 255 7.97 34.00 7.27
C SER C 255 8.30 32.54 7.47
N PRO C 256 7.58 31.61 6.82
CA PRO C 256 7.93 30.20 6.97
C PRO C 256 9.25 29.83 6.30
N PHE C 257 9.71 30.64 5.34
CA PHE C 257 10.89 30.25 4.56
C PHE C 257 12.13 30.13 5.42
N GLU C 258 12.20 30.88 6.53
CA GLU C 258 13.35 30.80 7.43
CA GLU C 258 13.36 30.80 7.39
C GLU C 258 13.59 29.38 7.92
N TYR C 259 12.53 28.62 8.15
CA TYR C 259 12.65 27.33 8.81
C TYR C 259 12.11 26.13 8.04
N CYS C 260 11.36 26.31 6.96
CA CYS C 260 10.73 25.18 6.30
C CYS C 260 11.52 24.73 5.07
N ASP C 261 11.47 23.43 4.80
CA ASP C 261 12.06 22.91 3.57
C ASP C 261 11.21 23.27 2.36
N ILE C 262 9.90 23.15 2.49
CA ILE C 262 8.98 23.35 1.39
C ILE C 262 7.88 24.28 1.89
N VAL C 263 7.42 25.17 1.02
CA VAL C 263 6.32 26.07 1.35
C VAL C 263 5.37 26.03 0.16
N THR C 264 4.14 25.63 0.41
CA THR C 264 3.11 25.64 -0.62
C THR C 264 2.14 26.78 -0.35
N THR C 265 1.35 27.12 -1.35
CA THR C 265 0.39 28.18 -1.15
C THR C 265 -0.58 28.20 -2.33
N THR C 266 -1.78 28.67 -2.05
CA THR C 266 -2.67 29.14 -3.09
C THR C 266 -2.29 30.57 -3.42
N THR C 267 -2.87 31.11 -4.48
CA THR C 267 -2.62 32.49 -4.86
C THR C 267 -3.86 33.36 -4.86
N HIS C 268 -5.04 32.78 -4.62
CA HIS C 268 -6.29 33.54 -4.68
C HIS C 268 -6.77 34.03 -3.32
N LYS C 269 -6.06 33.75 -2.26
CA LYS C 269 -6.60 34.12 -0.96
C LYS C 269 -6.09 35.52 -0.62
N SER C 270 -5.39 35.66 0.51
CA SER C 270 -4.86 36.96 0.89
C SER C 270 -3.85 37.49 -0.13
N LEU C 271 -3.22 36.62 -0.94
CA LEU C 271 -2.30 37.09 -1.99
C LEU C 271 -3.02 37.81 -3.12
N ARG C 272 -4.34 37.68 -3.20
CA ARG C 272 -5.19 38.48 -4.10
C ARG C 272 -4.96 38.17 -5.58
N GLY C 273 -4.59 36.95 -5.92
CA GLY C 273 -4.42 36.63 -7.32
C GLY C 273 -5.46 35.69 -7.89
N PRO C 274 -5.09 35.03 -8.97
CA PRO C 274 -5.96 34.00 -9.55
C PRO C 274 -5.98 32.77 -8.66
N ARG C 275 -6.85 31.83 -9.02
CA ARG C 275 -6.84 30.53 -8.36
C ARG C 275 -5.74 29.69 -9.01
N ALA C 276 -4.72 29.37 -8.23
CA ALA C 276 -3.57 28.57 -8.65
C ALA C 276 -2.84 28.19 -7.37
N GLY C 277 -1.84 27.33 -7.52
CA GLY C 277 -0.98 26.95 -6.44
C GLY C 277 0.47 27.20 -6.84
N MET C 278 1.36 27.14 -5.84
CA MET C 278 2.78 27.31 -6.01
C MET C 278 3.46 26.40 -5.01
N ILE C 279 4.61 25.83 -5.38
CA ILE C 279 5.42 25.04 -4.46
C ILE C 279 6.81 25.66 -4.45
N PHE C 280 7.21 26.23 -3.33
CA PHE C 280 8.55 26.70 -3.08
C PHE C 280 9.33 25.58 -2.41
N TYR C 281 10.63 25.47 -2.73
CA TYR C 281 11.47 24.41 -2.19
C TYR C 281 12.89 24.94 -2.10
N ARG C 282 13.64 24.46 -1.11
CA ARG C 282 15.01 24.91 -0.93
C ARG C 282 15.93 24.33 -1.99
N LYS C 283 17.00 25.08 -2.24
CA LYS C 283 18.07 24.72 -3.14
C LYS C 283 19.38 25.09 -2.47
N GLY C 284 20.46 24.47 -2.94
CA GLY C 284 21.80 24.84 -2.52
C GLY C 284 22.25 24.02 -1.32
N PRO C 285 23.23 24.54 -0.59
CA PRO C 285 23.80 23.75 0.51
C PRO C 285 22.80 23.56 1.65
N LYS C 286 22.81 22.36 2.22
CA LYS C 286 22.00 22.17 3.42
C LYS C 286 22.76 22.70 4.64
N PRO C 287 22.04 23.27 5.60
CA PRO C 287 22.68 23.75 6.84
C PRO C 287 23.35 22.61 7.58
N PRO C 288 24.25 22.92 8.52
CA PRO C 288 24.99 21.86 9.23
C PRO C 288 24.06 21.00 10.07
N LYS C 289 24.17 19.69 9.89
CA LYS C 289 23.43 18.70 10.68
C LYS C 289 24.34 17.51 10.91
N LYS C 290 24.50 17.11 12.17
CA LYS C 290 25.28 15.92 12.49
C LYS C 290 24.65 14.70 11.83
N GLY C 291 25.46 13.95 11.07
CA GLY C 291 25.01 12.81 10.32
C GLY C 291 24.90 13.05 8.83
N GLN C 292 24.53 14.27 8.43
CA GLN C 292 24.53 14.62 7.01
C GLN C 292 25.96 14.84 6.53
N PRO C 293 26.30 14.34 5.33
CA PRO C 293 27.63 14.61 4.78
C PRO C 293 27.89 16.10 4.58
N GLU C 294 29.16 16.46 4.53
CA GLU C 294 29.54 17.83 4.22
C GLU C 294 29.39 18.08 2.72
N ASN C 295 29.22 19.36 2.37
CA ASN C 295 28.87 19.78 1.02
C ASN C 295 27.55 19.16 0.54
N ALA C 296 26.71 18.70 1.47
CA ALA C 296 25.41 18.18 1.10
C ALA C 296 24.50 19.33 0.63
N VAL C 297 23.70 19.05 -0.39
CA VAL C 297 22.83 20.04 -0.99
C VAL C 297 21.40 19.52 -1.00
N TYR C 298 20.45 20.45 -1.07
CA TYR C 298 19.07 20.05 -1.24
C TYR C 298 18.87 19.41 -2.61
N ASP C 299 17.91 18.50 -2.66
CA ASP C 299 17.55 17.74 -3.85
C ASP C 299 16.03 17.74 -4.03
N PHE C 300 15.39 18.89 -3.82
CA PHE C 300 13.94 18.97 -3.99
C PHE C 300 13.54 19.32 -5.42
N GLU C 301 14.36 20.09 -6.14
CA GLU C 301 13.90 20.69 -7.38
CA GLU C 301 13.91 20.70 -7.39
C GLU C 301 13.34 19.65 -8.34
N ASP C 302 14.17 18.69 -8.75
CA ASP C 302 13.74 17.70 -9.74
C ASP C 302 12.56 16.89 -9.23
N LYS C 303 12.57 16.54 -7.94
CA LYS C 303 11.50 15.74 -7.35
C LYS C 303 10.18 16.49 -7.41
N ILE C 304 10.20 17.78 -7.06
CA ILE C 304 8.96 18.56 -7.02
CA ILE C 304 8.97 18.59 -7.03
C ILE C 304 8.44 18.81 -8.43
N ASN C 305 9.31 19.21 -9.36
CA ASN C 305 8.89 19.39 -10.75
C ASN C 305 8.26 18.11 -11.27
N PHE C 306 8.94 16.99 -11.06
CA PHE C 306 8.47 15.71 -11.59
C PHE C 306 7.12 15.36 -11.01
N ALA C 307 6.90 15.67 -9.72
CA ALA C 307 5.61 15.38 -9.11
C ALA C 307 4.51 16.15 -9.81
N VAL C 308 4.72 17.45 -10.02
CA VAL C 308 3.75 18.25 -10.75
C VAL C 308 3.56 17.68 -12.15
N PHE C 309 4.66 17.51 -12.88
CA PHE C 309 4.55 16.96 -14.19
C PHE C 309 5.82 16.18 -14.50
N PRO C 310 5.71 14.93 -15.01
CA PRO C 310 4.52 14.24 -15.54
C PRO C 310 3.70 13.42 -14.57
N SER C 311 4.04 13.43 -13.28
CA SER C 311 3.44 12.49 -12.33
CA SER C 311 3.44 12.49 -12.35
C SER C 311 1.95 12.79 -12.14
N LEU C 312 1.60 14.05 -11.92
CA LEU C 312 0.25 14.36 -11.46
C LEU C 312 -0.57 15.23 -12.39
N GLN C 313 0.01 16.26 -12.98
CA GLN C 313 -0.76 17.14 -13.85
C GLN C 313 -0.44 16.87 -15.31
N GLY C 314 -1.19 17.52 -16.19
CA GLY C 314 -0.85 17.52 -17.58
C GLY C 314 -0.41 18.92 -17.95
N GLY C 315 -1.07 19.49 -18.95
CA GLY C 315 -0.67 20.77 -19.46
C GLY C 315 -0.91 21.83 -18.40
N PRO C 316 0.07 22.70 -18.20
CA PRO C 316 -0.14 23.85 -17.30
C PRO C 316 -1.29 24.71 -17.81
N HIS C 317 -1.91 25.45 -16.89
CA HIS C 317 -2.94 26.40 -17.27
C HIS C 317 -2.27 27.76 -17.39
N ASN C 318 -1.83 28.07 -18.61
CA ASN C 318 -0.96 29.23 -18.79
C ASN C 318 -1.68 30.53 -18.55
N HIS C 319 -2.99 30.56 -18.75
CA HIS C 319 -3.73 31.76 -18.39
C HIS C 319 -3.67 31.99 -16.88
N GLN C 320 -3.61 30.92 -16.08
CA GLN C 320 -3.44 31.08 -14.64
C GLN C 320 -2.05 31.59 -14.32
N ILE C 321 -1.03 31.03 -14.97
CA ILE C 321 0.34 31.43 -14.73
C ILE C 321 0.55 32.89 -15.11
N GLY C 322 0.01 33.31 -16.27
CA GLY C 322 0.09 34.71 -16.65
C GLY C 322 -0.59 35.62 -15.64
N ALA C 323 -1.84 35.29 -15.28
CA ALA C 323 -2.56 36.04 -14.26
C ALA C 323 -1.81 36.06 -12.95
N LEU C 324 -1.23 34.92 -12.56
CA LEU C 324 -0.44 34.85 -11.34
C LEU C 324 0.77 35.77 -11.42
N ALA C 325 1.45 35.78 -12.57
CA ALA C 325 2.56 36.72 -12.73
C ALA C 325 2.10 38.15 -12.45
N VAL C 326 0.91 38.53 -12.94
CA VAL C 326 0.39 39.86 -12.68
C VAL C 326 0.17 40.06 -11.18
N ALA C 327 -0.43 39.08 -10.53
CA ALA C 327 -0.74 39.21 -9.11
C ALA C 327 0.53 39.32 -8.28
N LEU C 328 1.57 38.60 -8.67
CA LEU C 328 2.83 38.62 -7.92
C LEU C 328 3.52 39.97 -8.04
N LYS C 329 3.49 40.57 -9.23
CA LYS C 329 3.91 41.96 -9.37
C LYS C 329 3.08 42.89 -8.47
N GLN C 330 1.76 42.72 -8.48
CA GLN C 330 0.94 43.58 -7.63
C GLN C 330 1.20 43.34 -6.15
N ALA C 331 1.52 42.11 -5.76
CA ALA C 331 1.82 41.81 -4.38
C ALA C 331 3.12 42.44 -3.90
N ALA C 332 4.03 42.76 -4.80
CA ALA C 332 5.30 43.35 -4.42
C ALA C 332 5.24 44.87 -4.27
N SER C 333 4.10 45.46 -4.39
CA SER C 333 4.08 46.92 -4.38
C SER C 333 3.91 47.48 -2.98
N PRO C 334 4.37 48.71 -2.74
CA PRO C 334 4.08 49.35 -1.45
C PRO C 334 2.60 49.38 -1.09
N GLY C 335 1.72 49.61 -2.06
CA GLY C 335 0.29 49.59 -1.76
C GLY C 335 -0.17 48.26 -1.21
N PHE C 336 0.37 47.15 -1.72
CA PHE C 336 -0.05 45.86 -1.22
C PHE C 336 0.36 45.65 0.23
N LYS C 337 1.57 46.08 0.59
CA LYS C 337 1.98 45.97 1.99
C LYS C 337 1.01 46.74 2.89
N ALA C 338 0.57 47.91 2.44
CA ALA C 338 -0.39 48.68 3.23
C ALA C 338 -1.72 47.94 3.31
N TYR C 339 -2.09 47.26 2.22
CA TYR C 339 -3.27 46.40 2.21
C TYR C 339 -3.16 45.34 3.30
N ALA C 340 -2.01 44.68 3.37
CA ALA C 340 -1.86 43.57 4.31
C ALA C 340 -1.86 44.07 5.75
N LYS C 341 -1.30 45.26 6.00
CA LYS C 341 -1.43 45.88 7.33
C LYS C 341 -2.90 46.17 7.65
N GLN C 342 -3.64 46.71 6.68
CA GLN C 342 -5.06 47.01 6.89
C GLN C 342 -5.87 45.73 7.07
N VAL C 343 -5.52 44.66 6.37
CA VAL C 343 -6.21 43.40 6.61
C VAL C 343 -6.08 43.01 8.08
N LYS C 344 -4.86 43.08 8.61
CA LYS C 344 -4.66 42.64 9.99
C LYS C 344 -5.34 43.57 10.98
N ALA C 345 -5.29 44.88 10.71
CA ALA C 345 -5.93 45.84 11.60
C ALA C 345 -7.43 45.65 11.59
N ASN C 346 -7.98 45.32 10.42
CA ASN C 346 -9.42 45.12 10.27
C ASN C 346 -9.90 43.89 11.01
N ALA C 347 -9.14 42.80 10.91
CA ALA C 347 -9.47 41.58 11.63
C ALA C 347 -9.48 41.83 13.13
N VAL C 348 -8.48 42.54 13.63
CA VAL C 348 -8.43 42.85 15.05
C VAL C 348 -9.63 43.70 15.46
N ALA C 349 -9.94 44.75 14.67
CA ALA C 349 -11.04 45.63 15.04
C ALA C 349 -12.35 44.88 15.07
N LEU C 350 -12.55 43.99 14.11
CA LEU C 350 -13.73 43.14 14.09
C LEU C 350 -13.76 42.20 15.28
N GLY C 351 -12.65 41.52 15.55
CA GLY C 351 -12.61 40.61 16.70
C GLY C 351 -12.87 41.34 18.01
N ASN C 352 -12.28 42.51 18.18
CA ASN C 352 -12.49 43.24 19.43
C ASN C 352 -13.95 43.62 19.61
N TYR C 353 -14.59 44.09 18.54
CA TYR C 353 -16.02 44.39 18.59
C TYR C 353 -16.82 43.16 19.01
N LEU C 354 -16.53 41.99 18.40
CA LEU C 354 -17.32 40.80 18.68
C LEU C 354 -17.15 40.35 20.11
N MET C 355 -15.91 40.30 20.62
CA MET C 355 -15.85 39.89 22.00
C MET C 355 -16.24 40.99 22.97
N GLY C 356 -16.33 42.24 22.52
CA GLY C 356 -17.00 43.25 23.31
C GLY C 356 -18.47 42.93 23.54
N LYS C 357 -19.06 42.08 22.72
CA LYS C 357 -20.43 41.66 22.92
C LYS C 357 -20.52 40.34 23.69
N GLY C 358 -19.40 39.81 24.17
CA GLY C 358 -19.41 38.53 24.84
C GLY C 358 -19.30 37.32 23.93
N TYR C 359 -19.03 37.51 22.64
CA TYR C 359 -18.81 36.36 21.76
C TYR C 359 -17.44 35.75 21.99
N SER C 360 -17.32 34.47 21.68
CA SER C 360 -16.10 33.73 21.94
C SER C 360 -15.33 33.54 20.65
N LEU C 361 -14.13 34.10 20.61
CA LEU C 361 -13.22 33.85 19.50
C LEU C 361 -12.16 32.89 20.00
N VAL C 362 -11.84 31.90 19.18
CA VAL C 362 -10.77 30.96 19.51
CA VAL C 362 -10.78 30.98 19.56
C VAL C 362 -9.46 31.73 19.64
N THR C 363 -8.70 31.42 20.70
CA THR C 363 -7.49 32.11 21.16
C THR C 363 -7.78 33.53 21.64
N GLY C 364 -9.05 33.94 21.72
CA GLY C 364 -9.39 35.27 22.21
C GLY C 364 -8.87 36.43 21.39
N GLY C 365 -8.83 36.29 20.07
CA GLY C 365 -8.29 37.35 19.23
C GLY C 365 -7.69 36.75 17.96
N THR C 366 -6.83 37.54 17.32
CA THR C 366 -6.22 37.10 16.08
C THR C 366 -4.91 37.83 15.86
N GLU C 367 -4.03 37.17 15.12
CA GLU C 367 -2.78 37.77 14.63
C GLU C 367 -2.74 37.80 13.12
N ASN C 368 -3.83 37.46 12.45
CA ASN C 368 -3.74 37.38 11.01
C ASN C 368 -5.00 37.99 10.39
N HIS C 369 -5.52 37.37 9.35
CA HIS C 369 -6.57 37.96 8.54
C HIS C 369 -7.94 37.49 8.95
N LEU C 370 -8.05 36.59 9.91
CA LEU C 370 -9.33 35.94 10.16
C LEU C 370 -9.62 35.91 11.66
N VAL C 371 -10.89 35.67 11.98
CA VAL C 371 -11.25 35.26 13.33
C VAL C 371 -12.10 34.00 13.21
N LEU C 372 -12.02 33.17 14.24
CA LEU C 372 -12.80 31.95 14.29
C LEU C 372 -13.71 32.07 15.50
N TRP C 373 -15.01 32.04 15.24
CA TRP C 373 -16.00 32.45 16.22
C TRP C 373 -16.69 31.17 16.66
N ASP C 374 -16.49 30.78 17.92
CA ASP C 374 -17.14 29.62 18.51
C ASP C 374 -18.53 30.03 18.98
N LEU C 375 -19.56 29.51 18.29
CA LEU C 375 -20.95 29.81 18.55
C LEU C 375 -21.59 28.89 19.58
N ARG C 376 -20.90 27.84 20.02
CA ARG C 376 -21.52 26.88 20.92
C ARG C 376 -21.95 27.50 22.25
N PRO C 377 -21.22 28.45 22.85
CA PRO C 377 -21.73 29.09 24.07
C PRO C 377 -23.04 29.84 23.85
N LEU C 378 -23.40 30.15 22.59
CA LEU C 378 -24.68 30.80 22.31
C LEU C 378 -25.78 29.77 22.10
N GLY C 379 -25.44 28.49 22.09
CA GLY C 379 -26.38 27.44 21.75
C GLY C 379 -26.72 27.46 20.28
N LEU C 380 -25.75 27.79 19.42
CA LEU C 380 -25.95 27.86 17.99
C LEU C 380 -24.93 26.99 17.27
N THR C 381 -25.27 26.58 16.06
CA THR C 381 -24.28 25.99 15.17
C THR C 381 -24.05 26.91 13.98
N GLY C 382 -22.86 26.76 13.38
CA GLY C 382 -22.45 27.65 12.32
C GLY C 382 -23.34 27.61 11.08
N ASN C 383 -23.94 26.45 10.78
CA ASN C 383 -24.77 26.39 9.57
C ASN C 383 -26.00 27.30 9.70
N LYS C 384 -26.55 27.43 10.91
CA LYS C 384 -27.67 28.34 11.12
C LYS C 384 -27.25 29.79 10.89
N VAL C 385 -26.18 30.22 11.55
CA VAL C 385 -25.66 31.58 11.36
C VAL C 385 -25.32 31.80 9.90
N GLU C 386 -24.68 30.83 9.26
CA GLU C 386 -24.31 31.01 7.87
C GLU C 386 -25.55 31.23 7.00
N LYS C 387 -26.57 30.39 7.20
CA LYS C 387 -27.78 30.50 6.40
C LYS C 387 -28.46 31.84 6.61
N LEU C 388 -28.58 32.29 7.86
CA LEU C 388 -29.28 33.56 8.06
C LEU C 388 -28.45 34.72 7.50
N CYS C 389 -27.14 34.66 7.71
CA CYS C 389 -26.27 35.72 7.16
C CYS C 389 -26.44 35.85 5.65
N ASP C 390 -26.41 34.70 4.95
CA ASP C 390 -26.53 34.68 3.49
C ASP C 390 -27.81 35.36 3.03
N LEU C 391 -28.93 35.09 3.72
CA LEU C 391 -30.17 35.78 3.41
C LEU C 391 -30.05 37.28 3.60
N CYS C 392 -29.16 37.73 4.47
CA CYS C 392 -28.92 39.14 4.73
C CYS C 392 -27.76 39.72 3.93
N ASN C 393 -27.30 39.01 2.89
CA ASN C 393 -26.17 39.42 2.07
C ASN C 393 -24.86 39.46 2.82
N ILE C 394 -24.76 38.71 3.92
CA ILE C 394 -23.51 38.57 4.67
C ILE C 394 -22.99 37.17 4.41
N THR C 395 -21.84 37.09 3.74
CA THR C 395 -21.32 35.82 3.24
C THR C 395 -20.19 35.36 4.14
N VAL C 396 -20.45 34.26 4.85
CA VAL C 396 -19.50 33.66 5.77
C VAL C 396 -19.44 32.18 5.44
N ASN C 397 -18.73 31.41 6.25
CA ASN C 397 -18.92 29.97 6.18
C ASN C 397 -18.92 29.41 7.60
N LYS C 398 -19.85 28.49 7.84
CA LYS C 398 -19.77 27.65 9.02
CA LYS C 398 -19.77 27.67 9.03
C LYS C 398 -18.39 27.04 9.09
N ASN C 399 -17.93 26.75 10.29
CA ASN C 399 -16.57 26.27 10.37
C ASN C 399 -16.34 25.52 11.66
N ALA C 400 -15.61 24.41 11.52
CA ALA C 400 -15.32 23.55 12.63
C ALA C 400 -14.52 24.30 13.68
N VAL C 401 -14.82 24.00 14.94
CA VAL C 401 -14.03 24.47 16.07
C VAL C 401 -13.66 23.24 16.87
N PHE C 402 -12.84 23.43 17.89
CA PHE C 402 -12.24 22.29 18.56
C PHE C 402 -13.32 21.36 19.13
N GLY C 403 -13.17 20.06 18.86
CA GLY C 403 -14.13 19.08 19.33
C GLY C 403 -15.30 18.81 18.41
N ASP C 404 -15.42 19.54 17.31
CA ASP C 404 -16.50 19.29 16.35
C ASP C 404 -16.32 17.94 15.69
N SER C 405 -17.43 17.25 15.47
CA SER C 405 -17.46 16.06 14.66
C SER C 405 -18.37 16.19 13.46
N SER C 406 -19.21 17.22 13.42
CA SER C 406 -20.19 17.41 12.36
C SER C 406 -19.72 18.51 11.41
N ALA C 407 -19.51 18.15 10.15
CA ALA C 407 -19.25 19.18 9.15
C ALA C 407 -20.53 19.88 8.72
N LEU C 408 -21.69 19.23 8.89
CA LEU C 408 -22.96 19.84 8.50
C LEU C 408 -23.30 21.02 9.41
N ALA C 409 -23.24 20.80 10.72
CA ALA C 409 -23.61 21.81 11.71
C ALA C 409 -22.47 21.93 12.70
N PRO C 410 -21.33 22.50 12.26
CA PRO C 410 -20.17 22.64 13.15
C PRO C 410 -20.43 23.74 14.15
N GLY C 411 -19.51 23.94 15.08
CA GLY C 411 -19.79 24.82 16.17
C GLY C 411 -19.37 26.25 15.97
N GLY C 412 -18.86 26.62 14.79
CA GLY C 412 -18.26 27.92 14.61
C GLY C 412 -18.60 28.56 13.28
N VAL C 413 -18.26 29.83 13.20
CA VAL C 413 -18.28 30.54 11.92
C VAL C 413 -16.93 31.23 11.81
N ARG C 414 -16.38 31.24 10.62
CA ARG C 414 -15.08 31.84 10.37
C ARG C 414 -15.29 33.11 9.54
N ILE C 415 -14.61 34.18 9.95
CA ILE C 415 -14.74 35.50 9.33
C ILE C 415 -13.34 35.95 8.95
N GLY C 416 -13.17 36.44 7.73
CA GLY C 416 -11.89 36.96 7.29
C GLY C 416 -12.06 38.38 6.77
N ALA C 417 -10.99 39.15 6.86
CA ALA C 417 -10.96 40.53 6.40
C ALA C 417 -10.48 40.76 4.96
N PRO C 418 -9.73 39.83 4.31
CA PRO C 418 -9.16 40.17 2.99
C PRO C 418 -10.10 40.74 1.95
N ALA C 419 -11.27 40.14 1.73
CA ALA C 419 -12.11 40.57 0.60
C ALA C 419 -12.61 41.99 0.81
N MET C 420 -13.11 42.29 2.00
CA MET C 420 -13.76 43.58 2.18
C MET C 420 -12.71 44.67 2.34
N THR C 421 -11.53 44.31 2.88
CA THR C 421 -10.41 45.23 2.93
C THR C 421 -9.98 45.64 1.53
N SER C 422 -10.04 44.70 0.59
CA SER C 422 -9.73 45.01 -0.81
C SER C 422 -10.71 46.00 -1.41
N ARG C 423 -11.95 46.03 -0.93
CA ARG C 423 -12.89 47.07 -1.36
C ARG C 423 -12.66 48.41 -0.66
N GLY C 424 -11.66 48.51 0.20
CA GLY C 424 -11.33 49.78 0.84
C GLY C 424 -11.83 49.94 2.26
N LEU C 425 -12.39 48.91 2.87
CA LEU C 425 -12.90 49.06 4.23
C LEU C 425 -11.76 49.20 5.24
N VAL C 426 -11.98 50.04 6.25
CA VAL C 426 -10.99 50.22 7.30
C VAL C 426 -11.62 49.84 8.63
N GLU C 427 -10.97 50.17 9.74
CA GLU C 427 -11.38 49.59 11.03
C GLU C 427 -12.83 49.94 11.37
N LYS C 428 -13.24 51.21 11.17
CA LYS C 428 -14.59 51.56 11.59
C LYS C 428 -15.63 50.87 10.73
N ASP C 429 -15.32 50.61 9.45
CA ASP C 429 -16.20 49.82 8.60
C ASP C 429 -16.30 48.39 9.10
N PHE C 430 -15.19 47.85 9.57
CA PHE C 430 -15.23 46.49 10.10
C PHE C 430 -15.92 46.42 11.45
N GLU C 431 -15.94 47.51 12.21
CA GLU C 431 -16.76 47.53 13.40
C GLU C 431 -18.25 47.53 13.05
N GLN C 432 -18.65 48.29 12.01
CA GLN C 432 -20.01 48.13 11.48
C GLN C 432 -20.30 46.68 11.09
N ILE C 433 -19.35 46.02 10.42
CA ILE C 433 -19.56 44.61 10.05
C ILE C 433 -19.79 43.77 11.29
N GLY C 434 -19.03 44.04 12.35
CA GLY C 434 -19.28 43.36 13.60
C GLY C 434 -20.68 43.59 14.12
N GLU C 435 -21.18 44.82 13.96
CA GLU C 435 -22.54 45.11 14.39
C GLU C 435 -23.56 44.38 13.52
N PHE C 436 -23.34 44.37 12.20
CA PHE C 436 -24.17 43.55 11.33
C PHE C 436 -24.09 42.09 11.75
N LEU C 437 -22.91 41.62 12.09
CA LEU C 437 -22.81 40.22 12.51
C LEU C 437 -23.52 40.01 13.83
N HIS C 438 -23.41 41.00 14.73
CA HIS C 438 -24.10 40.92 16.01
C HIS C 438 -25.60 40.86 15.81
N ARG C 439 -26.12 41.69 14.89
CA ARG C 439 -27.55 41.68 14.60
C ARG C 439 -27.96 40.36 13.97
N ALA C 440 -27.14 39.81 13.07
CA ALA C 440 -27.47 38.53 12.44
C ALA C 440 -27.55 37.41 13.46
N VAL C 441 -26.58 37.36 14.36
CA VAL C 441 -26.57 36.30 15.37
C VAL C 441 -27.75 36.46 16.32
N THR C 442 -28.06 37.71 16.70
CA THR C 442 -29.22 37.96 17.56
C THR C 442 -30.50 37.45 16.90
N LEU C 443 -30.73 37.81 15.63
CA LEU C 443 -31.87 37.26 14.90
C LEU C 443 -31.82 35.74 14.81
N THR C 444 -30.65 35.16 14.56
CA THR C 444 -30.59 33.71 14.54
C THR C 444 -31.10 33.13 15.85
N LEU C 445 -30.73 33.76 16.97
CA LEU C 445 -31.17 33.29 18.28
C LEU C 445 -32.67 33.41 18.44
N GLU C 446 -33.26 34.52 17.97
CA GLU C 446 -34.70 34.70 18.12
C GLU C 446 -35.48 33.72 17.26
N ILE C 447 -35.05 33.50 16.02
CA ILE C 447 -35.66 32.48 15.19
C ILE C 447 -35.55 31.11 15.85
N GLN C 448 -34.38 30.80 16.41
CA GLN C 448 -34.22 29.51 17.07
C GLN C 448 -35.11 29.39 18.29
N LYS C 449 -35.17 30.45 19.10
CA LYS C 449 -36.03 30.43 20.29
C LYS C 449 -37.49 30.22 19.91
N GLU C 450 -37.92 30.83 18.81
CA GLU C 450 -39.33 30.80 18.44
C GLU C 450 -39.70 29.57 17.62
N HIS C 451 -38.76 29.02 16.85
CA HIS C 451 -39.07 28.00 15.88
C HIS C 451 -38.38 26.67 16.17
N GLY C 452 -37.57 26.57 17.21
CA GLY C 452 -36.96 25.31 17.57
C GLY C 452 -35.54 25.18 17.04
N LYS C 453 -34.81 24.22 17.61
CA LYS C 453 -33.41 24.02 17.25
C LYS C 453 -33.22 23.03 16.09
N LEU C 454 -34.20 22.18 15.80
CA LEU C 454 -34.05 21.29 14.66
C LEU C 454 -34.02 22.10 13.36
N LEU C 455 -33.16 21.69 12.42
CA LEU C 455 -32.92 22.53 11.24
C LEU C 455 -34.21 22.79 10.48
N LYS C 456 -35.01 21.74 10.24
CA LYS C 456 -36.23 21.92 9.45
C LYS C 456 -37.20 22.87 10.14
N ASP C 457 -37.16 22.96 11.47
CA ASP C 457 -38.02 23.90 12.19
C ASP C 457 -37.44 25.31 12.18
N PHE C 458 -36.13 25.44 12.43
CA PHE C 458 -35.48 26.74 12.33
C PHE C 458 -35.73 27.38 10.96
N ASN C 459 -35.62 26.60 9.89
CA ASN C 459 -35.81 27.15 8.54
C ASN C 459 -37.14 27.85 8.41
N LYS C 460 -38.17 27.38 9.14
CA LYS C 460 -39.49 27.99 9.03
C LYS C 460 -39.46 29.47 9.39
N GLY C 461 -38.59 29.87 10.32
CA GLY C 461 -38.45 31.26 10.68
C GLY C 461 -37.68 32.15 9.73
N LEU C 462 -37.13 31.61 8.64
CA LEU C 462 -36.40 32.43 7.69
C LEU C 462 -37.27 33.05 6.62
N VAL C 463 -38.55 32.69 6.57
CA VAL C 463 -39.48 33.16 5.53
C VAL C 463 -40.25 34.34 6.06
N ASN C 464 -40.46 35.35 5.21
CA ASN C 464 -41.30 36.51 5.54
C ASN C 464 -40.91 37.12 6.89
N ASN C 465 -39.61 37.35 7.07
CA ASN C 465 -39.06 37.82 8.34
C ASN C 465 -38.59 39.26 8.16
N LYS C 466 -39.32 40.22 8.75
CA LYS C 466 -39.03 41.63 8.52
C LYS C 466 -37.62 42.00 8.97
N ALA C 467 -37.18 41.49 10.11
CA ALA C 467 -35.86 41.87 10.60
C ALA C 467 -34.75 41.37 9.68
N ILE C 468 -34.93 40.18 9.10
CA ILE C 468 -34.02 39.73 8.06
C ILE C 468 -34.06 40.69 6.87
N GLU C 469 -35.28 41.02 6.41
CA GLU C 469 -35.44 42.05 5.39
C GLU C 469 -34.74 43.34 5.75
N ASP C 470 -34.99 43.86 6.96
CA ASP C 470 -34.35 45.11 7.39
C ASP C 470 -32.84 45.00 7.37
N LEU C 471 -32.30 43.88 7.84
CA LEU C 471 -30.84 43.77 7.95
C LEU C 471 -30.22 43.59 6.57
N LYS C 472 -30.85 42.79 5.70
CA LYS C 472 -30.41 42.72 4.32
C LYS C 472 -30.36 44.11 3.69
N ALA C 473 -31.40 44.92 3.92
CA ALA C 473 -31.44 46.28 3.37
C ALA C 473 -30.30 47.15 3.89
N ASP C 474 -30.01 47.07 5.18
CA ASP C 474 -28.93 47.87 5.75
C ASP C 474 -27.56 47.40 5.28
N VAL C 475 -27.40 46.08 5.11
CA VAL C 475 -26.15 45.54 4.60
C VAL C 475 -25.93 46.00 3.18
N GLU C 476 -26.98 45.92 2.37
CA GLU C 476 -26.82 46.27 0.97
C GLU C 476 -26.44 47.74 0.82
N LYS C 477 -27.12 48.62 1.56
CA LYS C 477 -26.85 50.05 1.43
C LYS C 477 -25.44 50.38 1.92
N PHE C 478 -25.01 49.79 3.03
CA PHE C 478 -23.63 49.89 3.47
C PHE C 478 -22.66 49.38 2.39
N SER C 479 -22.96 48.22 1.80
CA SER C 479 -22.03 47.58 0.88
CA SER C 479 -22.02 47.58 0.88
C SER C 479 -21.82 48.41 -0.38
N ALA C 480 -22.87 49.07 -0.87
CA ALA C 480 -22.79 49.82 -2.12
C ALA C 480 -22.01 51.14 -1.99
N THR C 481 -21.64 51.57 -0.79
CA THR C 481 -20.84 52.78 -0.61
C THR C 481 -19.35 52.55 -0.85
N PHE C 482 -18.93 51.36 -1.26
CA PHE C 482 -17.51 51.08 -1.46
C PHE C 482 -17.26 50.73 -2.93
N ASP C 483 -16.00 50.94 -3.34
CA ASP C 483 -15.55 50.57 -4.67
C ASP C 483 -15.46 49.04 -4.79
N MET C 484 -15.30 48.59 -6.04
CA MET C 484 -15.19 47.17 -6.34
C MET C 484 -14.10 46.90 -7.37
N PRO C 485 -13.05 46.16 -7.00
CA PRO C 485 -12.04 45.79 -8.00
C PRO C 485 -12.55 44.67 -8.90
N GLY C 486 -11.93 44.55 -10.07
CA GLY C 486 -12.19 43.44 -10.97
C GLY C 486 -13.06 43.80 -12.16
N PHE C 487 -13.96 44.74 -11.99
CA PHE C 487 -14.82 45.17 -13.08
C PHE C 487 -15.35 46.55 -12.76
N LEU C 488 -15.75 47.28 -13.80
CA LEU C 488 -16.35 48.60 -13.64
C LEU C 488 -17.82 48.44 -13.27
N VAL C 489 -18.17 48.84 -12.05
CA VAL C 489 -19.56 48.88 -11.62
C VAL C 489 -20.39 49.77 -12.54
N SER C 490 -19.76 50.65 -13.28
CA SER C 490 -20.50 51.52 -14.19
C SER C 490 -20.90 50.81 -15.48
N GLU C 491 -20.25 49.70 -15.80
CA GLU C 491 -20.59 48.93 -16.98
C GLU C 491 -21.47 47.72 -16.65
N MET C 492 -21.76 47.48 -15.38
CA MET C 492 -22.31 46.21 -14.96
C MET C 492 -23.82 46.20 -15.20
N LYS C 493 -24.35 45.02 -15.54
CA LYS C 493 -25.72 44.94 -16.01
C LYS C 493 -26.71 45.31 -14.91
N TYR C 494 -26.44 44.91 -13.68
CA TYR C 494 -27.38 45.11 -12.59
C TYR C 494 -26.77 46.12 -11.63
N LYS C 495 -27.12 47.39 -11.83
CA LYS C 495 -26.57 48.47 -11.02
C LYS C 495 -27.40 48.73 -9.77
N ASP C 496 -28.58 48.13 -9.66
CA ASP C 496 -29.33 48.16 -8.39
C ASP C 496 -30.13 46.88 -8.24
N MET D 26 -2.66 52.62 1.28
CA MET D 26 -3.36 51.69 0.38
C MET D 26 -3.65 52.35 -0.97
N ASP D 27 -3.45 51.63 -2.06
CA ASP D 27 -3.83 52.17 -3.36
C ASP D 27 -5.35 52.28 -3.44
N PRO D 28 -5.88 53.35 -4.04
CA PRO D 28 -7.31 53.37 -4.35
C PRO D 28 -7.67 52.13 -5.15
N VAL D 29 -8.89 51.64 -4.96
CA VAL D 29 -9.36 50.46 -5.70
C VAL D 29 -9.16 50.66 -7.20
N SER D 30 -9.53 51.83 -7.71
CA SER D 30 -9.46 52.04 -9.15
C SER D 30 -8.05 51.88 -9.68
N VAL D 31 -7.03 52.24 -8.90
CA VAL D 31 -5.65 52.11 -9.37
C VAL D 31 -5.21 50.65 -9.48
N TRP D 32 -5.12 49.93 -8.37
CA TRP D 32 -4.65 48.55 -8.45
C TRP D 32 -5.72 47.61 -9.02
N GLY D 33 -7.00 47.88 -8.74
CA GLY D 33 -8.04 46.87 -8.98
C GLY D 33 -8.89 47.01 -10.22
N ASN D 34 -8.90 48.20 -10.86
CA ASN D 34 -9.67 48.41 -12.08
C ASN D 34 -8.85 48.79 -13.30
N THR D 35 -7.59 49.18 -13.13
CA THR D 35 -6.76 49.59 -14.26
C THR D 35 -6.50 48.39 -15.18
N PRO D 36 -6.57 48.59 -16.50
CA PRO D 36 -6.35 47.47 -17.42
C PRO D 36 -4.94 46.91 -17.30
N LEU D 37 -4.81 45.64 -17.72
CA LEU D 37 -3.57 44.91 -17.66
C LEU D 37 -2.43 45.64 -18.38
N ALA D 38 -2.72 46.27 -19.53
CA ALA D 38 -1.66 46.90 -20.31
C ALA D 38 -0.98 48.02 -19.53
N THR D 39 -1.68 48.63 -18.57
CA THR D 39 -1.02 49.58 -17.69
C THR D 39 -0.50 48.95 -16.39
N VAL D 40 -1.27 48.08 -15.74
CA VAL D 40 -0.80 47.49 -14.49
C VAL D 40 0.51 46.73 -14.71
N ASP D 41 0.61 46.01 -15.82
CA ASP D 41 1.70 45.06 -16.03
C ASP D 41 2.05 45.04 -17.51
N PRO D 42 2.76 46.06 -17.99
CA PRO D 42 3.11 46.10 -19.41
C PRO D 42 3.91 44.90 -19.86
N GLU D 43 4.73 44.31 -18.98
CA GLU D 43 5.55 43.18 -19.39
C GLU D 43 4.70 41.99 -19.78
N ILE D 44 3.76 41.63 -18.90
CA ILE D 44 2.92 40.48 -19.16
C ILE D 44 1.97 40.79 -20.29
N HIS D 45 1.43 42.02 -20.32
CA HIS D 45 0.59 42.42 -21.43
C HIS D 45 1.30 42.26 -22.76
N ASP D 46 2.57 42.68 -22.83
CA ASP D 46 3.33 42.53 -24.08
C ASP D 46 3.51 41.07 -24.45
N LEU D 47 3.84 40.21 -23.47
CA LEU D 47 4.01 38.80 -23.75
C LEU D 47 2.71 38.17 -24.22
N ILE D 48 1.58 38.50 -23.59
CA ILE D 48 0.31 37.96 -24.07
C ILE D 48 0.05 38.39 -25.51
N GLU D 49 0.33 39.66 -25.83
CA GLU D 49 0.11 40.17 -27.18
C GLU D 49 0.99 39.44 -28.19
N LYS D 50 2.26 39.22 -27.84
CA LYS D 50 3.14 38.41 -28.67
C LYS D 50 2.62 36.98 -28.82
N GLU D 51 2.01 36.43 -27.78
CA GLU D 51 1.44 35.07 -27.89
C GLU D 51 0.21 35.04 -28.78
N LYS D 52 -0.67 36.04 -28.68
CA LYS D 52 -1.78 36.14 -29.61
C LYS D 52 -1.28 36.23 -31.05
N HIS D 53 -0.25 37.03 -31.28
CA HIS D 53 0.33 37.14 -32.62
C HIS D 53 0.92 35.82 -33.07
N ARG D 54 1.58 35.10 -32.16
CA ARG D 54 2.16 33.81 -32.53
C ARG D 54 1.06 32.82 -32.93
N GLN D 55 -0.08 32.84 -32.24
CA GLN D 55 -1.13 31.87 -32.51
C GLN D 55 -1.78 32.09 -33.87
N CYS D 56 -1.87 33.34 -34.36
CA CYS D 56 -2.49 33.72 -35.61
CA CYS D 56 -2.51 33.49 -35.64
C CYS D 56 -1.54 33.68 -36.81
N ARG D 57 -0.24 33.65 -36.56
CA ARG D 57 0.72 33.80 -37.64
C ARG D 57 1.38 32.48 -38.03
N GLY D 58 1.17 31.41 -37.28
CA GLY D 58 1.74 30.14 -37.65
C GLY D 58 0.70 29.09 -37.94
N ILE D 59 1.14 27.85 -38.10
CA ILE D 59 0.23 26.74 -38.33
C ILE D 59 0.26 25.89 -37.08
N GLU D 60 -0.89 25.75 -36.42
CA GLU D 60 -0.95 25.12 -35.11
C GLU D 60 -1.54 23.73 -35.30
N LEU D 61 -0.69 22.71 -35.16
CA LEU D 61 -1.05 21.32 -35.44
C LEU D 61 -0.90 20.42 -34.22
N ILE D 62 -0.72 20.98 -33.02
CA ILE D 62 -0.76 20.14 -31.84
C ILE D 62 -2.18 19.61 -31.69
N ALA D 63 -2.33 18.29 -31.65
CA ALA D 63 -3.65 17.67 -31.77
C ALA D 63 -4.53 17.98 -30.56
N SER D 64 -3.91 18.31 -29.44
CA SER D 64 -4.58 18.57 -28.19
C SER D 64 -4.88 20.05 -28.00
N GLU D 65 -4.62 20.87 -29.00
CA GLU D 65 -4.80 22.31 -28.89
C GLU D 65 -6.00 22.74 -29.72
N ASN D 66 -6.62 23.83 -29.30
CA ASN D 66 -7.69 24.43 -30.10
C ASN D 66 -7.66 25.93 -29.83
N PHE D 67 -8.45 26.67 -30.58
CA PHE D 67 -8.62 28.10 -30.36
C PHE D 67 -10.04 28.29 -29.87
N THR D 68 -10.20 28.66 -28.59
CA THR D 68 -11.54 28.72 -28.03
C THR D 68 -12.15 30.09 -28.34
N SER D 69 -13.44 30.23 -28.06
CA SER D 69 -14.18 31.40 -28.51
C SER D 69 -13.95 32.58 -27.58
N PHE D 70 -14.27 33.78 -28.08
CA PHE D 70 -14.21 34.94 -27.20
C PHE D 70 -15.21 34.82 -26.06
N ALA D 71 -16.41 34.32 -26.35
CA ALA D 71 -17.41 34.13 -25.32
C ALA D 71 -16.91 33.23 -24.19
N VAL D 72 -16.27 32.11 -24.55
CA VAL D 72 -15.67 31.26 -23.52
C VAL D 72 -14.66 32.05 -22.70
N ILE D 73 -13.80 32.79 -23.40
CA ILE D 73 -12.75 33.54 -22.73
C ILE D 73 -13.33 34.63 -21.83
N GLU D 74 -14.43 35.26 -22.24
CA GLU D 74 -15.01 36.28 -21.36
C GLU D 74 -15.51 35.67 -20.06
N ALA D 75 -16.01 34.45 -20.11
CA ALA D 75 -16.50 33.80 -18.90
C ALA D 75 -15.32 33.38 -18.03
N LEU D 76 -14.26 32.89 -18.68
CA LEU D 76 -13.05 32.48 -17.98
C LEU D 76 -12.43 33.64 -17.22
N GLY D 77 -12.34 34.81 -17.86
CA GLY D 77 -11.82 36.00 -17.23
C GLY D 77 -12.97 36.82 -16.67
N SER D 78 -13.47 36.40 -15.52
CA SER D 78 -14.63 37.05 -14.93
C SER D 78 -14.57 36.92 -13.42
N ALA D 79 -15.46 37.68 -12.76
CA ALA D 79 -15.56 37.71 -11.32
C ALA D 79 -15.92 36.34 -10.71
N LEU D 80 -16.24 35.33 -11.53
CA LEU D 80 -16.45 33.99 -11.00
C LEU D 80 -15.20 33.44 -10.32
N THR D 81 -14.02 33.96 -10.66
CA THR D 81 -12.81 33.50 -10.02
C THR D 81 -12.79 33.82 -8.52
N ASN D 82 -13.63 34.76 -8.06
CA ASN D 82 -13.59 35.22 -6.68
C ASN D 82 -14.33 34.30 -5.69
N LYS D 83 -15.07 33.30 -6.15
CA LYS D 83 -16.03 32.61 -5.28
C LYS D 83 -15.48 31.27 -4.78
N TYR D 84 -15.51 31.06 -3.47
CA TYR D 84 -15.37 29.73 -2.89
C TYR D 84 -16.72 29.02 -2.85
N SER D 85 -16.77 27.80 -3.38
CA SER D 85 -18.05 27.08 -3.48
C SER D 85 -17.84 25.57 -3.34
N GLU D 86 -17.07 25.15 -2.32
CA GLU D 86 -16.86 23.72 -2.14
C GLU D 86 -18.18 23.01 -1.87
N GLY D 87 -18.28 21.79 -2.38
CA GLY D 87 -19.48 20.99 -2.29
C GLY D 87 -20.14 20.84 -3.64
N MET D 88 -21.46 20.71 -3.61
CA MET D 88 -22.30 20.55 -4.78
C MET D 88 -23.36 21.64 -4.72
N PRO D 89 -23.94 22.03 -5.85
CA PRO D 89 -25.01 23.03 -5.80
C PRO D 89 -26.10 22.58 -4.83
N GLY D 90 -26.63 23.54 -4.08
CA GLY D 90 -27.57 23.27 -3.01
C GLY D 90 -26.98 22.66 -1.76
N ASN D 91 -25.69 22.24 -1.77
CA ASN D 91 -25.05 21.61 -0.60
C ASN D 91 -23.58 22.07 -0.54
N ARG D 92 -23.40 23.34 -0.22
CA ARG D 92 -22.08 23.97 -0.24
C ARG D 92 -21.52 24.09 1.17
N TYR D 93 -20.20 24.27 1.25
CA TYR D 93 -19.57 24.54 2.53
C TYR D 93 -19.43 26.04 2.81
N TYR D 94 -19.95 26.89 1.92
CA TYR D 94 -19.84 28.34 2.04
C TYR D 94 -21.18 28.97 1.72
N GLY D 95 -21.44 30.16 2.30
CA GLY D 95 -22.56 30.96 1.86
C GLY D 95 -22.29 31.65 0.53
N GLY D 96 -23.33 32.30 0.01
CA GLY D 96 -23.19 33.18 -1.14
C GLY D 96 -23.24 32.53 -2.51
N ASN D 97 -23.70 31.28 -2.60
CA ASN D 97 -23.57 30.53 -3.84
C ASN D 97 -24.86 30.47 -4.64
N GLU D 98 -25.76 31.43 -4.42
CA GLU D 98 -27.03 31.46 -5.14
C GLU D 98 -26.82 31.38 -6.65
N PHE D 99 -25.83 32.09 -7.18
CA PHE D 99 -25.66 32.12 -8.63
C PHE D 99 -24.63 31.13 -9.13
N ILE D 100 -23.56 30.88 -8.38
CA ILE D 100 -22.63 29.82 -8.75
C ILE D 100 -23.34 28.48 -8.85
N ASP D 101 -24.31 28.25 -7.97
CA ASP D 101 -25.08 27.01 -8.06
C ASP D 101 -25.82 26.93 -9.39
N GLN D 102 -26.42 28.03 -9.82
CA GLN D 102 -27.16 28.01 -11.07
C GLN D 102 -26.22 27.83 -12.26
N ILE D 103 -25.04 28.46 -12.21
CA ILE D 103 -24.04 28.26 -13.24
C ILE D 103 -23.59 26.82 -13.31
N GLU D 104 -23.23 26.23 -12.17
CA GLU D 104 -22.78 24.84 -12.21
C GLU D 104 -23.92 23.90 -12.65
N ASN D 105 -25.15 24.13 -12.18
CA ASN D 105 -26.24 23.27 -12.62
C ASN D 105 -26.45 23.37 -14.11
N LEU D 106 -26.38 24.58 -14.67
CA LEU D 106 -26.50 24.74 -16.11
C LEU D 106 -25.35 24.05 -16.83
N CYS D 107 -24.14 24.17 -16.29
CA CYS D 107 -23.00 23.49 -16.89
C CYS D 107 -23.22 21.99 -16.96
N ARG D 108 -23.61 21.39 -15.83
CA ARG D 108 -23.83 19.96 -15.77
C ARG D 108 -24.92 19.53 -16.74
N SER D 109 -26.02 20.28 -16.82
CA SER D 109 -27.11 19.80 -17.67
CA SER D 109 -27.13 19.85 -17.67
C SER D 109 -26.76 20.00 -19.14
N ARG D 110 -26.00 21.04 -19.47
CA ARG D 110 -25.50 21.22 -20.84
C ARG D 110 -24.46 20.16 -21.19
N ALA D 111 -23.71 19.68 -20.20
CA ALA D 111 -22.77 18.58 -20.45
C ALA D 111 -23.52 17.30 -20.81
N LEU D 112 -24.59 17.00 -20.08
CA LEU D 112 -25.39 15.83 -20.45
C LEU D 112 -25.99 16.01 -21.82
N GLN D 113 -26.51 17.21 -22.09
CA GLN D 113 -27.14 17.48 -23.39
C GLN D 113 -26.14 17.38 -24.53
N ALA D 114 -24.94 17.94 -24.35
CA ALA D 114 -23.98 17.94 -25.45
C ALA D 114 -23.65 16.53 -25.89
N PHE D 115 -23.71 15.57 -24.97
CA PHE D 115 -23.37 14.20 -25.27
C PHE D 115 -24.61 13.31 -25.40
N HIS D 116 -25.79 13.93 -25.47
CA HIS D 116 -27.04 13.24 -25.75
C HIS D 116 -27.31 12.15 -24.72
N LEU D 117 -27.19 12.53 -23.46
CA LEU D 117 -27.30 11.61 -22.35
C LEU D 117 -28.59 11.86 -21.57
N ASP D 118 -29.27 10.77 -21.23
CA ASP D 118 -30.43 10.83 -20.34
C ASP D 118 -29.96 11.08 -18.91
N ALA D 119 -30.52 12.11 -18.27
CA ALA D 119 -30.10 12.45 -16.90
C ALA D 119 -30.51 11.39 -15.88
N GLN D 120 -31.48 10.53 -16.21
CA GLN D 120 -31.75 9.37 -15.35
C GLN D 120 -30.67 8.30 -15.48
N SER D 121 -29.97 8.28 -16.60
CA SER D 121 -28.98 7.24 -16.85
C SER D 121 -27.54 7.73 -16.65
N TRP D 122 -27.34 9.05 -16.59
CA TRP D 122 -26.00 9.61 -16.50
C TRP D 122 -26.00 10.83 -15.59
N GLY D 123 -24.93 10.96 -14.79
CA GLY D 123 -24.62 12.19 -14.10
C GLY D 123 -23.25 12.66 -14.57
N VAL D 124 -22.89 13.86 -14.17
CA VAL D 124 -21.60 14.41 -14.55
C VAL D 124 -21.12 15.32 -13.43
N ASN D 125 -19.81 15.31 -13.20
CA ASN D 125 -19.17 16.22 -12.28
C ASN D 125 -18.26 17.11 -13.11
N VAL D 126 -18.45 18.43 -13.00
CA VAL D 126 -17.75 19.37 -13.86
C VAL D 126 -16.70 20.18 -13.09
N GLN D 127 -16.29 19.71 -11.89
CA GLN D 127 -15.29 20.42 -11.09
C GLN D 127 -13.83 20.06 -11.32
N PRO D 128 -13.47 18.92 -11.95
CA PRO D 128 -12.04 18.64 -12.16
C PRO D 128 -11.32 19.82 -12.79
N TYR D 129 -10.17 20.17 -12.22
CA TYR D 129 -9.45 21.32 -12.73
C TYR D 129 -8.98 21.13 -14.17
N SER D 130 -8.71 19.89 -14.57
CA SER D 130 -8.18 19.60 -15.90
C SER D 130 -8.36 18.10 -16.16
N GLY D 131 -7.81 17.62 -17.27
CA GLY D 131 -8.00 16.21 -17.62
C GLY D 131 -7.35 15.26 -16.64
N SER D 132 -6.08 15.48 -16.35
CA SER D 132 -5.40 14.60 -15.38
C SER D 132 -6.06 14.62 -14.01
N PRO D 133 -6.46 15.77 -13.45
CA PRO D 133 -7.27 15.73 -12.24
C PRO D 133 -8.54 14.93 -12.38
N ALA D 134 -9.23 15.03 -13.54
CA ALA D 134 -10.47 14.26 -13.71
C ALA D 134 -10.19 12.77 -13.60
N ASN D 135 -9.12 12.30 -14.24
CA ASN D 135 -8.86 10.87 -14.26
C ASN D 135 -8.46 10.36 -12.88
N PHE D 136 -7.55 11.06 -12.22
CA PHE D 136 -7.11 10.61 -10.90
C PHE D 136 -8.28 10.57 -9.92
N ALA D 137 -9.20 11.53 -10.02
CA ALA D 137 -10.39 11.52 -9.19
C ALA D 137 -11.31 10.38 -9.58
N ALA D 138 -11.56 10.20 -10.89
CA ALA D 138 -12.33 9.04 -11.33
C ALA D 138 -11.76 7.75 -10.77
N TYR D 139 -10.43 7.60 -10.79
CA TYR D 139 -9.84 6.36 -10.28
C TYR D 139 -9.95 6.26 -8.77
N THR D 140 -9.71 7.38 -8.08
CA THR D 140 -9.84 7.39 -6.63
C THR D 140 -11.26 7.05 -6.18
N ALA D 141 -12.25 7.40 -7.00
CA ALA D 141 -13.66 7.13 -6.63
C ALA D 141 -13.95 5.64 -6.61
N VAL D 142 -13.38 4.88 -7.54
CA VAL D 142 -13.75 3.48 -7.72
C VAL D 142 -12.64 2.53 -7.30
N LEU D 143 -11.42 3.01 -7.08
CA LEU D 143 -10.28 2.17 -6.76
C LEU D 143 -9.74 2.50 -5.36
N ASN D 144 -9.25 1.47 -4.67
CA ASN D 144 -8.42 1.62 -3.49
C ASN D 144 -6.96 1.76 -3.94
N PRO D 145 -6.09 2.34 -3.11
CA PRO D 145 -4.67 2.41 -3.49
C PRO D 145 -4.17 1.02 -3.84
N HIS D 146 -3.36 0.93 -4.90
CA HIS D 146 -2.76 -0.27 -5.47
C HIS D 146 -3.74 -1.18 -6.20
N ASP D 147 -5.00 -0.78 -6.38
CA ASP D 147 -5.86 -1.57 -7.24
C ASP D 147 -5.32 -1.56 -8.68
N ARG D 148 -5.73 -2.56 -9.46
CA ARG D 148 -5.15 -2.79 -10.78
C ARG D 148 -5.93 -2.08 -11.88
N ILE D 149 -5.21 -1.46 -12.78
CA ILE D 149 -5.81 -0.82 -13.94
C ILE D 149 -5.06 -1.25 -15.19
N MET D 150 -5.77 -1.22 -16.31
CA MET D 150 -5.12 -1.30 -17.60
C MET D 150 -5.62 -0.23 -18.53
N GLY D 151 -4.67 0.49 -19.13
CA GLY D 151 -4.97 1.48 -20.13
C GLY D 151 -4.05 1.28 -21.31
N LEU D 152 -4.30 2.04 -22.38
CA LEU D 152 -3.46 1.96 -23.57
C LEU D 152 -2.06 2.44 -23.25
N ASP D 153 -1.06 1.63 -23.60
CA ASP D 153 0.33 1.96 -23.37
C ASP D 153 0.69 3.28 -24.04
N LEU D 154 1.45 4.12 -23.34
CA LEU D 154 1.72 5.44 -23.89
C LEU D 154 2.35 5.38 -25.27
N PRO D 155 3.34 4.49 -25.55
CA PRO D 155 3.87 4.41 -26.92
C PRO D 155 2.87 3.88 -27.93
N SER D 156 1.87 3.12 -27.46
CA SER D 156 0.78 2.66 -28.32
C SER D 156 -0.29 3.73 -28.52
N GLY D 157 -0.20 4.84 -27.79
CA GLY D 157 -1.13 5.95 -27.96
C GLY D 157 -1.88 6.34 -26.71
N GLY D 158 -1.67 5.71 -25.55
CA GLY D 158 -2.41 6.07 -24.35
C GLY D 158 -1.85 7.30 -23.67
N HIS D 159 -2.60 7.80 -22.71
CA HIS D 159 -2.17 8.98 -21.99
C HIS D 159 -1.32 8.60 -20.77
N LEU D 160 -0.50 9.56 -20.34
CA LEU D 160 0.20 9.50 -19.06
C LEU D 160 -0.67 8.90 -17.97
N THR D 161 -1.86 9.48 -17.76
CA THR D 161 -2.73 9.07 -16.65
C THR D 161 -3.40 7.77 -16.88
N HIS D 162 -3.04 6.98 -17.89
CA HIS D 162 -3.61 5.65 -18.08
C HIS D 162 -2.69 4.57 -17.52
N GLY D 163 -1.88 4.91 -16.51
CA GLY D 163 -0.99 3.96 -15.90
C GLY D 163 0.41 3.93 -16.47
N TYR D 164 0.91 5.06 -16.98
CA TYR D 164 2.14 5.03 -17.75
C TYR D 164 3.35 4.79 -16.84
N TYR D 165 4.00 3.64 -17.00
CA TYR D 165 5.41 3.47 -16.69
C TYR D 165 6.14 3.05 -17.97
N THR D 166 7.46 3.20 -17.97
CA THR D 166 8.21 2.99 -19.19
C THR D 166 8.51 1.52 -19.39
N SER D 167 8.89 1.18 -20.63
CA SER D 167 9.32 -0.18 -20.93
C SER D 167 10.51 -0.61 -20.07
N GLY D 168 11.28 0.33 -19.55
CA GLY D 168 12.30 -0.01 -18.58
C GLY D 168 11.80 -0.05 -17.15
N GLY D 169 10.48 -0.03 -16.96
CA GLY D 169 9.91 -0.19 -15.64
C GLY D 169 9.96 1.03 -14.74
N LYS D 170 10.30 2.21 -15.25
CA LYS D 170 10.29 3.42 -14.44
C LYS D 170 8.86 3.95 -14.30
N LYS D 171 8.42 4.14 -13.07
CA LYS D 171 7.09 4.68 -12.84
C LYS D 171 7.09 6.17 -13.15
N ILE D 172 6.22 6.61 -14.04
CA ILE D 172 6.18 7.98 -14.50
C ILE D 172 4.94 8.71 -13.98
N SER D 173 3.76 8.25 -14.37
CA SER D 173 2.53 8.84 -13.87
CA SER D 173 2.54 8.85 -13.87
C SER D 173 2.25 8.36 -12.45
N ALA D 174 1.68 9.25 -11.65
CA ALA D 174 1.18 8.82 -10.36
C ALA D 174 0.13 7.72 -10.49
N THR D 175 -0.49 7.57 -11.66
CA THR D 175 -1.43 6.48 -11.81
C THR D 175 -0.73 5.13 -11.86
N SER D 176 0.60 5.10 -12.04
CA SER D 176 1.34 3.86 -11.93
C SER D 176 1.97 3.70 -10.56
N ILE D 177 1.84 4.72 -9.72
CA ILE D 177 2.39 4.71 -8.38
CA ILE D 177 2.40 4.70 -8.37
C ILE D 177 1.33 4.37 -7.34
N TYR D 178 0.23 5.11 -7.35
CA TYR D 178 -0.82 4.85 -6.40
C TYR D 178 -1.73 3.72 -6.82
N PHE D 179 -1.65 3.29 -8.07
CA PHE D 179 -2.39 2.14 -8.58
C PHE D 179 -1.42 1.25 -9.33
N GLU D 180 -1.86 0.01 -9.56
CA GLU D 180 -1.04 -1.02 -10.21
C GLU D 180 -1.45 -1.12 -11.67
N SER D 181 -0.58 -0.65 -12.56
CA SER D 181 -0.89 -0.56 -13.97
C SER D 181 -0.30 -1.73 -14.76
N LEU D 182 -1.07 -2.25 -15.71
CA LEU D 182 -0.53 -3.13 -16.75
C LEU D 182 -1.08 -2.66 -18.09
N PRO D 183 -0.29 -1.94 -18.87
CA PRO D 183 -0.82 -1.38 -20.13
C PRO D 183 -1.03 -2.45 -21.18
N TYR D 184 -1.96 -2.17 -22.09
CA TYR D 184 -2.15 -3.00 -23.27
C TYR D 184 -1.69 -2.21 -24.50
N LYS D 185 -1.31 -2.93 -25.55
CA LYS D 185 -0.57 -2.34 -26.66
C LYS D 185 -1.32 -2.51 -27.96
N VAL D 186 -0.89 -1.72 -28.97
CA VAL D 186 -1.35 -1.94 -30.33
C VAL D 186 -0.52 -3.05 -30.96
N ASN D 187 -1.09 -3.67 -31.99
CA ASN D 187 -0.34 -4.59 -32.84
C ASN D 187 0.91 -3.88 -33.36
N SER D 188 2.04 -4.59 -33.23
CA SER D 188 3.34 -4.05 -33.61
C SER D 188 3.41 -3.62 -35.07
N THR D 189 2.71 -4.33 -35.96
CA THR D 189 2.86 -4.03 -37.37
C THR D 189 1.67 -3.29 -37.98
N THR D 190 0.48 -3.39 -37.39
CA THR D 190 -0.68 -2.69 -37.94
C THR D 190 -0.99 -1.37 -37.21
N GLY D 191 -0.55 -1.21 -35.97
CA GLY D 191 -0.88 -0.02 -35.20
C GLY D 191 -2.26 -0.01 -34.60
N TYR D 192 -3.08 -1.00 -34.92
CA TYR D 192 -4.39 -1.12 -34.30
C TYR D 192 -4.27 -1.83 -32.95
N ILE D 193 -5.10 -1.41 -32.00
CA ILE D 193 -5.15 -2.08 -30.70
C ILE D 193 -5.26 -3.58 -30.88
N ASP D 194 -4.48 -4.34 -30.11
CA ASP D 194 -4.48 -5.80 -30.17
C ASP D 194 -5.51 -6.31 -29.16
N TYR D 195 -6.76 -6.42 -29.59
CA TYR D 195 -7.84 -6.74 -28.67
C TYR D 195 -7.69 -8.13 -28.08
N ASP D 196 -7.22 -9.11 -28.88
CA ASP D 196 -7.09 -10.46 -28.35
C ASP D 196 -6.08 -10.52 -27.22
N ARG D 197 -4.93 -9.87 -27.40
CA ARG D 197 -3.91 -9.79 -26.35
C ARG D 197 -4.40 -8.97 -25.15
N LEU D 198 -5.20 -7.93 -25.40
CA LEU D 198 -5.84 -7.22 -24.30
C LEU D 198 -6.72 -8.14 -23.48
N GLU D 199 -7.54 -8.95 -24.15
CA GLU D 199 -8.40 -9.86 -23.41
C GLU D 199 -7.57 -10.86 -22.61
N GLU D 200 -6.57 -11.46 -23.25
CA GLU D 200 -5.72 -12.43 -22.58
C GLU D 200 -5.05 -11.81 -21.37
N LYS D 201 -4.49 -10.61 -21.55
CA LYS D 201 -3.88 -9.88 -20.43
C LYS D 201 -4.89 -9.60 -19.33
N ALA D 202 -6.08 -9.12 -19.69
CA ALA D 202 -7.07 -8.78 -18.69
C ALA D 202 -7.48 -10.01 -17.89
N LEU D 203 -7.62 -11.16 -18.56
CA LEU D 203 -7.97 -12.38 -17.85
C LEU D 203 -6.87 -12.79 -16.88
N ASP D 204 -5.60 -12.60 -17.25
CA ASP D 204 -4.51 -12.97 -16.35
C ASP D 204 -4.33 -11.97 -15.22
N PHE D 205 -4.38 -10.68 -15.55
CA PHE D 205 -4.05 -9.60 -14.61
C PHE D 205 -5.22 -9.27 -13.69
N ARG D 206 -6.45 -9.48 -14.14
CA ARG D 206 -7.67 -9.20 -13.39
C ARG D 206 -7.71 -7.75 -12.92
N PRO D 207 -7.76 -6.79 -13.84
CA PRO D 207 -7.80 -5.38 -13.44
C PRO D 207 -9.13 -5.05 -12.82
N LYS D 208 -9.11 -4.11 -11.87
CA LYS D 208 -10.36 -3.56 -11.38
C LYS D 208 -10.96 -2.57 -12.37
N LEU D 209 -10.12 -1.93 -13.18
CA LEU D 209 -10.59 -0.91 -14.11
C LEU D 209 -9.83 -1.03 -15.42
N ILE D 210 -10.56 -0.99 -16.52
CA ILE D 210 -9.94 -0.94 -17.84
C ILE D 210 -10.22 0.43 -18.43
N ILE D 211 -9.18 1.10 -18.91
CA ILE D 211 -9.35 2.42 -19.50
C ILE D 211 -9.20 2.31 -21.01
N CYS D 212 -10.05 3.03 -21.73
CA CYS D 212 -9.95 3.17 -23.17
C CYS D 212 -10.01 4.66 -23.51
N GLY D 213 -9.80 4.94 -24.78
CA GLY D 213 -9.48 6.32 -25.12
C GLY D 213 -7.99 6.58 -25.06
N GLY D 214 -7.54 7.53 -25.86
CA GLY D 214 -6.11 7.76 -25.91
C GLY D 214 -5.77 9.15 -26.38
N SER D 215 -4.45 9.38 -26.51
CA SER D 215 -3.85 10.66 -26.85
C SER D 215 -3.27 10.69 -28.24
N ALA D 216 -2.86 9.53 -28.77
CA ALA D 216 -2.23 9.52 -30.09
C ALA D 216 -2.63 8.25 -30.85
N TYR D 217 -3.86 7.80 -30.67
CA TYR D 217 -4.40 6.65 -31.39
C TYR D 217 -5.25 7.16 -32.54
N PRO D 218 -4.91 6.88 -33.79
CA PRO D 218 -5.61 7.51 -34.92
C PRO D 218 -6.90 6.84 -35.35
N ARG D 219 -7.39 5.86 -34.62
CA ARG D 219 -8.55 5.09 -35.06
C ARG D 219 -9.64 5.14 -34.01
N ASP D 220 -10.83 4.73 -34.41
CA ASP D 220 -11.89 4.64 -33.43
C ASP D 220 -11.69 3.41 -32.54
N TRP D 221 -12.50 3.36 -31.48
CA TRP D 221 -12.39 2.37 -30.42
C TRP D 221 -13.58 1.43 -30.49
N ASP D 222 -13.32 0.12 -30.38
CA ASP D 222 -14.38 -0.87 -30.35
C ASP D 222 -14.86 -0.97 -28.90
N TYR D 223 -15.69 -0.01 -28.51
CA TYR D 223 -16.19 0.01 -27.14
C TYR D 223 -17.00 -1.24 -26.83
N LYS D 224 -17.70 -1.78 -27.83
CA LYS D 224 -18.45 -3.02 -27.62
C LYS D 224 -17.52 -4.12 -27.16
N ARG D 225 -16.37 -4.26 -27.82
CA ARG D 225 -15.42 -5.29 -27.43
CA ARG D 225 -15.41 -5.29 -27.44
C ARG D 225 -14.82 -4.99 -26.07
N PHE D 226 -14.57 -3.71 -25.78
CA PHE D 226 -14.07 -3.36 -24.45
C PHE D 226 -15.06 -3.78 -23.36
N ARG D 227 -16.34 -3.52 -23.57
CA ARG D 227 -17.36 -3.96 -22.62
C ARG D 227 -17.33 -5.47 -22.45
N GLU D 228 -17.28 -6.21 -23.56
CA GLU D 228 -17.18 -7.65 -23.50
C GLU D 228 -15.98 -8.10 -22.68
N ILE D 229 -14.84 -7.46 -22.89
CA ILE D 229 -13.65 -7.86 -22.17
C ILE D 229 -13.80 -7.52 -20.69
N ALA D 230 -14.35 -6.34 -20.40
CA ALA D 230 -14.52 -5.94 -19.02
C ALA D 230 -15.52 -6.84 -18.31
N ASP D 231 -16.63 -7.15 -18.98
CA ASP D 231 -17.58 -8.08 -18.38
C ASP D 231 -16.94 -9.42 -18.10
N LYS D 232 -15.96 -9.80 -18.93
CA LYS D 232 -15.37 -11.13 -18.82
C LYS D 232 -14.35 -11.22 -17.69
N CYS D 233 -13.67 -10.12 -17.35
CA CYS D 233 -12.71 -10.16 -16.25
C CYS D 233 -13.18 -9.44 -14.99
N GLY D 234 -14.41 -8.93 -14.98
CA GLY D 234 -14.95 -8.33 -13.77
C GLY D 234 -14.58 -6.87 -13.56
N ALA D 235 -14.12 -6.18 -14.57
CA ALA D 235 -13.62 -4.83 -14.41
C ALA D 235 -14.69 -3.83 -14.74
N LEU D 236 -14.57 -2.65 -14.11
CA LEU D 236 -15.21 -1.45 -14.59
C LEU D 236 -14.56 -1.00 -15.88
N LEU D 237 -15.33 -0.27 -16.69
CA LEU D 237 -14.86 0.22 -17.97
C LEU D 237 -15.00 1.73 -18.00
N LEU D 238 -13.89 2.43 -18.25
CA LEU D 238 -13.82 3.89 -18.28
C LEU D 238 -13.26 4.32 -19.62
N CYS D 239 -13.89 5.30 -20.23
CA CYS D 239 -13.36 5.91 -21.43
C CYS D 239 -12.88 7.31 -21.11
N ASP D 240 -11.63 7.58 -21.49
CA ASP D 240 -11.06 8.92 -21.48
C ASP D 240 -11.14 9.45 -22.91
N MET D 241 -12.20 10.19 -23.18
CA MET D 241 -12.51 10.71 -24.51
C MET D 241 -11.96 12.13 -24.72
N ALA D 242 -11.02 12.55 -23.89
CA ALA D 242 -10.47 13.91 -23.92
C ALA D 242 -10.18 14.40 -25.35
N HIS D 243 -9.52 13.57 -26.16
CA HIS D 243 -9.10 14.03 -27.47
C HIS D 243 -10.23 14.12 -28.48
N THR D 244 -11.20 13.23 -28.41
CA THR D 244 -12.26 13.14 -29.40
C THR D 244 -13.57 13.70 -28.88
N SER D 245 -13.60 14.22 -27.65
CA SER D 245 -14.87 14.61 -27.04
C SER D 245 -15.69 15.51 -27.97
N GLY D 246 -15.05 16.42 -28.70
CA GLY D 246 -15.80 17.26 -29.61
C GLY D 246 -16.43 16.44 -30.72
N LEU D 247 -15.68 15.47 -31.26
CA LEU D 247 -16.25 14.60 -32.28
C LEU D 247 -17.37 13.75 -31.70
N VAL D 248 -17.23 13.33 -30.43
CA VAL D 248 -18.29 12.56 -29.78
C VAL D 248 -19.55 13.41 -29.63
N ALA D 249 -19.41 14.61 -29.08
CA ALA D 249 -20.58 15.49 -28.94
C ALA D 249 -21.27 15.68 -30.28
N ALA D 250 -20.50 15.81 -31.35
CA ALA D 250 -21.06 15.98 -32.70
C ALA D 250 -21.51 14.68 -33.34
N GLN D 251 -21.42 13.57 -32.61
CA GLN D 251 -21.81 12.24 -33.09
C GLN D 251 -21.14 11.89 -34.41
N GLU D 252 -19.84 12.22 -34.51
CA GLU D 252 -19.04 11.93 -35.69
C GLU D 252 -18.09 10.75 -35.46
N VAL D 253 -18.03 10.22 -34.24
CA VAL D 253 -17.27 9.02 -33.92
C VAL D 253 -18.16 8.16 -33.00
N ASN D 254 -17.70 6.94 -32.69
CA ASN D 254 -18.42 6.10 -31.75
C ASN D 254 -18.59 6.82 -30.41
N SER D 255 -19.76 6.66 -29.78
CA SER D 255 -19.98 7.17 -28.43
C SER D 255 -19.53 6.16 -27.38
N PRO D 256 -18.60 6.50 -26.48
CA PRO D 256 -18.27 5.58 -25.39
C PRO D 256 -19.41 5.35 -24.42
N PHE D 257 -20.37 6.27 -24.35
CA PHE D 257 -21.39 6.19 -23.31
C PHE D 257 -22.25 4.93 -23.48
N GLU D 258 -22.36 4.40 -24.69
CA GLU D 258 -23.14 3.18 -24.88
CA GLU D 258 -23.13 3.18 -24.89
C GLU D 258 -22.59 2.02 -24.08
N TYR D 259 -21.27 1.98 -23.85
CA TYR D 259 -20.67 0.79 -23.23
C TYR D 259 -19.89 1.01 -21.95
N CYS D 260 -19.43 2.22 -21.66
CA CYS D 260 -18.56 2.45 -20.50
C CYS D 260 -19.34 2.88 -19.27
N ASP D 261 -18.84 2.45 -18.10
CA ASP D 261 -19.41 2.89 -16.82
C ASP D 261 -19.14 4.36 -16.55
N ILE D 262 -17.92 4.80 -16.87
CA ILE D 262 -17.46 6.14 -16.54
C ILE D 262 -16.82 6.69 -17.80
N VAL D 263 -17.02 7.98 -18.05
CA VAL D 263 -16.41 8.68 -19.17
C VAL D 263 -15.80 9.96 -18.63
N THR D 264 -14.48 10.09 -18.74
CA THR D 264 -13.79 11.32 -18.39
C THR D 264 -13.40 12.09 -19.65
N THR D 265 -13.13 13.37 -19.47
CA THR D 265 -12.73 14.14 -20.64
C THR D 265 -12.14 15.46 -20.18
N THR D 266 -11.27 16.00 -21.02
CA THR D 266 -10.94 17.43 -21.00
C THR D 266 -11.97 18.18 -21.81
N THR D 267 -11.98 19.51 -21.64
CA THR D 267 -12.90 20.32 -22.40
C THR D 267 -12.21 21.25 -23.36
N HIS D 268 -10.87 21.26 -23.40
CA HIS D 268 -10.13 22.26 -24.17
C HIS D 268 -9.57 21.74 -25.49
N LYS D 269 -9.81 20.49 -25.83
CA LYS D 269 -9.25 19.98 -27.07
CA LYS D 269 -9.26 19.95 -27.07
C LYS D 269 -10.25 20.11 -28.20
N SER D 270 -10.66 18.99 -28.81
CA SER D 270 -11.63 19.05 -29.89
C SER D 270 -12.96 19.63 -29.41
N LEU D 271 -13.24 19.62 -28.10
CA LEU D 271 -14.49 20.21 -27.60
C LEU D 271 -14.46 21.74 -27.64
N ARG D 272 -13.27 22.33 -27.78
CA ARG D 272 -13.09 23.74 -28.06
C ARG D 272 -13.54 24.62 -26.89
N GLY D 273 -13.37 24.13 -25.67
CA GLY D 273 -13.73 24.90 -24.50
C GLY D 273 -12.55 25.32 -23.66
N PRO D 274 -12.83 25.69 -22.42
CA PRO D 274 -11.74 26.04 -21.50
C PRO D 274 -10.99 24.80 -21.09
N ARG D 275 -9.88 25.03 -20.41
CA ARG D 275 -9.12 23.92 -19.82
C ARG D 275 -9.81 23.48 -18.55
N ALA D 276 -10.40 22.30 -18.60
CA ALA D 276 -11.20 21.78 -17.50
C ALA D 276 -11.38 20.29 -17.72
N GLY D 277 -11.88 19.60 -16.70
CA GLY D 277 -12.17 18.20 -16.80
C GLY D 277 -13.62 17.96 -16.41
N MET D 278 -14.14 16.82 -16.86
CA MET D 278 -15.51 16.39 -16.60
C MET D 278 -15.45 14.90 -16.32
N ILE D 279 -16.28 14.42 -15.39
CA ILE D 279 -16.40 12.99 -15.14
C ILE D 279 -17.87 12.64 -15.27
N PHE D 280 -18.21 11.89 -16.31
CA PHE D 280 -19.54 11.32 -16.48
C PHE D 280 -19.59 9.95 -15.82
N TYR D 281 -20.77 9.57 -15.31
CA TYR D 281 -20.90 8.29 -14.64
C TYR D 281 -22.32 7.82 -14.79
N ARG D 282 -22.51 6.50 -14.80
CA ARG D 282 -23.85 5.97 -14.96
C ARG D 282 -24.64 6.14 -13.68
N LYS D 283 -25.96 6.21 -13.83
CA LYS D 283 -26.90 6.22 -12.72
C LYS D 283 -28.03 5.28 -13.08
N GLY D 284 -28.85 4.93 -12.11
CA GLY D 284 -30.05 4.17 -12.39
C GLY D 284 -29.84 2.67 -12.45
N PRO D 285 -30.84 1.93 -12.96
CA PRO D 285 -30.76 0.47 -12.98
C PRO D 285 -29.56 -0.03 -13.77
N LYS D 286 -28.90 -1.06 -13.23
CA LYS D 286 -27.81 -1.72 -13.93
C LYS D 286 -28.38 -2.70 -14.94
N PRO D 287 -27.70 -2.90 -16.08
CA PRO D 287 -28.23 -3.83 -17.08
C PRO D 287 -28.13 -5.25 -16.59
N PRO D 288 -29.02 -6.14 -17.03
CA PRO D 288 -29.01 -7.52 -16.54
C PRO D 288 -27.63 -8.14 -16.61
N LYS D 289 -27.21 -8.75 -15.50
CA LYS D 289 -25.91 -9.40 -15.40
C LYS D 289 -26.04 -10.62 -14.51
N LYS D 290 -25.59 -11.78 -15.01
CA LYS D 290 -25.63 -13.01 -14.24
C LYS D 290 -24.75 -12.88 -13.00
N GLY D 291 -25.39 -12.86 -11.82
CA GLY D 291 -24.71 -12.69 -10.55
C GLY D 291 -25.18 -11.50 -9.75
N GLN D 292 -25.62 -10.42 -10.44
CA GLN D 292 -26.03 -9.21 -9.75
C GLN D 292 -27.46 -9.36 -9.24
N PRO D 293 -27.74 -8.90 -8.01
CA PRO D 293 -29.12 -8.95 -7.50
C PRO D 293 -30.06 -8.13 -8.39
N GLU D 294 -31.31 -8.59 -8.45
CA GLU D 294 -32.34 -7.86 -9.17
C GLU D 294 -32.47 -6.45 -8.60
N ASN D 295 -32.93 -5.52 -9.43
CA ASN D 295 -33.09 -4.12 -9.04
C ASN D 295 -31.77 -3.47 -8.61
N ALA D 296 -30.64 -4.00 -9.10
CA ALA D 296 -29.34 -3.40 -8.82
C ALA D 296 -29.20 -2.04 -9.50
N VAL D 297 -28.69 -1.06 -8.75
CA VAL D 297 -28.52 0.29 -9.27
C VAL D 297 -27.03 0.62 -9.28
N TYR D 298 -26.65 1.49 -10.19
CA TYR D 298 -25.30 2.02 -10.17
C TYR D 298 -25.12 2.84 -8.91
N ASP D 299 -23.89 2.92 -8.44
CA ASP D 299 -23.59 3.65 -7.23
C ASP D 299 -22.30 4.46 -7.42
N PHE D 300 -22.24 5.20 -8.52
CA PHE D 300 -21.03 5.96 -8.82
C PHE D 300 -21.11 7.39 -8.33
N GLU D 301 -22.31 7.98 -8.35
CA GLU D 301 -22.48 9.42 -8.15
CA GLU D 301 -22.46 9.43 -8.16
C GLU D 301 -21.80 9.89 -6.88
N ASP D 302 -22.17 9.32 -5.73
CA ASP D 302 -21.63 9.84 -4.48
C ASP D 302 -20.14 9.64 -4.39
N LYS D 303 -19.64 8.51 -4.91
CA LYS D 303 -18.21 8.20 -4.85
C LYS D 303 -17.40 9.13 -5.75
N ILE D 304 -17.93 9.43 -6.94
CA ILE D 304 -17.19 10.31 -7.83
CA ILE D 304 -17.25 10.32 -7.88
C ILE D 304 -17.23 11.74 -7.33
N ASN D 305 -18.37 12.19 -6.82
CA ASN D 305 -18.41 13.52 -6.23
C ASN D 305 -17.44 13.59 -5.05
N PHE D 306 -17.47 12.58 -4.17
CA PHE D 306 -16.59 12.63 -3.00
C PHE D 306 -15.12 12.63 -3.41
N ALA D 307 -14.76 11.84 -4.44
CA ALA D 307 -13.37 11.81 -4.90
C ALA D 307 -12.91 13.18 -5.38
N VAL D 308 -13.75 13.87 -6.15
CA VAL D 308 -13.40 15.22 -6.57
C VAL D 308 -13.31 16.14 -5.36
N PHE D 309 -14.33 16.11 -4.51
CA PHE D 309 -14.33 16.94 -3.34
C PHE D 309 -15.16 16.26 -2.28
N PRO D 310 -14.65 16.12 -1.04
CA PRO D 310 -13.41 16.67 -0.46
C PRO D 310 -12.10 15.87 -0.61
N SER D 311 -12.10 14.75 -1.33
CA SER D 311 -10.93 13.87 -1.30
CA SER D 311 -10.93 13.87 -1.31
C SER D 311 -9.71 14.54 -1.93
N LEU D 312 -9.86 15.07 -3.13
CA LEU D 312 -8.71 15.49 -3.93
C LEU D 312 -8.63 16.99 -4.19
N GLN D 313 -9.76 17.64 -4.47
CA GLN D 313 -9.72 19.05 -4.83
C GLN D 313 -10.21 19.91 -3.67
N GLY D 314 -10.03 21.21 -3.83
CA GLY D 314 -10.66 22.13 -2.91
C GLY D 314 -11.75 22.92 -3.62
N GLY D 315 -11.64 24.25 -3.60
CA GLY D 315 -12.60 25.07 -4.27
C GLY D 315 -12.66 24.85 -5.77
N PRO D 316 -13.86 24.61 -6.29
CA PRO D 316 -14.05 24.64 -7.74
C PRO D 316 -13.52 25.94 -8.34
N HIS D 317 -13.12 25.88 -9.60
CA HIS D 317 -12.72 27.07 -10.33
C HIS D 317 -13.95 27.50 -11.12
N ASN D 318 -14.74 28.41 -10.54
CA ASN D 318 -16.07 28.65 -11.07
C ASN D 318 -16.01 29.39 -12.40
N HIS D 319 -14.96 30.16 -12.63
CA HIS D 319 -14.79 30.78 -13.93
C HIS D 319 -14.54 29.74 -15.02
N GLN D 320 -13.88 28.62 -14.67
CA GLN D 320 -13.80 27.50 -15.60
C GLN D 320 -15.17 26.86 -15.79
N ILE D 321 -15.92 26.67 -14.70
CA ILE D 321 -17.24 26.05 -14.83
C ILE D 321 -18.13 26.91 -15.72
N GLY D 322 -18.12 28.22 -15.52
CA GLY D 322 -18.91 29.09 -16.36
C GLY D 322 -18.46 29.07 -17.81
N ALA D 323 -17.15 29.10 -18.04
CA ALA D 323 -16.65 29.09 -19.41
C ALA D 323 -16.98 27.78 -20.07
N LEU D 324 -16.92 26.70 -19.30
CA LEU D 324 -17.29 25.38 -19.79
C LEU D 324 -18.74 25.35 -20.20
N ALA D 325 -19.62 25.94 -19.37
CA ALA D 325 -21.04 25.95 -19.70
C ALA D 325 -21.26 26.65 -21.04
N VAL D 326 -20.46 27.69 -21.32
CA VAL D 326 -20.58 28.37 -22.61
C VAL D 326 -20.15 27.42 -23.72
N ALA D 327 -18.99 26.80 -23.55
CA ALA D 327 -18.48 25.93 -24.61
C ALA D 327 -19.43 24.78 -24.87
N LEU D 328 -20.11 24.31 -23.84
CA LEU D 328 -20.99 23.16 -24.01
C LEU D 328 -22.24 23.54 -24.79
N LYS D 329 -22.73 24.76 -24.59
CA LYS D 329 -23.80 25.29 -25.44
C LYS D 329 -23.32 25.44 -26.86
N GLN D 330 -22.11 25.96 -27.05
CA GLN D 330 -21.57 26.08 -28.40
C GLN D 330 -21.38 24.72 -29.07
N ALA D 331 -20.98 23.71 -28.30
CA ALA D 331 -20.77 22.39 -28.86
C ALA D 331 -22.09 21.74 -29.29
N ALA D 332 -23.21 22.16 -28.71
CA ALA D 332 -24.48 21.59 -29.09
C ALA D 332 -25.01 22.10 -30.43
N SER D 333 -24.26 22.95 -31.16
CA SER D 333 -24.89 23.72 -32.24
C SER D 333 -24.70 23.04 -33.58
N PRO D 334 -25.55 23.36 -34.56
CA PRO D 334 -25.34 22.84 -35.92
C PRO D 334 -23.98 23.20 -36.48
N GLY D 335 -23.52 24.41 -36.22
CA GLY D 335 -22.23 24.82 -36.72
C GLY D 335 -21.10 24.03 -36.10
N PHE D 336 -21.25 23.66 -34.82
CA PHE D 336 -20.20 22.85 -34.22
C PHE D 336 -20.19 21.45 -34.82
N LYS D 337 -21.37 20.87 -35.08
CA LYS D 337 -21.42 19.59 -35.77
C LYS D 337 -20.68 19.64 -37.10
N ALA D 338 -20.91 20.70 -37.89
CA ALA D 338 -20.19 20.84 -39.16
C ALA D 338 -18.70 21.06 -38.96
N TYR D 339 -18.32 21.75 -37.88
CA TYR D 339 -16.91 21.85 -37.54
C TYR D 339 -16.30 20.46 -37.31
N ALA D 340 -17.02 19.59 -36.61
CA ALA D 340 -16.45 18.28 -36.27
C ALA D 340 -16.27 17.43 -37.52
N LYS D 341 -17.26 17.45 -38.41
CA LYS D 341 -17.10 16.82 -39.71
C LYS D 341 -15.82 17.30 -40.38
N GLN D 342 -15.62 18.62 -40.41
CA GLN D 342 -14.50 19.21 -41.14
C GLN D 342 -13.16 18.83 -40.54
N VAL D 343 -13.07 18.83 -39.21
CA VAL D 343 -11.89 18.33 -38.52
C VAL D 343 -11.49 16.96 -39.08
N LYS D 344 -12.44 16.03 -39.08
CA LYS D 344 -12.16 14.67 -39.55
C LYS D 344 -11.77 14.68 -41.03
N ALA D 345 -12.49 15.47 -41.84
CA ALA D 345 -12.16 15.57 -43.26
C ALA D 345 -10.80 16.21 -43.45
N ASN D 346 -10.44 17.15 -42.60
CA ASN D 346 -9.13 17.79 -42.76
C ASN D 346 -8.01 16.84 -42.37
N ALA D 347 -8.23 16.03 -41.33
CA ALA D 347 -7.21 15.07 -40.94
C ALA D 347 -7.01 14.03 -42.04
N VAL D 348 -8.11 13.57 -42.63
CA VAL D 348 -8.01 12.60 -43.73
C VAL D 348 -7.24 13.19 -44.90
N ALA D 349 -7.53 14.45 -45.25
CA ALA D 349 -6.89 15.08 -46.40
C ALA D 349 -5.42 15.32 -46.16
N LEU D 350 -5.07 15.77 -44.95
CA LEU D 350 -3.67 15.88 -44.57
C LEU D 350 -2.99 14.51 -44.61
N GLY D 351 -3.64 13.51 -44.01
CA GLY D 351 -3.06 12.18 -43.97
C GLY D 351 -2.77 11.62 -45.34
N ASN D 352 -3.73 11.76 -46.25
CA ASN D 352 -3.56 11.27 -47.62
C ASN D 352 -2.45 12.00 -48.34
N TYR D 353 -2.34 13.32 -48.12
CA TYR D 353 -1.24 14.07 -48.74
C TYR D 353 0.11 13.53 -48.27
N LEU D 354 0.26 13.32 -46.96
CA LEU D 354 1.53 12.85 -46.42
C LEU D 354 1.88 11.47 -46.96
N MET D 355 0.92 10.54 -46.91
CA MET D 355 1.16 9.22 -47.50
C MET D 355 1.51 9.33 -48.97
N GLY D 356 0.85 10.24 -49.70
CA GLY D 356 1.16 10.45 -51.10
C GLY D 356 2.61 10.88 -51.34
N LYS D 357 3.28 11.39 -50.32
CA LYS D 357 4.70 11.66 -50.37
C LYS D 357 5.52 10.48 -49.88
N GLY D 358 4.89 9.35 -49.59
CA GLY D 358 5.58 8.16 -49.13
C GLY D 358 5.84 8.10 -47.64
N TYR D 359 5.33 9.06 -46.86
CA TYR D 359 5.46 9.02 -45.41
C TYR D 359 4.57 7.92 -44.83
N SER D 360 4.97 7.44 -43.66
CA SER D 360 4.27 6.37 -42.97
C SER D 360 3.47 6.94 -41.81
N LEU D 361 2.16 6.72 -41.83
CA LEU D 361 1.29 7.08 -40.72
C LEU D 361 0.90 5.80 -40.00
N VAL D 362 0.94 5.84 -38.67
CA VAL D 362 0.46 4.70 -37.88
C VAL D 362 -0.97 4.38 -38.28
N THR D 363 -1.23 3.09 -38.51
CA THR D 363 -2.45 2.49 -39.07
C THR D 363 -2.72 2.90 -40.51
N GLY D 364 -1.82 3.61 -41.18
CA GLY D 364 -2.04 3.93 -42.57
C GLY D 364 -3.17 4.89 -42.86
N GLY D 365 -3.56 5.72 -41.89
CA GLY D 365 -4.65 6.66 -42.08
C GLY D 365 -5.17 7.14 -40.73
N THR D 366 -6.36 7.74 -40.77
CA THR D 366 -6.99 8.20 -39.54
C THR D 366 -8.50 8.09 -39.66
N GLU D 367 -9.13 7.92 -38.51
CA GLU D 367 -10.57 8.01 -38.36
C GLU D 367 -10.94 9.16 -37.44
N ASN D 368 -9.98 9.95 -36.98
CA ASN D 368 -10.37 11.01 -36.07
C ASN D 368 -9.73 12.34 -36.46
N HIS D 369 -9.28 13.11 -35.48
CA HIS D 369 -8.78 14.46 -35.68
C HIS D 369 -7.28 14.50 -35.92
N LEU D 370 -6.58 13.39 -35.74
CA LEU D 370 -5.13 13.43 -35.72
C LEU D 370 -4.56 12.36 -36.65
N VAL D 371 -3.31 12.57 -37.03
CA VAL D 371 -2.51 11.52 -37.65
C VAL D 371 -1.26 11.39 -36.81
N LEU D 372 -0.79 10.17 -36.66
CA LEU D 372 0.45 9.88 -35.96
C LEU D 372 1.45 9.46 -37.03
N TRP D 373 2.53 10.23 -37.14
CA TRP D 373 3.48 10.13 -38.24
C TRP D 373 4.75 9.47 -37.73
N ASP D 374 5.07 8.28 -38.26
CA ASP D 374 6.27 7.54 -37.87
C ASP D 374 7.45 8.05 -38.69
N LEU D 375 8.41 8.69 -38.02
CA LEU D 375 9.57 9.29 -38.67
C LEU D 375 10.79 8.37 -38.72
N ARG D 376 10.70 7.19 -38.15
CA ARG D 376 11.83 6.28 -38.10
C ARG D 376 12.21 5.78 -39.49
N PRO D 377 11.26 5.42 -40.38
CA PRO D 377 11.67 4.99 -41.74
C PRO D 377 12.53 6.01 -42.46
N LEU D 378 12.54 7.27 -42.04
CA LEU D 378 13.39 8.30 -42.62
C LEU D 378 14.65 8.57 -41.82
N GLY D 379 14.88 7.85 -40.73
CA GLY D 379 16.05 8.10 -39.91
C GLY D 379 15.96 9.36 -39.10
N LEU D 380 14.76 9.69 -38.64
CA LEU D 380 14.50 10.95 -37.97
C LEU D 380 13.82 10.68 -36.63
N THR D 381 14.04 11.57 -35.67
CA THR D 381 13.24 11.55 -34.45
C THR D 381 12.41 12.83 -34.38
N GLY D 382 11.29 12.76 -33.66
CA GLY D 382 10.33 13.84 -33.68
C GLY D 382 10.84 15.15 -33.10
N ASN D 383 11.78 15.09 -32.15
CA ASN D 383 12.32 16.32 -31.59
C ASN D 383 13.00 17.15 -32.66
N LYS D 384 13.63 16.51 -33.65
CA LYS D 384 14.27 17.24 -34.73
C LYS D 384 13.22 17.92 -35.61
N VAL D 385 12.18 17.17 -35.97
CA VAL D 385 11.10 17.73 -36.78
C VAL D 385 10.36 18.82 -36.01
N GLU D 386 10.04 18.57 -34.74
CA GLU D 386 9.34 19.60 -33.96
C GLU D 386 10.19 20.87 -33.82
N LYS D 387 11.49 20.72 -33.56
CA LYS D 387 12.38 21.88 -33.49
C LYS D 387 12.37 22.65 -34.81
N LEU D 388 12.68 21.96 -35.92
CA LEU D 388 12.68 22.63 -37.22
C LEU D 388 11.34 23.30 -37.49
N CYS D 389 10.25 22.52 -37.39
CA CYS D 389 8.92 23.08 -37.62
C CYS D 389 8.70 24.33 -36.79
N ASP D 390 9.03 24.27 -35.49
CA ASP D 390 8.84 25.42 -34.62
C ASP D 390 9.55 26.66 -35.18
N LEU D 391 10.75 26.48 -35.72
CA LEU D 391 11.46 27.61 -36.33
C LEU D 391 10.71 28.16 -37.54
N CYS D 392 9.91 27.32 -38.20
CA CYS D 392 9.14 27.73 -39.36
C CYS D 392 7.73 28.15 -39.00
N ASN D 393 7.44 28.34 -37.72
CA ASN D 393 6.10 28.72 -37.25
C ASN D 393 5.08 27.62 -37.54
N ILE D 394 5.54 26.37 -37.58
CA ILE D 394 4.67 25.20 -37.66
C ILE D 394 4.75 24.49 -36.33
N THR D 395 3.66 24.51 -35.58
CA THR D 395 3.66 24.01 -34.21
C THR D 395 3.11 22.60 -34.18
N VAL D 396 4.00 21.64 -33.89
CA VAL D 396 3.64 20.25 -33.69
C VAL D 396 4.22 19.80 -32.35
N ASN D 397 4.07 18.53 -32.02
CA ASN D 397 4.81 17.98 -30.91
C ASN D 397 5.41 16.65 -31.35
N LYS D 398 6.69 16.44 -31.02
CA LYS D 398 7.26 15.11 -31.07
C LYS D 398 6.36 14.16 -30.30
N ASN D 399 6.37 12.89 -30.69
CA ASN D 399 5.42 11.95 -30.09
C ASN D 399 5.92 10.53 -30.20
N ALA D 400 5.80 9.81 -29.09
CA ALA D 400 6.16 8.40 -29.05
C ALA D 400 5.35 7.62 -30.07
N VAL D 401 6.00 6.64 -30.71
CA VAL D 401 5.30 5.62 -31.48
C VAL D 401 5.66 4.25 -30.91
N PHE D 402 5.02 3.20 -31.43
CA PHE D 402 5.18 1.86 -30.86
C PHE D 402 6.65 1.45 -30.79
N GLY D 403 7.07 0.98 -29.62
CA GLY D 403 8.43 0.56 -29.38
C GLY D 403 9.34 1.61 -28.79
N ASP D 404 8.91 2.88 -28.80
CA ASP D 404 9.74 3.97 -28.29
C ASP D 404 10.04 3.81 -26.80
N SER D 405 11.28 4.16 -26.42
CA SER D 405 11.65 4.32 -25.02
C SER D 405 12.01 5.75 -24.65
N SER D 406 12.47 6.56 -25.61
CA SER D 406 12.90 7.93 -25.35
C SER D 406 11.74 8.89 -25.50
N ALA D 407 11.46 9.66 -24.44
CA ALA D 407 10.57 10.81 -24.55
C ALA D 407 11.27 12.04 -25.12
N LEU D 408 12.59 12.12 -24.98
CA LEU D 408 13.30 13.27 -25.53
C LEU D 408 13.32 13.22 -27.05
N ALA D 409 13.69 12.07 -27.61
CA ALA D 409 13.79 11.85 -29.05
C ALA D 409 12.94 10.66 -29.43
N PRO D 410 11.62 10.83 -29.44
CA PRO D 410 10.71 9.72 -29.79
C PRO D 410 10.72 9.49 -31.29
N GLY D 411 9.98 8.47 -31.72
CA GLY D 411 10.03 8.07 -33.11
C GLY D 411 9.08 8.79 -34.06
N GLY D 412 8.23 9.67 -33.56
CA GLY D 412 7.28 10.29 -34.47
C GLY D 412 6.93 11.73 -34.20
N VAL D 413 5.99 12.21 -35.00
CA VAL D 413 5.35 13.50 -34.76
C VAL D 413 3.85 13.29 -34.83
N ARG D 414 3.12 13.95 -33.93
CA ARG D 414 1.67 13.90 -33.94
C ARG D 414 1.13 15.19 -34.55
N ILE D 415 0.18 15.07 -35.47
CA ILE D 415 -0.40 16.19 -36.20
C ILE D 415 -1.91 16.16 -35.98
N GLY D 416 -2.49 17.31 -35.65
CA GLY D 416 -3.91 17.38 -35.38
C GLY D 416 -4.57 18.51 -36.14
N ALA D 417 -5.84 18.28 -36.49
CA ALA D 417 -6.66 19.20 -37.27
C ALA D 417 -7.58 20.15 -36.47
N PRO D 418 -7.86 19.94 -35.17
CA PRO D 418 -8.81 20.85 -34.49
C PRO D 418 -8.50 22.34 -34.57
N ALA D 419 -7.25 22.76 -34.32
CA ALA D 419 -6.97 24.19 -34.17
C ALA D 419 -7.10 24.94 -35.49
N MET D 420 -6.29 24.58 -36.50
CA MET D 420 -6.46 25.11 -37.85
C MET D 420 -7.90 25.00 -38.38
N THR D 421 -8.56 23.87 -38.18
CA THR D 421 -9.95 23.81 -38.61
C THR D 421 -10.79 24.92 -37.97
N SER D 422 -10.57 25.19 -36.68
CA SER D 422 -11.30 26.28 -36.02
C SER D 422 -11.10 27.63 -36.71
N ARG D 423 -9.93 27.84 -37.34
CA ARG D 423 -9.69 29.04 -38.11
C ARG D 423 -10.32 29.00 -39.51
N GLY D 424 -11.14 28.00 -39.80
CA GLY D 424 -11.88 27.93 -41.05
C GLY D 424 -11.20 27.16 -42.16
N LEU D 425 -10.06 26.52 -41.92
CA LEU D 425 -9.39 25.78 -42.98
C LEU D 425 -10.20 24.57 -43.42
N VAL D 426 -10.18 24.31 -44.72
CA VAL D 426 -10.84 23.15 -45.33
C VAL D 426 -9.79 22.22 -45.95
N GLU D 427 -10.25 21.22 -46.71
CA GLU D 427 -9.36 20.15 -47.13
C GLU D 427 -8.17 20.67 -47.94
N LYS D 428 -8.42 21.56 -48.91
CA LYS D 428 -7.33 22.10 -49.72
C LYS D 428 -6.31 22.84 -48.86
N ASP D 429 -6.77 23.58 -47.86
CA ASP D 429 -5.84 24.25 -46.94
C ASP D 429 -4.99 23.23 -46.19
N PHE D 430 -5.59 22.11 -45.84
CA PHE D 430 -4.80 21.11 -45.11
C PHE D 430 -3.87 20.33 -46.03
N GLU D 431 -4.13 20.35 -47.34
CA GLU D 431 -3.18 19.80 -48.29
C GLU D 431 -1.98 20.72 -48.43
N GLN D 432 -2.21 22.04 -48.38
CA GLN D 432 -1.08 22.96 -48.36
C GLN D 432 -0.29 22.82 -47.06
N ILE D 433 -0.97 22.52 -45.95
CA ILE D 433 -0.27 22.20 -44.71
C ILE D 433 0.57 20.94 -44.89
N GLY D 434 -0.04 19.92 -45.49
CA GLY D 434 0.73 18.74 -45.88
C GLY D 434 1.99 19.09 -46.63
N GLU D 435 1.91 20.03 -47.56
CA GLU D 435 3.09 20.41 -48.34
C GLU D 435 4.10 21.15 -47.49
N PHE D 436 3.65 22.03 -46.59
CA PHE D 436 4.59 22.68 -45.68
C PHE D 436 5.29 21.64 -44.80
N LEU D 437 4.53 20.66 -44.32
CA LEU D 437 5.14 19.57 -43.55
C LEU D 437 6.11 18.77 -44.41
N HIS D 438 5.74 18.47 -45.65
CA HIS D 438 6.65 17.79 -46.56
C HIS D 438 7.94 18.60 -46.74
N ARG D 439 7.81 19.91 -46.93
CA ARG D 439 8.98 20.75 -47.06
C ARG D 439 9.81 20.75 -45.77
N ALA D 440 9.14 20.86 -44.61
CA ALA D 440 9.88 20.90 -43.36
C ALA D 440 10.66 19.60 -43.14
N VAL D 441 10.04 18.45 -43.42
CA VAL D 441 10.74 17.20 -43.17
C VAL D 441 11.87 17.00 -44.17
N THR D 442 11.64 17.31 -45.45
CA THR D 442 12.71 17.28 -46.44
C THR D 442 13.88 18.15 -45.99
N LEU D 443 13.57 19.31 -45.42
CA LEU D 443 14.59 20.21 -44.90
C LEU D 443 15.26 19.63 -43.65
N THR D 444 14.54 18.83 -42.86
CA THR D 444 15.16 18.16 -41.73
C THR D 444 16.10 17.06 -42.20
N LEU D 445 15.70 16.29 -43.20
CA LEU D 445 16.52 15.23 -43.76
C LEU D 445 17.79 15.76 -44.43
N GLU D 446 17.86 17.07 -44.69
CA GLU D 446 19.03 17.71 -45.28
C GLU D 446 19.93 18.34 -44.22
N ILE D 447 19.35 18.98 -43.19
CA ILE D 447 20.15 19.47 -42.08
C ILE D 447 20.88 18.34 -41.36
N GLN D 448 20.41 17.10 -41.53
CA GLN D 448 21.03 15.93 -40.92
C GLN D 448 22.08 15.27 -41.80
N LYS D 449 22.06 15.51 -43.11
CA LYS D 449 23.18 15.09 -43.93
C LYS D 449 24.38 16.02 -43.73
N GLU D 450 24.14 17.33 -43.76
CA GLU D 450 25.23 18.28 -43.56
C GLU D 450 25.83 18.16 -42.16
N HIS D 451 24.99 18.17 -41.13
CA HIS D 451 25.46 18.47 -39.79
C HIS D 451 25.55 17.26 -38.86
N GLY D 452 24.95 16.13 -39.20
CA GLY D 452 25.07 14.95 -38.38
C GLY D 452 23.86 14.74 -37.48
N LYS D 453 23.69 13.49 -37.04
CA LYS D 453 22.52 13.09 -36.28
C LYS D 453 22.54 13.58 -34.84
N LEU D 454 23.71 13.90 -34.29
CA LEU D 454 23.75 14.38 -32.91
C LEU D 454 23.02 15.71 -32.77
N LEU D 455 22.26 15.83 -31.69
CA LEU D 455 21.46 17.03 -31.43
C LEU D 455 22.30 18.29 -31.54
N LYS D 456 23.33 18.42 -30.70
CA LYS D 456 24.19 19.60 -30.73
C LYS D 456 24.79 19.85 -32.10
N ASP D 457 24.93 18.81 -32.93
CA ASP D 457 25.49 18.95 -34.27
C ASP D 457 24.44 19.41 -35.27
N PHE D 458 23.38 18.63 -35.44
CA PHE D 458 22.19 18.99 -36.21
C PHE D 458 21.76 20.42 -35.90
N ASN D 459 21.86 20.81 -34.62
CA ASN D 459 21.36 22.10 -34.15
C ASN D 459 22.06 23.28 -34.81
N LYS D 460 23.28 23.09 -35.32
CA LYS D 460 24.02 24.22 -35.91
C LYS D 460 23.38 24.70 -37.20
N GLY D 461 22.69 23.81 -37.93
CA GLY D 461 22.01 24.16 -39.16
C GLY D 461 20.72 24.92 -39.00
N LEU D 462 20.24 25.06 -37.76
CA LEU D 462 19.04 25.84 -37.46
C LEU D 462 19.32 27.33 -37.33
N VAL D 463 20.54 27.77 -37.64
CA VAL D 463 20.88 29.19 -37.68
C VAL D 463 21.35 29.52 -39.09
N ASN D 464 20.88 30.67 -39.61
CA ASN D 464 21.22 31.14 -40.96
C ASN D 464 20.95 30.07 -42.00
N ASN D 465 19.76 29.47 -41.92
CA ASN D 465 19.30 28.52 -42.94
C ASN D 465 18.34 29.24 -43.87
N LYS D 466 18.73 29.37 -45.14
CA LYS D 466 17.94 30.12 -46.10
C LYS D 466 16.60 29.42 -46.36
N ALA D 467 16.62 28.08 -46.44
CA ALA D 467 15.39 27.35 -46.72
C ALA D 467 14.43 27.43 -45.53
N ILE D 468 14.95 27.31 -44.31
CA ILE D 468 14.12 27.50 -43.13
C ILE D 468 13.48 28.89 -43.14
N GLU D 469 14.28 29.91 -43.49
CA GLU D 469 13.76 31.28 -43.55
C GLU D 469 12.67 31.40 -44.60
N ASP D 470 12.86 30.81 -45.78
CA ASP D 470 11.85 30.88 -46.82
C ASP D 470 10.58 30.14 -46.42
N LEU D 471 10.73 28.94 -45.84
CA LEU D 471 9.56 28.18 -45.40
C LEU D 471 8.78 28.95 -44.34
N LYS D 472 9.48 29.49 -43.34
CA LYS D 472 8.84 30.29 -42.31
C LYS D 472 8.04 31.44 -42.91
N ALA D 473 8.61 32.11 -43.92
CA ALA D 473 7.91 33.21 -44.56
C ALA D 473 6.68 32.72 -45.30
N ASP D 474 6.77 31.56 -45.97
CA ASP D 474 5.61 31.01 -46.67
C ASP D 474 4.51 30.61 -45.69
N VAL D 475 4.89 29.98 -44.57
CA VAL D 475 3.92 29.60 -43.55
C VAL D 475 3.22 30.84 -43.00
N GLU D 476 4.00 31.87 -42.66
CA GLU D 476 3.47 33.15 -42.19
C GLU D 476 2.41 33.70 -43.14
N LYS D 477 2.79 33.87 -44.41
CA LYS D 477 1.88 34.39 -45.42
C LYS D 477 0.62 33.55 -45.49
N PHE D 478 0.77 32.23 -45.41
CA PHE D 478 -0.38 31.34 -45.45
C PHE D 478 -1.29 31.56 -44.25
N SER D 479 -0.72 31.57 -43.04
CA SER D 479 -1.53 31.66 -41.83
C SER D 479 -2.26 32.99 -41.76
N ALA D 480 -1.60 34.08 -42.17
CA ALA D 480 -2.23 35.39 -42.11
C ALA D 480 -3.47 35.50 -42.98
N THR D 481 -3.74 34.53 -43.87
CA THR D 481 -4.93 34.65 -44.69
C THR D 481 -6.19 34.16 -43.99
N PHE D 482 -6.11 33.70 -42.75
CA PHE D 482 -7.25 33.06 -42.12
C PHE D 482 -7.72 33.86 -40.92
N ASP D 483 -9.02 33.75 -40.65
CA ASP D 483 -9.62 34.35 -39.48
C ASP D 483 -9.11 33.69 -38.20
N MET D 484 -9.38 34.35 -37.07
CA MET D 484 -8.95 33.85 -35.77
C MET D 484 -10.00 34.10 -34.71
N PRO D 485 -10.51 33.06 -34.05
CA PRO D 485 -11.45 33.27 -32.95
C PRO D 485 -10.72 33.79 -31.73
N GLY D 486 -11.48 34.33 -30.78
CA GLY D 486 -10.94 34.55 -29.44
C GLY D 486 -10.60 35.99 -29.08
N PHE D 487 -10.92 36.93 -30.00
N PHE D 487 -10.08 36.66 -30.10
CA PHE D 487 -11.07 38.36 -29.72
CA PHE D 487 -9.56 38.02 -30.00
C PHE D 487 -12.47 38.87 -30.11
C PHE D 487 -9.67 38.59 -31.40
N LEU D 488 -12.87 40.03 -29.55
N LEU D 488 -9.96 39.88 -31.46
CA LEU D 488 -14.19 40.62 -29.82
CA LEU D 488 -10.03 40.60 -32.73
C LEU D 488 -14.24 41.36 -31.15
C LEU D 488 -8.60 40.93 -33.17
N VAL D 489 -15.29 41.13 -31.93
N VAL D 489 -8.15 40.33 -34.27
CA VAL D 489 -15.44 41.80 -33.23
CA VAL D 489 -6.83 40.67 -34.76
C VAL D 489 -16.03 43.19 -33.00
C VAL D 489 -6.76 42.11 -35.24
N SER D 490 -15.42 44.19 -33.64
N SER D 490 -7.92 42.71 -35.54
CA SER D 490 -15.72 45.59 -33.35
CA SER D 490 -7.98 44.14 -35.87
C SER D 490 -17.21 45.90 -33.48
C SER D 490 -7.58 45.04 -34.71
N GLU D 491 -17.89 45.32 -34.46
N GLU D 491 -7.51 44.50 -33.49
CA GLU D 491 -19.32 45.63 -34.64
CA GLU D 491 -7.13 45.27 -32.32
C GLU D 491 -20.16 45.14 -33.47
C GLU D 491 -5.87 44.74 -31.65
N MET D 492 -19.78 44.04 -32.83
N MET D 492 -5.24 43.70 -32.19
CA MET D 492 -20.54 43.54 -31.68
CA MET D 492 -4.07 43.11 -31.57
C MET D 492 -20.28 44.34 -30.40
C MET D 492 -2.86 44.01 -31.73
N LYS D 493 -19.62 45.49 -30.49
N LYS D 493 -1.96 43.96 -30.74
CA LYS D 493 -19.40 46.33 -29.32
CA LYS D 493 -0.79 44.84 -30.74
C LYS D 493 -20.67 47.09 -28.88
C LYS D 493 0.06 44.60 -31.99
N TYR D 494 -21.85 46.69 -29.36
N TYR D 494 0.52 43.37 -32.17
CA TYR D 494 -23.09 47.31 -28.96
CA TYR D 494 1.44 43.05 -33.26
C TYR D 494 -23.74 46.61 -27.77
C TYR D 494 0.62 42.52 -34.42
N LYS D 495 -23.60 45.29 -27.68
N LYS D 495 0.25 43.41 -35.32
CA LYS D 495 -24.17 44.54 -26.57
CA LYS D 495 -0.54 43.06 -36.49
C LYS D 495 -23.24 44.56 -25.36
C LYS D 495 0.36 42.63 -37.64
N1 PLG E . 4.45 -13.13 21.74
C2 PLG E . 5.16 -12.79 22.84
C2A PLG E . 4.52 -11.90 23.92
C3 PLG E . 6.45 -13.27 22.98
O3 PLG E . 7.16 -12.91 24.12
C4 PLG E . 7.00 -14.07 22.00
C4A PLG E . 8.42 -14.63 22.09
C5 PLG E . 6.25 -14.39 20.90
C6 PLG E . 4.96 -13.92 20.76
C5A PLG E . 6.81 -15.22 19.76
OP4 PLG E . 7.07 -16.55 20.04
P PLG E . 8.07 -17.25 18.92
OP1 PLG E . 9.51 -16.97 19.27
OP2 PLG E . 7.77 -18.72 19.00
OP3 PLG E . 7.82 -16.74 17.51
C PLG E . 10.95 -13.90 24.61
O PLG E . 12.10 -14.06 25.07
OXT PLG E . 10.15 -13.08 25.16
CA PLG E . 10.45 -14.62 23.38
N PLG E . 9.31 -13.83 22.91
N1 FFO F . 11.70 -8.28 25.42
N1 FFO F . 12.17 -7.90 25.29
C2 FFO F . 10.60 -7.40 24.91
C2 FFO F . 10.92 -7.27 24.75
NA2 FFO F . 10.10 -6.33 25.75
NA2 FFO F . 10.34 -6.16 25.46
N3 FFO F . 10.03 -7.60 23.52
N3 FFO F . 10.29 -7.78 23.47
C4 FFO F . 10.55 -8.69 22.67
C4 FFO F . 10.87 -8.91 22.75
O4 FFO F . 10.08 -8.84 21.57
O4 FFO F . 10.33 -9.27 21.73
C4A FFO F . 11.66 -9.58 23.19
C4A FFO F . 12.14 -9.56 23.27
N5 FFO F . 12.17 -10.62 22.43
N5 FFO F . 12.76 -10.65 22.69
C6 FFO F . 13.64 -11.03 22.84
C6 FFO F . 14.31 -10.70 22.96
C7 FFO F . 13.75 -11.28 24.18
C7 FFO F . 14.52 -10.78 24.31
N8 FFO F . 13.21 -10.13 25.13
N8 FFO F . 13.91 -9.57 25.12
C8A FFO F . 12.21 -9.35 24.59
C8A FFO F . 12.75 -9.02 24.58
C9 FFO F . 14.61 -9.89 22.33
C9 FFO F . 15.00 -9.45 22.29
N10 FFO F . 14.40 -9.80 20.86
N10 FFO F . 14.41 -9.33 20.92
C11 FFO F . 15.69 -6.41 18.63
C11 FFO F . 15.86 -6.19 18.44
C12 FFO F . 15.63 -7.66 18.04
C12 FFO F . 15.69 -7.46 17.92
C13 FFO F . 15.20 -8.77 18.76
C13 FFO F . 15.20 -8.50 18.71
C14 FFO F . 14.86 -8.62 20.09
C14 FFO F . 14.92 -8.24 20.04
C15 FFO F . 14.92 -7.37 20.69
C15 FFO F . 15.10 -6.98 20.57
C16 FFO F . 15.34 -6.25 19.96
C16 FFO F . 15.58 -5.95 19.78
C FFO F . 16.18 -5.20 17.77
C FFO F . 16.41 -5.04 17.55
O FFO F . 15.92 -4.08 18.07
O FFO F . 16.19 -3.91 17.78
N FFO F . 17.01 -5.49 16.61
N FFO F . 17.30 -5.41 16.44
CA FFO F . 17.51 -4.41 15.75
CA FFO F . 17.87 -4.35 15.61
CB FFO F . 18.70 -3.69 16.41
CB FFO F . 19.10 -3.78 16.32
CG FFO F . 19.88 -4.63 16.62
CG FFO F . 20.06 -4.92 16.62
CD FFO F . 20.96 -3.89 17.42
CD FFO F . 21.44 -4.36 16.99
OE1 FFO F . 20.66 -2.84 18.05
OE1 FFO F . 21.64 -3.12 17.01
OE2 FFO F . 22.15 -4.31 17.43
OE2 FFO F . 22.37 -5.16 17.27
CT FFO F . 17.90 -5.04 14.44
CT FFO F . 18.29 -4.97 14.31
O1 FFO F . 17.98 -4.35 13.40
O1 FFO F . 19.12 -4.40 13.56
O2 FFO F . 18.12 -6.28 14.40
O2 FFO F . 17.80 -6.09 13.98
C5A FFO F . 11.41 -11.32 21.41
C5A FFO F . 12.09 -11.75 22.02
O5B FFO F . 11.88 -12.21 20.81
O5B FFO F . 10.92 -11.76 21.86
C1 EDO G . -7.93 6.13 10.29
O1 EDO G . -7.42 5.04 11.06
C2 EDO G . -6.80 7.10 10.10
O2 EDO G . -6.00 6.59 9.05
C1 EDO H . -16.73 -7.46 27.17
O1 EDO H . -15.86 -8.05 26.19
C2 EDO H . -18.00 -8.30 27.22
O2 EDO H . -17.68 -9.62 26.77
N1 PLG I . 7.02 -24.63 -2.06
C2 PLG I . 6.53 -25.61 -2.85
C2A PLG I . 6.98 -25.71 -4.29
C3 PLG I . 5.61 -26.50 -2.29
O3 PLG I . 5.09 -27.52 -3.07
C4 PLG I . 5.24 -26.39 -0.99
C4A PLG I . 4.27 -27.34 -0.30
C5 PLG I . 5.75 -25.41 -0.23
C6 PLG I . 6.65 -24.50 -0.78
C5A PLG I . 5.28 -25.24 1.22
OP4 PLG I . 5.84 -26.07 2.16
P PLG I . 5.12 -26.00 3.60
OP1 PLG I . 6.07 -26.60 4.58
OP2 PLG I . 4.87 -24.55 4.02
OP3 PLG I . 3.79 -26.73 3.49
C PLG I . 2.23 -29.96 -1.64
O PLG I . 1.44 -30.94 -1.44
OXT PLG I . 2.59 -29.59 -2.78
CA PLG I . 2.76 -29.13 -0.48
N PLG I . 3.38 -28.03 -1.18
N1 FFO J . -0.95 -28.17 -6.43
N1 FFO J . -1.11 -28.25 -6.31
C2 FFO J . -0.50 -26.89 -7.04
C2 FFO J . -0.35 -27.08 -6.84
NA2 FFO J . -0.44 -26.74 -8.48
NA2 FFO J . -0.09 -26.91 -8.25
N3 FFO J . -0.11 -25.73 -6.14
N3 FFO J . 0.16 -26.03 -5.87
C4 FFO J . -0.17 -25.86 -4.67
C4 FFO J . -0.08 -26.16 -4.43
O4 FFO J . 0.14 -24.94 -3.99
O4 FFO J . 0.34 -25.30 -3.72
C4A FFO J . -0.63 -27.16 -4.07
C4A FFO J . -0.85 -27.34 -3.90
N5 FFO J . -0.71 -27.38 -2.71
N5 FFO J . -1.09 -27.58 -2.56
C6 FFO J . -1.82 -28.41 -2.30
C6 FFO J . -2.46 -28.32 -2.31
C7 FFO J . -1.50 -29.62 -2.89
C7 FFO J . -2.31 -29.58 -2.88
N8 FFO J . -1.45 -29.54 -4.46
N8 FFO J . -2.08 -29.51 -4.44
C8A FFO J . -1.01 -28.33 -4.99
C8A FFO J . -1.35 -28.41 -4.89
C9 FFO J . -3.24 -27.84 -2.68
C9 FFO J . -3.67 -27.50 -2.87
N10 FFO J . -3.53 -26.69 -1.78
N10 FFO J . -3.59 -26.15 -2.26
C11 FFO J . -6.51 -23.83 -2.75
C11 FFO J . -6.88 -23.58 -2.90
C12 FFO J . -6.05 -23.94 -1.44
C12 FFO J . -6.35 -23.69 -1.63
C13 FFO J . -5.07 -24.88 -1.13
C13 FFO J . -5.25 -24.53 -1.40
C14 FFO J . -4.57 -25.70 -2.11
C14 FFO J . -4.73 -25.24 -2.47
C15 FFO J . -5.03 -25.59 -3.42
C15 FFO J . -5.28 -25.14 -3.74
C16 FFO J . -6.01 -24.66 -3.75
C16 FFO J . -6.37 -24.30 -3.96
C FFO J . -7.60 -22.79 -3.05
C FFO J . -8.11 -22.66 -3.09
O FFO J . -7.61 -22.21 -4.08
O FFO J . -8.40 -22.21 -4.13
N FFO J . -8.63 -22.60 -2.01
N FFO J . -8.92 -22.40 -1.89
CA FFO J . -9.72 -21.64 -2.17
CA FFO J . -10.11 -21.56 -1.94
CB FFO J . -10.98 -22.40 -2.59
CB FFO J . -11.25 -22.39 -2.50
CG FFO J . -11.50 -23.25 -1.43
CG FFO J . -11.68 -23.42 -1.45
CD FFO J . -12.92 -23.76 -1.74
CD FFO J . -12.75 -24.34 -2.04
OE1 FFO J . -13.34 -23.81 -2.93
OE1 FFO J . -12.99 -24.33 -3.28
OE2 FFO J . -13.67 -24.12 -0.80
OE2 FFO J . -13.38 -25.12 -1.28
CT FFO J . -9.91 -21.02 -0.80
CT FFO J . -10.44 -21.18 -0.51
O1 FFO J . -10.71 -20.07 -0.64
O1 FFO J . -11.42 -20.43 -0.27
O2 FFO J . -9.28 -21.49 0.18
O2 FFO J . -9.74 -21.62 0.44
C5A FFO J . 0.18 -26.81 -1.74
C5A FFO J . -0.12 -27.38 -1.53
O5B FFO J . -0.02 -27.13 -0.63
O5B FFO J . 0.92 -26.88 -1.77
C1 EDO K . 5.96 -0.85 -12.67
O1 EDO K . 4.77 -1.23 -11.94
C2 EDO K . 6.65 -2.08 -13.28
O2 EDO K . 7.08 -2.95 -12.24
C1 EDO L . 4.01 -0.21 1.00
O1 EDO L . 4.85 0.28 2.05
C2 EDO L . 4.63 -0.04 -0.37
O2 EDO L . 6.00 -0.47 -0.36
N1 PLG M . -4.22 25.11 2.03
C2 PLG M . -4.91 25.80 2.94
C2A PLG M . -4.25 26.13 4.28
C3 PLG M . -6.21 26.21 2.63
O3 PLG M . -6.91 26.92 3.58
C4 PLG M . -6.78 25.88 1.42
C4A PLG M . -8.18 26.32 0.99
C5 PLG M . -6.05 25.17 0.51
C6 PLG M . -4.76 24.78 0.84
C5A PLG M . -6.60 24.70 -0.84
OP4 PLG M . -6.80 25.63 -1.84
P PLG M . -7.75 25.12 -3.07
OP1 PLG M . -7.49 23.66 -3.39
OP2 PLG M . -9.20 25.26 -2.63
OP3 PLG M . -7.42 26.04 -4.23
C PLG M . -10.78 27.78 2.91
O PLG M . -10.07 27.66 3.95
OXT PLG M . -11.93 28.28 2.96
CA PLG M . -10.23 27.27 1.60
N PLG M . -9.19 26.36 2.01
N1 FFO N . -12.22 24.86 8.08
N1 FFO N . -11.40 25.09 8.10
C2 FFO N . -10.93 24.16 8.38
C2 FFO N . -10.30 24.16 8.49
NA2 FFO N . -10.38 24.15 9.72
NA2 FFO N . -9.78 24.15 9.84
N3 FFO N . -10.21 23.42 7.27
N3 FFO N . -9.73 23.19 7.47
C4 FFO N . -10.72 23.40 5.91
C4 FFO N . -10.26 23.19 6.09
O4 FFO N . -10.11 22.79 5.08
O4 FFO N . -9.81 22.43 5.31
C4A FFO N . -12.02 24.10 5.59
C4A FFO N . -11.37 24.14 5.70
N5 FFO N . -12.58 24.17 4.34
N5 FFO N . -11.88 24.19 4.43
C6 FFO N . -14.15 24.21 4.39
C6 FFO N . -13.38 24.69 4.39
C7 FFO N . -14.45 25.43 4.98
C7 FFO N . -13.47 25.94 4.96
N8 FFO N . -13.94 25.52 6.47
N8 FFO N . -12.95 26.00 6.44
C8A FFO N . -12.75 24.85 6.72
C8A FFO N . -11.93 25.11 6.74
C9 FFO N . -14.72 22.95 5.15
C9 FFO N . -14.28 23.58 5.06
N10 FFO N . -14.15 21.76 4.49
N10 FFO N . -14.20 22.39 4.17
C11 FFO N . -15.70 18.04 5.73
C11 FFO N . -15.45 18.53 5.43
C12 FFO N . -15.53 18.28 4.37
C12 FFO N . -15.32 18.81 4.08
C13 FFO N . -15.01 19.49 3.94
C13 FFO N . -14.91 20.08 3.66
C14 FFO N . -14.69 20.46 4.90
C14 FFO N . -14.63 21.06 4.61
C15 FFO N . -14.87 20.23 6.25
C15 FFO N . -14.75 20.77 5.97
C16 FFO N . -15.39 19.01 6.68
C16 FFO N . -15.18 19.51 6.38
C FFO N . -16.31 16.69 6.17
C FFO N . -15.92 17.13 5.86
O FFO N . -16.12 16.24 7.25
O FFO N . -15.37 16.54 6.71
N FFO N . -17.17 16.02 5.22
N FFO N . -17.07 16.55 5.19
CA FFO N . -17.78 14.73 5.56
CA FFO N . -17.52 15.21 5.55
CB FFO N . -19.08 14.99 6.33
CB FFO N . -18.88 15.28 6.25
CG FFO N . -19.97 15.93 5.51
CG FFO N . -19.93 15.79 5.28
CD FFO N . -21.29 16.10 6.28
CD FFO N . -21.30 15.50 5.86
OE1 FFO N . -21.36 15.76 7.48
OE1 FFO N . -21.45 15.40 7.12
OE2 FFO N . -22.29 16.59 5.69
OE2 FFO N . -22.29 15.34 5.10
CT FFO N . -18.10 14.02 4.26
CT FFO N . -17.63 14.43 4.26
O1 FFO N . -18.81 12.99 4.25
O1 FFO N . -17.67 13.18 4.26
O2 FFO N . -17.64 14.49 3.18
O2 FFO N . -17.67 15.07 3.17
C5A FFO N . -11.84 24.41 3.12
C5A FFO N . -11.12 23.89 3.24
O5B FFO N . -10.65 24.46 3.14
O5B FFO N . -11.64 23.97 2.18
C1 EDO O . 7.45 3.69 11.57
O1 EDO O . 6.20 3.44 10.91
C2 EDO O . 8.26 4.69 10.77
O2 EDO O . 7.61 5.97 10.84
N1 PLG P . -6.59 12.37 -21.28
C2 PLG P . -6.11 12.32 -22.55
C2A PLG P . -6.53 11.18 -23.48
C3 PLG P . -5.21 13.28 -22.96
O3 PLG P . -4.71 13.21 -24.26
C4 PLG P . -4.84 14.29 -22.11
C4A PLG P . -3.88 15.42 -22.49
C5 PLG P . -5.35 14.33 -20.85
C6 PLG P . -6.22 13.35 -20.43
C5A PLG P . -4.90 15.38 -19.85
OP4 PLG P . -5.48 16.64 -19.90
P PLG P . -4.71 17.80 -19.02
OP1 PLG P . -5.64 18.98 -19.04
OP2 PLG P . -3.41 18.12 -19.73
OP3 PLG P . -4.44 17.33 -17.61
C PLG P . -1.83 15.85 -25.40
O PLG P . -2.29 14.76 -25.84
OXT PLG P . -1.04 16.53 -26.10
CA PLG P . -2.28 16.28 -24.01
N PLG P . -2.82 15.06 -23.41
N1 FFO Q . 1.47 10.90 -26.54
N1 FFO Q . 1.16 10.95 -26.73
C2 FFO Q . 0.85 9.78 -25.77
C2 FFO Q . 0.62 9.72 -26.08
NA2 FFO Q . 0.69 8.50 -26.40
NA2 FFO Q . 0.45 8.51 -26.85
N3 FFO Q . 0.42 10.00 -24.34
N3 FFO Q . 0.28 9.73 -24.60
C4 FFO Q . 0.60 11.32 -23.70
C4 FFO Q . 0.46 10.96 -23.81
O4 FFO Q . 0.26 11.43 -22.57
O4 FFO Q . 0.19 10.93 -22.66
C4A FFO Q . 1.24 12.45 -24.47
C4A FFO Q . 1.00 12.21 -24.47
N5 FFO Q . 1.42 13.75 -23.98
N5 FFO Q . 1.18 13.39 -23.77
C6 FFO Q . 2.68 14.47 -24.59
C6 FFO Q . 2.28 14.32 -24.41
C7 FFO Q . 2.43 14.60 -25.93
C7 FFO Q . 2.02 14.58 -25.74
N8 FFO Q . 2.24 13.22 -26.67
N8 FFO Q . 1.83 13.29 -26.62
C8A FFO Q . 1.65 12.21 -25.93
C8A FFO Q . 1.33 12.18 -25.97
C9 FFO Q . 3.98 13.66 -24.24
C9 FFO Q . 3.71 13.67 -24.19
N10 FFO Q . 3.97 13.55 -22.76
N10 FFO Q . 3.96 13.71 -22.73
C11 FFO Q . 7.01 11.41 -20.78
C11 FFO Q . 7.03 11.41 -20.90
C12 FFO Q . 6.56 10.97 -22.01
C12 FFO Q . 6.55 11.04 -22.15
C13 FFO Q . 5.56 11.67 -22.67
C13 FFO Q . 5.54 11.79 -22.76
C14 FFO Q . 5.03 12.81 -22.06
C14 FFO Q . 5.02 12.90 -22.10
C15 FFO Q . 5.47 13.26 -20.82
C15 FFO Q . 5.50 13.28 -20.85
C16 FFO Q . 6.49 12.55 -20.19
C16 FFO Q . 6.51 12.53 -20.25
C FFO Q . 8.15 10.64 -20.08
C FFO Q . 8.16 10.59 -20.23
O FFO Q . 8.28 9.46 -20.19
O FFO Q . 8.27 9.43 -20.45
N FFO Q . 9.07 11.47 -19.31
N FFO Q . 9.11 11.27 -19.34
CA FFO Q . 10.21 10.90 -18.59
CA FFO Q . 10.19 10.50 -18.71
CB FFO Q . 11.44 10.87 -19.50
CB FFO Q . 11.44 10.51 -19.59
CG FFO Q . 12.09 12.26 -19.57
CG FFO Q . 11.95 11.93 -19.85
CD FFO Q . 13.24 12.30 -20.61
CD FFO Q . 13.07 11.86 -20.90
OE1 FFO Q . 13.52 11.28 -21.28
OE1 FFO Q . 13.49 10.74 -21.29
OE2 FFO Q . 13.88 13.37 -20.77
OE2 FFO Q . 13.57 12.92 -21.37
CT FFO Q . 10.41 11.83 -17.42
CT FFO Q . 10.52 11.12 -17.37
O1 FFO Q . 9.72 12.88 -17.35
O1 FFO Q . 9.98 12.20 -17.02
O2 FFO Q . 11.25 11.57 -16.52
O2 FFO Q . 11.33 10.54 -16.61
C5A FFO Q . 0.46 14.44 -23.17
C5A FFO Q . 0.44 13.78 -22.59
O5B FFO Q . -0.52 13.87 -22.81
O5B FFO Q . 0.69 14.81 -22.09
C1 EDO R . -6.05 -9.97 -9.20
O1 EDO R . -6.65 -8.67 -9.22
C2 EDO R . -5.36 -10.16 -7.86
O2 EDO R . -4.19 -9.34 -7.86
#